data_8UME
#
_entry.id   8UME
#
_cell.length_a   1.00
_cell.length_b   1.00
_cell.length_c   1.00
_cell.angle_alpha   90.00
_cell.angle_beta   90.00
_cell.angle_gamma   90.00
#
_symmetry.space_group_name_H-M   'P 1'
#
loop_
_entity.id
_entity.type
_entity.pdbx_description
1 polymer Hemagglutinin
2 polymer 'Fab Heavy chain'
3 polymer 'Fab Light chain'
4 non-polymer 2-acetamido-2-deoxy-beta-D-glucopyranose
#
loop_
_entity_poly.entity_id
_entity_poly.type
_entity_poly.pdbx_seq_one_letter_code
_entity_poly.pdbx_strand_id
1 'polypeptide(L)'
;DQICIGYHANNSTEQVDTIMEKNVTVTHAQDILEKKHNGKLCDLDGVKPLILRDCSVAGWLLGNPMCDEFINVPEWSYIV
EKANPVNDLCFPGDFNDYEELKHLLSRINHFEKIQIIPKSSWSSHEASLGVSSACPYQGKSSFFRNVVWLIKKNSTYPTI
KRSYNNTNQEDLLVLWGIHHPNDAAEQTKLYQNPTTYISVGTSTLNQRLVPRIATRSKVNGQSGRMEFFWTILKPNDAIN
FESNGNFIAPEYAYKIVKKGDSTIMKSELEYGNCNTKCQTPMGAINSSMPFHNIHPLTIGECPKYVKSNRLVLATGLRNS
PQRERGLFGAIAGFIEGGWQGMVDGWYGYHHSNEQGSGYAADKESTQKAIDGVTNKVNSIIDKMNTQFEAVGREFNNLER
RIENLNKKMEDGFLDVWTYNAELLVLMENERTLDFHDSNVKNLYDKVRLQLRDNAKELGNGCFEFYHKCDNECMESVRNG
TYDYPQYSEEARLKREEISGVRSGAGSSGSGRMKQIEDKIEEILSKIYHIENEIARIKKLIGERSGG
;
B,C,A
2 'polypeptide(L)'
;EVQLVESGGGLVKPGGSLRLSCAASGFTFSSYSMNWVRQAPGKGLEWVSSISSSSSYIYYADSVKGRFTISRDNAKNSLY
LQMNSLRAEDTAVYYCARAPAAISYYMDVWGKGTTVTVSGASTKGPSVFPLAPSSKSTSGGTAALGCLVKDYFPEPVTVS
WNSGALTSGVHTFPAVLQSSGLYSLSSVVTVPSSSLGTQTYICNVNHKPSNTKVDKRVEPKSCDKGSS
;
H,D,E
3 'polypeptide(L)'
;DIVMTQSPDSLAVSLGERATINCKSSQSVLYSSNNKNYLAWYQQKPGQPPKLLIYWASTRESGVPDRFSGSGSGTDFTLT
ISSLQAEDVAVYYCQQYYSTPALTFGGGTKVEIKRTVAAPSVFIFPPSDEQLKSGTASVVCLLNNFYPREAKVQWKVDNA
LQSGNSQESVTEQDSKDSTYSLSSTLTLSKADYEKHKVYACEVTHQGLSSPVTKSFNRGEC
;
L,F,G
#
# COMPACT_ATOMS: atom_id res chain seq x y z
N ILE A 5 -21.97 -48.35 -15.89
CA ILE A 5 -20.93 -47.48 -16.45
C ILE A 5 -21.51 -46.10 -16.74
N GLY A 6 -20.82 -45.07 -16.27
CA GLY A 6 -21.25 -43.70 -16.47
C GLY A 6 -20.80 -42.77 -15.36
N TYR A 7 -20.38 -41.56 -15.72
CA TYR A 7 -19.96 -40.59 -14.72
C TYR A 7 -21.17 -40.11 -13.90
N HIS A 8 -20.91 -39.78 -12.65
CA HIS A 8 -21.99 -39.48 -11.70
C HIS A 8 -22.67 -38.16 -12.04
N ALA A 9 -23.98 -38.13 -11.77
CA ALA A 9 -24.80 -36.94 -11.92
C ALA A 9 -25.70 -36.79 -10.70
N ASN A 10 -26.04 -35.55 -10.39
CA ASN A 10 -26.91 -35.25 -9.26
C ASN A 10 -27.60 -33.92 -9.52
N ASN A 11 -28.83 -33.80 -9.02
CA ASN A 11 -29.62 -32.56 -9.13
C ASN A 11 -29.36 -31.63 -7.96
N SER A 12 -28.08 -31.34 -7.71
CA SER A 12 -27.71 -30.53 -6.54
C SER A 12 -28.06 -29.07 -6.76
N THR A 13 -27.84 -28.55 -7.97
CA THR A 13 -28.06 -27.14 -8.31
C THR A 13 -27.23 -26.23 -7.39
N GLU A 14 -25.98 -26.64 -7.15
CA GLU A 14 -24.99 -25.86 -6.39
C GLU A 14 -23.96 -25.38 -7.41
N GLN A 15 -24.19 -24.20 -7.96
CA GLN A 15 -23.37 -23.71 -9.06
C GLN A 15 -22.01 -23.24 -8.57
N VAL A 16 -21.02 -23.32 -9.47
CA VAL A 16 -19.68 -22.78 -9.26
C VAL A 16 -19.39 -21.83 -10.40
N ASP A 17 -18.19 -21.27 -10.43
CA ASP A 17 -17.76 -20.34 -11.47
C ASP A 17 -16.31 -20.60 -11.84
N THR A 18 -16.05 -20.66 -13.14
CA THR A 18 -14.71 -20.75 -13.70
C THR A 18 -14.45 -19.52 -14.55
N ILE A 19 -13.27 -19.43 -15.16
CA ILE A 19 -12.95 -18.26 -15.97
C ILE A 19 -13.75 -18.27 -17.26
N MET A 20 -13.83 -19.43 -17.92
CA MET A 20 -14.53 -19.55 -19.20
C MET A 20 -16.05 -19.67 -19.04
N GLU A 21 -16.55 -19.96 -17.84
CA GLU A 21 -17.99 -20.06 -17.61
C GLU A 21 -18.28 -19.55 -16.21
N LYS A 22 -19.24 -18.63 -16.09
CA LYS A 22 -19.51 -18.00 -14.77
C LYS A 22 -20.56 -18.79 -14.00
N ASN A 23 -21.26 -19.71 -14.64
CA ASN A 23 -22.20 -20.54 -13.85
C ASN A 23 -22.11 -22.00 -14.29
N VAL A 24 -21.64 -22.88 -13.43
CA VAL A 24 -21.51 -24.32 -13.77
C VAL A 24 -22.14 -25.14 -12.66
N THR A 25 -23.21 -25.88 -12.95
CA THR A 25 -23.80 -26.73 -11.94
C THR A 25 -22.81 -27.83 -11.55
N VAL A 26 -22.77 -28.15 -10.25
CA VAL A 26 -21.87 -29.15 -9.71
C VAL A 26 -22.64 -30.02 -8.72
N THR A 27 -22.34 -31.32 -8.74
CA THR A 27 -23.02 -32.27 -7.87
C THR A 27 -22.67 -32.03 -6.40
N HIS A 28 -21.39 -31.85 -6.11
CA HIS A 28 -20.87 -31.67 -4.75
C HIS A 28 -19.94 -30.45 -4.76
N ALA A 29 -20.33 -29.40 -4.04
CA ALA A 29 -19.57 -28.16 -3.97
C ALA A 29 -19.52 -27.68 -2.53
N GLN A 30 -18.34 -27.21 -2.12
CA GLN A 30 -18.08 -26.76 -0.75
C GLN A 30 -17.84 -25.25 -0.76
N ASP A 31 -18.62 -24.53 0.03
CA ASP A 31 -18.38 -23.11 0.25
C ASP A 31 -17.14 -22.95 1.12
N ILE A 32 -16.36 -21.91 0.82
CA ILE A 32 -15.12 -21.60 1.53
C ILE A 32 -15.13 -20.15 2.01
N LEU A 33 -16.31 -19.62 2.33
CA LEU A 33 -16.49 -18.22 2.67
C LEU A 33 -17.60 -18.09 3.69
N GLU A 34 -17.32 -17.35 4.77
CA GLU A 34 -18.29 -17.08 5.82
C GLU A 34 -19.03 -15.78 5.54
N LYS A 35 -20.34 -15.90 5.24
CA LYS A 35 -21.25 -14.78 5.24
C LYS A 35 -21.87 -14.51 6.61
N LYS A 36 -21.69 -15.41 7.58
CA LYS A 36 -22.48 -15.44 8.81
C LYS A 36 -21.63 -14.99 9.98
N HIS A 37 -22.27 -14.38 10.96
CA HIS A 37 -21.62 -13.99 12.20
C HIS A 37 -22.63 -14.00 13.32
N ASN A 38 -22.12 -14.09 14.56
CA ASN A 38 -23.00 -14.16 15.72
C ASN A 38 -23.79 -12.86 15.91
N GLY A 39 -23.27 -11.74 15.45
CA GLY A 39 -23.89 -10.47 15.76
C GLY A 39 -23.85 -10.16 17.24
N LYS A 40 -22.80 -10.61 17.92
CA LYS A 40 -22.64 -10.45 19.36
C LYS A 40 -21.17 -10.18 19.62
N LEU A 41 -20.90 -9.30 20.56
CA LEU A 41 -19.53 -8.92 20.89
C LEU A 41 -18.98 -9.96 21.86
N CYS A 42 -18.02 -10.74 21.40
CA CYS A 42 -17.73 -12.07 21.92
C CYS A 42 -16.33 -12.15 22.48
N ASP A 43 -16.11 -13.14 23.34
CA ASP A 43 -14.79 -13.35 23.93
C ASP A 43 -13.81 -13.77 22.85
N LEU A 44 -12.51 -13.65 23.15
CA LEU A 44 -11.42 -14.03 22.26
C LEU A 44 -10.55 -15.06 22.97
N ASP A 45 -10.88 -16.33 22.79
CA ASP A 45 -10.13 -17.45 23.35
C ASP A 45 -10.10 -17.40 24.88
N GLY A 46 -11.22 -16.96 25.47
CA GLY A 46 -11.42 -16.99 26.90
C GLY A 46 -11.20 -15.67 27.62
N VAL A 47 -10.48 -14.73 27.02
CA VAL A 47 -10.13 -13.47 27.66
C VAL A 47 -11.24 -12.47 27.39
N LYS A 48 -11.78 -11.87 28.45
CA LYS A 48 -12.90 -10.95 28.29
C LYS A 48 -12.40 -9.60 27.76
N PRO A 49 -13.03 -9.00 26.75
CA PRO A 49 -12.54 -7.71 26.25
C PRO A 49 -12.91 -6.55 27.17
N LEU A 50 -12.21 -5.44 26.97
CA LEU A 50 -12.49 -4.19 27.67
C LEU A 50 -13.54 -3.45 26.85
N ILE A 51 -14.80 -3.64 27.24
CA ILE A 51 -15.94 -3.07 26.53
C ILE A 51 -16.22 -1.72 27.17
N LEU A 52 -15.80 -0.66 26.49
CA LEU A 52 -16.07 0.71 26.93
C LEU A 52 -17.55 0.98 26.67
N ARG A 53 -18.37 0.76 27.70
CA ARG A 53 -19.81 0.96 27.57
C ARG A 53 -20.15 2.43 27.43
N ASP A 54 -20.29 2.90 26.20
CA ASP A 54 -20.57 4.30 25.89
C ASP A 54 -19.50 5.20 26.53
N CYS A 55 -18.27 4.96 26.13
CA CYS A 55 -17.11 5.64 26.70
C CYS A 55 -15.96 5.54 25.70
N SER A 56 -14.97 6.40 25.90
CA SER A 56 -13.84 6.57 24.99
C SER A 56 -12.55 6.16 25.67
N VAL A 57 -11.50 6.00 24.85
CA VAL A 57 -10.18 5.68 25.38
C VAL A 57 -9.66 6.81 26.24
N ALA A 58 -9.83 8.06 25.77
CA ALA A 58 -9.44 9.21 26.59
C ALA A 58 -10.29 9.30 27.85
N GLY A 59 -11.58 8.98 27.73
CA GLY A 59 -12.44 8.99 28.90
C GLY A 59 -12.05 7.93 29.92
N TRP A 60 -11.72 6.73 29.45
CA TRP A 60 -11.29 5.68 30.36
C TRP A 60 -9.92 6.02 30.96
N LEU A 61 -8.97 6.43 30.13
CA LEU A 61 -7.62 6.66 30.62
C LEU A 61 -7.57 7.87 31.53
N LEU A 62 -8.22 8.97 31.15
CA LEU A 62 -8.32 10.11 32.04
C LEU A 62 -9.29 9.85 33.19
N GLY A 63 -10.23 8.91 33.04
CA GLY A 63 -11.15 8.57 34.11
C GLY A 63 -12.36 9.48 34.16
N ASN A 64 -13.13 9.50 33.08
CA ASN A 64 -14.30 10.35 32.98
C ASN A 64 -15.32 9.92 34.03
N PRO A 65 -15.88 10.84 34.84
CA PRO A 65 -16.85 10.38 35.85
C PRO A 65 -18.14 9.86 35.26
N MET A 66 -18.55 10.39 34.10
CA MET A 66 -19.76 9.89 33.46
C MET A 66 -19.58 8.47 32.93
N CYS A 67 -18.35 8.03 32.68
CA CYS A 67 -18.07 6.67 32.25
C CYS A 67 -18.16 5.71 33.43
N ASP A 68 -18.01 4.42 33.14
CA ASP A 68 -17.95 3.37 34.15
C ASP A 68 -16.72 3.62 35.04
N GLU A 69 -16.78 3.11 36.27
CA GLU A 69 -15.74 3.37 37.26
C GLU A 69 -14.40 2.78 36.84
N PHE A 70 -14.40 1.54 36.33
CA PHE A 70 -13.21 0.84 35.83
C PHE A 70 -12.14 0.74 36.93
N ILE A 71 -12.53 0.11 38.03
CA ILE A 71 -11.66 -0.09 39.19
C ILE A 71 -11.03 -1.48 39.07
N ASN A 72 -9.69 -1.53 39.09
CA ASN A 72 -8.93 -2.77 38.99
C ASN A 72 -9.27 -3.52 37.70
N VAL A 73 -8.99 -2.87 36.58
CA VAL A 73 -9.43 -3.39 35.28
C VAL A 73 -8.62 -4.65 34.95
N PRO A 74 -9.25 -5.82 34.68
CA PRO A 74 -8.42 -7.00 34.37
C PRO A 74 -7.81 -6.97 32.98
N GLU A 75 -7.20 -8.09 32.60
CA GLU A 75 -6.67 -8.25 31.25
C GLU A 75 -7.78 -8.11 30.22
N TRP A 76 -7.39 -7.76 28.99
CA TRP A 76 -8.32 -7.68 27.87
C TRP A 76 -7.63 -8.15 26.60
N SER A 77 -8.39 -8.86 25.77
CA SER A 77 -7.90 -9.24 24.45
C SER A 77 -7.97 -8.06 23.48
N TYR A 78 -9.03 -7.26 23.58
CA TYR A 78 -9.22 -6.13 22.69
C TYR A 78 -10.15 -5.14 23.38
N ILE A 79 -9.97 -3.87 23.04
CA ILE A 79 -10.81 -2.77 23.52
C ILE A 79 -11.90 -2.55 22.49
N VAL A 80 -13.11 -2.25 22.96
CA VAL A 80 -14.24 -1.92 22.11
C VAL A 80 -14.66 -0.50 22.44
N GLU A 81 -14.48 0.39 21.48
CA GLU A 81 -14.94 1.76 21.52
C GLU A 81 -16.03 1.93 20.48
N LYS A 82 -16.99 2.80 20.76
CA LYS A 82 -18.01 3.12 19.78
C LYS A 82 -17.46 4.15 18.79
N ALA A 83 -18.15 4.29 17.66
CA ALA A 83 -17.70 5.23 16.64
C ALA A 83 -17.78 6.67 17.12
N ASN A 84 -18.84 7.01 17.85
CA ASN A 84 -19.04 8.31 18.46
C ASN A 84 -19.35 8.02 19.93
N PRO A 85 -18.34 7.86 20.78
CA PRO A 85 -18.64 7.65 22.21
C PRO A 85 -19.24 8.91 22.82
N VAL A 86 -20.43 8.75 23.40
CA VAL A 86 -21.14 9.89 23.96
C VAL A 86 -20.39 10.50 25.14
N ASN A 87 -19.72 9.68 25.95
CA ASN A 87 -18.96 10.12 27.11
C ASN A 87 -17.52 10.26 26.64
N ASP A 88 -17.25 11.32 25.90
CA ASP A 88 -15.91 11.68 25.47
C ASP A 88 -15.23 12.43 26.62
N LEU A 89 -14.17 13.20 26.34
CA LEU A 89 -13.66 14.15 27.32
C LEU A 89 -14.79 15.06 27.78
N CYS A 90 -15.18 14.94 29.05
CA CYS A 90 -16.36 15.63 29.55
C CYS A 90 -16.14 17.14 29.58
N PHE A 91 -15.14 17.58 30.33
CA PHE A 91 -14.64 18.92 30.16
C PHE A 91 -14.06 19.01 28.74
N PRO A 92 -14.49 19.94 27.89
CA PRO A 92 -14.06 19.89 26.49
C PRO A 92 -12.58 20.18 26.32
N GLY A 93 -12.05 19.71 25.21
CA GLY A 93 -10.66 19.92 24.89
C GLY A 93 -10.13 18.82 24.01
N ASP A 94 -8.89 19.00 23.57
CA ASP A 94 -8.19 18.02 22.77
C ASP A 94 -7.53 16.98 23.69
N PHE A 95 -6.97 15.96 23.06
CA PHE A 95 -6.11 14.98 23.71
C PHE A 95 -4.90 14.84 22.79
N ASN A 96 -3.76 15.37 23.22
CA ASN A 96 -2.62 15.50 22.33
C ASN A 96 -2.04 14.14 21.98
N ASP A 97 -1.94 13.86 20.68
CA ASP A 97 -1.51 12.57 20.15
C ASP A 97 -2.39 11.45 20.71
N TYR A 98 -3.71 11.65 20.58
CA TYR A 98 -4.66 10.64 21.03
C TYR A 98 -4.50 9.35 20.25
N GLU A 99 -4.33 9.46 18.94
CA GLU A 99 -4.34 8.30 18.08
C GLU A 99 -3.04 7.51 18.20
N GLU A 100 -1.94 8.18 18.48
CA GLU A 100 -0.69 7.46 18.74
C GLU A 100 -0.80 6.62 20.00
N LEU A 101 -1.46 7.16 21.03
CA LEU A 101 -1.72 6.38 22.24
C LEU A 101 -2.65 5.22 21.92
N LYS A 102 -3.64 5.44 21.07
CA LYS A 102 -4.57 4.37 20.73
C LYS A 102 -3.87 3.28 19.93
N HIS A 103 -2.99 3.66 19.00
CA HIS A 103 -2.17 2.65 18.33
C HIS A 103 -1.24 1.96 19.31
N LEU A 104 -0.62 2.73 20.20
CA LEU A 104 0.23 2.13 21.23
C LEU A 104 -0.59 1.30 22.20
N LEU A 105 -1.84 1.69 22.44
CA LEU A 105 -2.74 0.90 23.27
C LEU A 105 -3.21 -0.37 22.57
N SER A 106 -3.12 -0.41 21.23
CA SER A 106 -3.45 -1.63 20.49
C SER A 106 -2.39 -2.72 20.63
N ARG A 107 -1.19 -2.40 21.15
CA ARG A 107 -0.11 -3.35 21.34
C ARG A 107 -0.01 -3.86 22.77
N ILE A 108 -1.03 -3.62 23.62
CA ILE A 108 -1.03 -4.06 25.01
C ILE A 108 -2.36 -4.75 25.31
N ASN A 109 -2.36 -5.48 26.43
CA ASN A 109 -3.50 -6.26 26.88
C ASN A 109 -3.86 -6.05 28.35
N HIS A 110 -3.06 -5.29 29.10
CA HIS A 110 -3.30 -5.12 30.53
C HIS A 110 -2.60 -3.87 31.02
N PHE A 111 -3.25 -3.17 31.95
CA PHE A 111 -2.67 -2.08 32.71
C PHE A 111 -2.69 -2.42 34.19
N GLU A 112 -1.89 -1.72 34.96
CA GLU A 112 -1.99 -1.68 36.42
C GLU A 112 -2.00 -0.22 36.84
N LYS A 113 -3.09 0.22 37.43
CA LYS A 113 -3.20 1.61 37.86
C LYS A 113 -2.35 1.83 39.11
N ILE A 114 -1.36 2.71 38.98
CA ILE A 114 -0.40 3.02 40.03
C ILE A 114 -0.52 4.51 40.30
N GLN A 115 -0.29 4.90 41.55
CA GLN A 115 -0.57 6.26 42.00
C GLN A 115 0.71 7.10 42.00
N ILE A 116 0.81 8.05 41.06
CA ILE A 116 2.04 8.85 40.92
C ILE A 116 2.17 9.80 42.10
N ILE A 117 1.25 10.75 42.19
CA ILE A 117 1.24 11.81 43.19
C ILE A 117 -0.07 11.66 43.96
N PRO A 118 -0.07 11.52 45.29
CA PRO A 118 -1.36 11.55 46.00
C PRO A 118 -2.04 12.90 45.91
N LYS A 119 -3.38 12.86 45.97
CA LYS A 119 -4.14 14.08 46.16
C LYS A 119 -3.81 14.75 47.50
N SER A 120 -3.51 13.94 48.52
CA SER A 120 -3.15 14.50 49.83
C SER A 120 -1.83 15.27 49.78
N SER A 121 -0.95 14.97 48.84
CA SER A 121 0.36 15.61 48.80
C SER A 121 0.31 17.05 48.31
N TRP A 122 -0.82 17.50 47.75
CA TRP A 122 -0.96 18.90 47.35
C TRP A 122 -1.28 19.73 48.58
N SER A 123 -0.24 19.96 49.39
CA SER A 123 -0.41 20.71 50.63
C SER A 123 -0.55 22.22 50.40
N SER A 124 -0.19 22.72 49.21
CA SER A 124 -0.23 24.14 48.89
C SER A 124 -1.21 24.51 47.77
N HIS A 125 -1.92 23.54 47.17
CA HIS A 125 -2.92 23.79 46.15
C HIS A 125 -4.15 22.96 46.46
N GLU A 126 -5.33 23.46 46.07
CA GLU A 126 -6.58 22.79 46.41
C GLU A 126 -6.87 21.74 45.34
N ALA A 127 -6.73 20.47 45.71
CA ALA A 127 -7.03 19.38 44.80
C ALA A 127 -8.53 19.12 44.65
N SER A 128 -9.32 19.44 45.69
CA SER A 128 -10.72 19.05 45.72
C SER A 128 -11.64 20.01 44.97
N LEU A 129 -11.36 21.31 44.99
CA LEU A 129 -12.22 22.28 44.30
C LEU A 129 -12.01 22.32 42.79
N GLY A 130 -11.06 21.56 42.25
CA GLY A 130 -10.93 21.48 40.80
C GLY A 130 -12.00 20.64 40.16
N VAL A 131 -13.24 21.13 40.18
CA VAL A 131 -14.42 20.42 39.71
C VAL A 131 -15.09 21.24 38.63
N SER A 132 -15.98 20.59 37.87
CA SER A 132 -16.69 21.22 36.78
C SER A 132 -18.07 20.59 36.65
N SER A 133 -19.08 21.42 36.37
CA SER A 133 -20.42 20.92 36.14
C SER A 133 -20.55 20.13 34.84
N ALA A 134 -19.60 20.28 33.92
CA ALA A 134 -19.58 19.46 32.71
C ALA A 134 -19.17 18.01 32.96
N CYS A 135 -18.70 17.67 34.17
CA CYS A 135 -18.24 16.32 34.53
C CYS A 135 -18.89 15.91 35.85
N PRO A 136 -20.20 15.69 35.87
CA PRO A 136 -20.87 15.40 37.14
C PRO A 136 -20.76 13.93 37.52
N TYR A 137 -20.20 13.67 38.69
CA TYR A 137 -20.06 12.31 39.25
C TYR A 137 -21.18 12.10 40.27
N GLN A 138 -22.14 11.24 39.92
CA GLN A 138 -23.28 10.91 40.78
C GLN A 138 -24.07 12.16 41.15
N GLY A 139 -24.33 13.02 40.16
CA GLY A 139 -25.09 14.23 40.35
C GLY A 139 -24.28 15.43 40.79
N LYS A 140 -23.28 15.25 41.64
CA LYS A 140 -22.45 16.33 42.13
C LYS A 140 -21.40 16.69 41.09
N SER A 141 -21.08 17.98 41.02
CA SER A 141 -20.02 18.45 40.13
C SER A 141 -18.69 17.80 40.49
N SER A 142 -17.97 17.32 39.49
CA SER A 142 -16.76 16.54 39.70
C SER A 142 -15.83 16.76 38.51
N PHE A 143 -14.82 15.89 38.37
CA PHE A 143 -13.78 16.02 37.37
C PHE A 143 -13.31 14.61 37.03
N PHE A 144 -12.49 14.50 35.99
CA PHE A 144 -11.70 13.31 35.71
C PHE A 144 -11.04 12.76 36.97
N ARG A 145 -11.21 11.47 37.21
CA ARG A 145 -10.73 10.87 38.46
C ARG A 145 -9.21 10.70 38.47
N ASN A 146 -8.62 10.28 37.36
CA ASN A 146 -7.21 9.93 37.34
C ASN A 146 -6.26 11.11 37.21
N VAL A 147 -6.76 12.32 36.98
CA VAL A 147 -5.95 13.53 36.87
C VAL A 147 -6.63 14.64 37.66
N VAL A 148 -5.82 15.38 38.43
CA VAL A 148 -6.30 16.35 39.41
C VAL A 148 -6.17 17.73 38.82
N TRP A 149 -7.29 18.41 38.64
CA TRP A 149 -7.30 19.85 38.39
C TRP A 149 -6.94 20.55 39.69
N LEU A 150 -5.85 21.30 39.69
CA LEU A 150 -5.40 22.03 40.85
C LEU A 150 -5.91 23.46 40.77
N ILE A 151 -6.23 24.03 41.93
CA ILE A 151 -6.67 25.41 42.07
C ILE A 151 -5.88 25.99 43.23
N LYS A 152 -5.61 27.29 43.17
CA LYS A 152 -4.83 27.98 44.19
C LYS A 152 -5.49 27.89 45.56
N LYS A 153 -4.65 27.80 46.59
CA LYS A 153 -5.14 27.82 47.97
C LYS A 153 -4.76 29.19 48.51
N ASN A 154 -5.71 29.91 49.09
CA ASN A 154 -5.39 31.21 49.71
C ASN A 154 -4.79 32.15 48.67
N SER A 155 -5.48 32.38 47.56
CA SER A 155 -5.04 33.38 46.57
C SER A 155 -3.53 33.29 46.29
N THR A 156 -2.96 32.09 46.23
CA THR A 156 -1.55 31.87 45.89
C THR A 156 -1.41 30.47 45.30
N TYR A 157 -0.64 30.39 44.21
CA TYR A 157 -0.41 29.14 43.47
C TYR A 157 1.10 28.93 43.37
N PRO A 158 1.75 28.32 44.37
CA PRO A 158 3.19 28.09 44.27
C PRO A 158 3.54 27.12 43.16
N THR A 159 4.78 27.21 42.71
CA THR A 159 5.23 26.38 41.60
C THR A 159 5.31 24.92 42.05
N ILE A 160 4.90 24.02 41.15
CA ILE A 160 4.67 22.61 41.48
C ILE A 160 5.93 21.85 41.08
N LYS A 161 6.89 21.77 42.00
CA LYS A 161 8.11 20.98 41.82
C LYS A 161 7.80 19.54 42.21
N ARG A 162 7.47 18.70 41.22
CA ARG A 162 7.13 17.30 41.44
C ARG A 162 7.89 16.41 40.47
N SER A 163 8.39 15.29 40.97
CA SER A 163 9.18 14.34 40.21
C SER A 163 8.84 12.92 40.64
N TYR A 164 8.78 12.03 39.66
CA TYR A 164 8.38 10.62 39.92
C TYR A 164 9.25 9.67 39.12
N ASN A 165 10.03 8.84 39.81
CA ASN A 165 10.81 7.80 39.09
C ASN A 165 9.85 6.66 38.75
N ASN A 166 10.08 5.99 37.64
CA ASN A 166 9.33 4.77 37.32
C ASN A 166 10.11 3.67 38.01
N THR A 167 10.13 3.68 39.34
CA THR A 167 10.85 2.65 40.14
C THR A 167 10.38 1.27 39.73
N ASN A 168 9.24 1.18 39.07
CA ASN A 168 8.64 -0.13 38.69
C ASN A 168 9.39 -0.70 37.49
N GLN A 169 9.70 -1.99 37.51
CA GLN A 169 10.48 -2.55 36.40
C GLN A 169 9.76 -2.44 35.08
N GLU A 170 8.44 -2.33 35.07
CA GLU A 170 7.64 -2.27 33.85
C GLU A 170 7.43 -0.81 33.42
N ASP A 171 7.02 -0.65 32.18
CA ASP A 171 6.85 0.66 31.59
C ASP A 171 5.65 1.36 32.23
N LEU A 172 5.45 2.65 31.89
CA LEU A 172 4.45 3.46 32.55
C LEU A 172 3.95 4.56 31.63
N LEU A 173 2.63 4.78 31.66
CA LEU A 173 1.98 5.94 31.03
C LEU A 173 1.72 6.97 32.11
N VAL A 174 2.03 8.23 31.82
CA VAL A 174 1.84 9.35 32.73
C VAL A 174 0.98 10.38 32.00
N LEU A 175 -0.21 10.64 32.54
CA LEU A 175 -1.20 11.52 31.93
C LEU A 175 -1.32 12.81 32.74
N TRP A 176 -1.35 13.94 32.03
CA TRP A 176 -1.64 15.23 32.62
C TRP A 176 -2.32 16.09 31.56
N GLY A 177 -2.54 17.36 31.90
CA GLY A 177 -3.12 18.27 30.93
C GLY A 177 -2.89 19.71 31.32
N ILE A 178 -3.27 20.59 30.39
CA ILE A 178 -3.24 22.03 30.55
C ILE A 178 -4.65 22.58 30.39
N HIS A 179 -5.05 23.45 31.31
CA HIS A 179 -6.29 24.20 31.20
C HIS A 179 -6.09 25.42 30.32
N HIS A 180 -7.13 25.77 29.55
CA HIS A 180 -7.15 26.92 28.66
C HIS A 180 -8.35 27.78 29.05
N PRO A 181 -8.22 28.68 30.03
CA PRO A 181 -9.39 29.44 30.47
C PRO A 181 -9.82 30.46 29.44
N ASN A 182 -11.07 30.91 29.61
CA ASN A 182 -11.71 31.78 28.62
C ASN A 182 -11.02 33.14 28.56
N ASP A 183 -10.66 33.69 29.72
CA ASP A 183 -10.15 35.05 29.83
C ASP A 183 -9.18 35.14 30.99
N ALA A 184 -8.53 36.30 31.10
CA ALA A 184 -7.61 36.54 32.21
C ALA A 184 -8.34 36.55 33.55
N ALA A 185 -9.61 36.94 33.55
CA ALA A 185 -10.40 36.87 34.78
C ALA A 185 -10.54 35.43 35.26
N GLU A 186 -10.84 34.52 34.34
CA GLU A 186 -10.94 33.11 34.71
C GLU A 186 -9.58 32.54 35.10
N GLN A 187 -8.51 33.03 34.48
CA GLN A 187 -7.16 32.66 34.92
C GLN A 187 -6.93 33.11 36.36
N THR A 188 -7.20 34.38 36.64
CA THR A 188 -6.99 34.93 37.98
C THR A 188 -7.92 34.28 39.00
N LYS A 189 -9.13 33.89 38.58
CA LYS A 189 -10.06 33.24 39.49
C LYS A 189 -9.54 31.91 40.00
N LEU A 190 -8.79 31.18 39.16
CA LEU A 190 -8.27 29.86 39.48
C LEU A 190 -6.80 29.90 39.88
N TYR A 191 -6.01 30.75 39.20
CA TYR A 191 -4.55 30.78 39.34
C TYR A 191 -4.12 32.23 39.45
N GLN A 192 -3.53 32.59 40.59
CA GLN A 192 -3.19 33.99 40.84
C GLN A 192 -2.12 34.53 39.89
N ASN A 193 -1.34 33.66 39.25
CA ASN A 193 -0.29 34.09 38.34
C ASN A 193 -0.90 34.33 36.96
N PRO A 194 -0.76 35.55 36.35
CA PRO A 194 -1.39 35.74 35.03
C PRO A 194 -0.72 34.92 33.92
N THR A 195 0.61 35.00 33.83
CA THR A 195 1.39 34.25 32.85
C THR A 195 1.88 32.97 33.51
N THR A 196 1.51 31.82 32.92
CA THR A 196 1.69 30.51 33.52
C THR A 196 2.24 29.54 32.49
N TYR A 197 2.72 28.39 32.97
CA TYR A 197 3.38 27.41 32.13
C TYR A 197 3.31 26.05 32.77
N ILE A 198 3.61 25.01 31.98
CA ILE A 198 3.80 23.65 32.46
C ILE A 198 5.02 23.11 31.72
N SER A 199 6.18 23.13 32.39
CA SER A 199 7.43 22.65 31.83
C SER A 199 7.67 21.23 32.35
N VAL A 200 7.26 20.24 31.57
CA VAL A 200 7.42 18.83 31.88
C VAL A 200 8.68 18.33 31.17
N GLY A 201 9.34 17.34 31.76
CA GLY A 201 10.55 16.79 31.18
C GLY A 201 10.89 15.40 31.67
N THR A 202 11.32 14.55 30.74
CA THR A 202 11.78 13.18 31.01
C THR A 202 13.12 12.99 30.34
N SER A 203 13.60 11.74 30.28
CA SER A 203 14.81 11.45 29.53
C SER A 203 14.63 11.75 28.04
N THR A 204 13.41 11.55 27.52
CA THR A 204 13.08 11.73 26.11
C THR A 204 11.88 12.66 25.92
N LEU A 205 11.78 13.70 26.75
CA LEU A 205 10.71 14.68 26.66
C LEU A 205 11.23 16.05 27.08
N ASN A 206 10.77 17.07 26.37
CA ASN A 206 11.05 18.46 26.69
C ASN A 206 9.89 19.26 26.12
N GLN A 207 9.04 19.81 26.99
CA GLN A 207 7.93 20.62 26.54
C GLN A 207 7.52 21.61 27.61
N ARG A 208 7.35 22.87 27.21
CA ARG A 208 6.73 23.91 28.02
C ARG A 208 5.42 24.27 27.34
N LEU A 209 4.40 24.56 28.15
CA LEU A 209 3.03 24.71 27.66
C LEU A 209 2.40 25.91 28.35
N VAL A 210 2.42 27.06 27.67
CA VAL A 210 1.68 28.23 28.13
C VAL A 210 0.21 27.99 27.82
N PRO A 211 -0.75 28.46 28.63
CA PRO A 211 -2.16 28.28 28.26
C PRO A 211 -2.60 29.30 27.23
N ARG A 212 -3.24 28.82 26.17
CA ARG A 212 -3.78 29.66 25.11
C ARG A 212 -5.16 30.15 25.54
N ILE A 213 -5.19 31.33 26.15
CA ILE A 213 -6.45 31.96 26.53
C ILE A 213 -7.11 32.49 25.27
N ALA A 214 -8.36 32.12 25.05
CA ALA A 214 -9.11 32.60 23.89
C ALA A 214 -10.59 32.42 24.16
N THR A 215 -11.39 33.34 23.63
CA THR A 215 -12.83 33.19 23.68
C THR A 215 -13.22 32.06 22.74
N ARG A 216 -14.05 31.13 23.23
CA ARG A 216 -14.39 29.91 22.52
C ARG A 216 -15.86 29.59 22.72
N SER A 217 -16.37 28.72 21.84
CA SER A 217 -17.75 28.30 21.92
C SER A 217 -17.96 27.33 23.07
N LYS A 218 -19.20 27.28 23.56
CA LYS A 218 -19.55 26.39 24.65
C LYS A 218 -19.65 24.95 24.13
N VAL A 219 -18.98 24.03 24.82
CA VAL A 219 -19.13 22.60 24.60
C VAL A 219 -19.33 21.95 25.96
N ASN A 220 -20.41 21.18 26.10
CA ASN A 220 -20.86 20.65 27.39
C ASN A 220 -21.07 21.77 28.41
N GLY A 221 -21.60 22.91 27.94
CA GLY A 221 -21.88 24.02 28.81
C GLY A 221 -20.69 24.80 29.31
N GLN A 222 -19.49 24.52 28.81
CA GLN A 222 -18.25 25.15 29.26
C GLN A 222 -17.39 25.43 28.04
N SER A 223 -16.90 26.68 27.95
CA SER A 223 -16.13 27.14 26.80
C SER A 223 -14.62 27.05 27.00
N GLY A 224 -14.14 27.00 28.25
CA GLY A 224 -12.74 26.72 28.48
C GLY A 224 -12.40 25.29 28.06
N ARG A 225 -11.21 25.13 27.51
CA ARG A 225 -10.72 23.86 26.98
C ARG A 225 -9.71 23.24 27.95
N MET A 226 -9.36 21.99 27.66
CA MET A 226 -8.41 21.25 28.49
C MET A 226 -7.71 20.21 27.60
N GLU A 227 -6.47 20.51 27.22
CA GLU A 227 -5.69 19.67 26.31
C GLU A 227 -4.81 18.74 27.14
N PHE A 228 -5.06 17.44 27.02
CA PHE A 228 -4.39 16.42 27.81
C PHE A 228 -3.21 15.84 27.02
N PHE A 229 -2.24 15.28 27.77
CA PHE A 229 -1.00 14.77 27.24
C PHE A 229 -0.70 13.41 27.85
N TRP A 230 0.21 12.67 27.22
CA TRP A 230 0.62 11.36 27.67
C TRP A 230 2.09 11.17 27.31
N THR A 231 2.80 10.40 28.13
CA THR A 231 4.20 10.06 27.87
C THR A 231 4.49 8.67 28.39
N ILE A 232 5.34 7.95 27.66
CA ILE A 232 5.82 6.63 28.06
C ILE A 232 7.07 6.84 28.90
N LEU A 233 6.93 6.64 30.22
CA LEU A 233 8.03 6.77 31.17
C LEU A 233 8.71 5.42 31.31
N LYS A 234 9.93 5.31 30.79
CA LYS A 234 10.65 4.05 30.83
C LYS A 234 11.02 3.71 32.28
N PRO A 235 11.35 2.46 32.58
CA PRO A 235 11.83 2.13 33.93
C PRO A 235 13.12 2.87 34.26
N ASN A 236 13.25 3.26 35.52
CA ASN A 236 14.39 4.04 36.01
C ASN A 236 14.52 5.36 35.26
N ASP A 237 13.37 6.02 35.03
CA ASP A 237 13.30 7.30 34.34
C ASP A 237 12.26 8.17 35.04
N ALA A 238 12.64 9.41 35.36
CA ALA A 238 11.78 10.33 36.10
C ALA A 238 11.15 11.36 35.18
N ILE A 239 9.93 11.75 35.52
CA ILE A 239 9.19 12.81 34.84
C ILE A 239 9.01 13.94 35.84
N ASN A 240 9.53 15.12 35.49
CA ASN A 240 9.64 16.26 36.39
C ASN A 240 8.66 17.33 35.94
N PHE A 241 7.55 17.47 36.68
CA PHE A 241 6.57 18.50 36.41
C PHE A 241 6.97 19.80 37.11
N GLU A 242 6.74 20.91 36.42
CA GLU A 242 7.13 22.22 36.91
C GLU A 242 6.15 23.22 36.30
N SER A 243 5.12 23.58 37.08
CA SER A 243 4.09 24.52 36.64
C SER A 243 3.75 25.47 37.77
N ASN A 244 3.37 26.69 37.39
CA ASN A 244 2.79 27.68 38.28
C ASN A 244 1.37 28.05 37.84
N GLY A 245 0.66 27.11 37.21
CA GLY A 245 -0.70 27.35 36.80
C GLY A 245 -1.19 26.39 35.73
N ASN A 246 -2.51 26.20 35.67
CA ASN A 246 -3.21 25.43 34.66
C ASN A 246 -2.86 23.94 34.68
N PHE A 247 -2.26 23.43 35.76
CA PHE A 247 -1.72 22.08 35.78
C PHE A 247 -2.80 21.10 36.20
N ILE A 248 -3.29 20.33 35.24
CA ILE A 248 -4.18 19.19 35.52
C ILE A 248 -3.24 18.03 35.84
N ALA A 249 -2.93 17.90 37.13
CA ALA A 249 -1.82 17.07 37.55
C ALA A 249 -2.13 15.59 37.37
N PRO A 250 -1.11 14.73 37.29
CA PRO A 250 -1.38 13.29 37.38
C PRO A 250 -1.67 12.88 38.81
N GLU A 251 -2.71 12.06 38.98
CA GLU A 251 -3.00 11.36 40.22
C GLU A 251 -2.73 9.87 40.11
N TYR A 252 -2.89 9.29 38.92
CA TYR A 252 -2.65 7.88 38.67
C TYR A 252 -1.86 7.71 37.37
N ALA A 253 -0.93 6.78 37.40
CA ALA A 253 -0.21 6.27 36.25
C ALA A 253 -0.95 5.06 35.70
N TYR A 254 -0.41 4.47 34.63
CA TYR A 254 -0.95 3.26 34.03
C TYR A 254 0.24 2.38 33.65
N LYS A 255 0.56 1.42 34.52
CA LYS A 255 1.72 0.56 34.35
C LYS A 255 1.42 -0.55 33.35
N ILE A 256 2.20 -0.62 32.29
CA ILE A 256 1.98 -1.59 31.22
C ILE A 256 2.49 -2.94 31.70
N VAL A 257 1.58 -3.88 31.93
CA VAL A 257 1.93 -5.16 32.55
C VAL A 257 2.43 -6.11 31.48
N LYS A 258 1.56 -6.45 30.51
CA LYS A 258 1.90 -7.35 29.41
C LYS A 258 1.62 -6.65 28.09
N LYS A 259 2.63 -6.62 27.22
CA LYS A 259 2.49 -6.13 25.86
C LYS A 259 2.23 -7.33 24.96
N GLY A 260 1.06 -7.33 24.30
CA GLY A 260 0.63 -8.41 23.45
C GLY A 260 -0.14 -7.89 22.25
N ASP A 261 -0.95 -8.78 21.69
CA ASP A 261 -1.76 -8.49 20.51
C ASP A 261 -3.14 -8.01 20.94
N SER A 262 -3.56 -6.87 20.41
CA SER A 262 -4.85 -6.29 20.75
C SER A 262 -5.25 -5.34 19.64
N THR A 263 -6.46 -4.77 19.77
CA THR A 263 -6.94 -3.78 18.83
C THR A 263 -8.10 -3.04 19.47
N ILE A 264 -8.32 -1.81 19.01
CA ILE A 264 -9.43 -0.98 19.46
C ILE A 264 -10.53 -1.11 18.41
N MET A 265 -11.47 -2.01 18.65
CA MET A 265 -12.56 -2.24 17.71
C MET A 265 -13.55 -1.08 17.75
N LYS A 266 -13.86 -0.55 16.57
CA LYS A 266 -14.91 0.46 16.40
C LYS A 266 -16.24 -0.26 16.20
N SER A 267 -16.70 -0.90 17.27
CA SER A 267 -17.89 -1.75 17.27
C SER A 267 -18.94 -1.18 18.21
N GLU A 268 -20.18 -1.10 17.73
CA GLU A 268 -21.31 -0.61 18.52
C GLU A 268 -22.05 -1.70 19.27
N LEU A 269 -21.70 -2.97 19.08
CA LEU A 269 -22.49 -4.05 19.64
C LEU A 269 -22.18 -4.22 21.13
N GLU A 270 -23.08 -4.94 21.81
CA GLU A 270 -22.99 -5.23 23.23
C GLU A 270 -22.51 -6.66 23.43
N TYR A 271 -22.11 -6.95 24.67
CA TYR A 271 -21.52 -8.25 24.98
C TYR A 271 -22.54 -9.37 24.86
N GLY A 272 -22.07 -10.50 24.35
CA GLY A 272 -22.80 -11.76 24.45
C GLY A 272 -21.90 -12.79 25.09
N ASN A 273 -22.48 -13.67 25.90
CA ASN A 273 -21.69 -14.69 26.57
C ASN A 273 -21.22 -15.71 25.52
N CYS A 274 -20.03 -15.48 24.99
CA CYS A 274 -19.47 -16.23 23.87
C CYS A 274 -18.11 -16.79 24.25
N ASN A 275 -17.58 -17.62 23.35
CA ASN A 275 -16.15 -17.82 23.23
C ASN A 275 -15.85 -18.17 21.78
N THR A 276 -14.92 -17.44 21.18
CA THR A 276 -14.63 -17.58 19.75
C THR A 276 -13.14 -17.35 19.52
N LYS A 277 -12.57 -18.10 18.58
CA LYS A 277 -11.19 -17.86 18.18
C LYS A 277 -11.05 -16.49 17.53
N CYS A 278 -12.01 -16.12 16.68
CA CYS A 278 -12.00 -14.88 15.92
C CYS A 278 -13.08 -13.94 16.43
N GLN A 279 -12.87 -12.66 16.18
CA GLN A 279 -13.86 -11.64 16.47
C GLN A 279 -13.76 -10.57 15.38
N THR A 280 -14.90 -9.96 15.10
CA THR A 280 -15.09 -8.96 14.08
C THR A 280 -15.92 -7.84 14.71
N PRO A 281 -15.84 -6.60 14.21
CA PRO A 281 -16.73 -5.56 14.78
C PRO A 281 -18.21 -5.85 14.62
N MET A 282 -18.59 -6.53 13.54
CA MET A 282 -19.98 -6.94 13.34
C MET A 282 -20.32 -8.28 13.99
N GLY A 283 -19.34 -9.04 14.48
CA GLY A 283 -19.63 -10.29 15.16
C GLY A 283 -18.44 -11.22 15.31
N ALA A 284 -18.69 -12.52 15.26
CA ALA A 284 -17.69 -13.55 15.48
C ALA A 284 -17.88 -14.68 14.48
N ILE A 285 -16.79 -15.38 14.17
CA ILE A 285 -16.77 -16.48 13.22
C ILE A 285 -16.40 -17.75 13.95
N ASN A 286 -17.07 -18.85 13.59
CA ASN A 286 -16.94 -20.15 14.25
C ASN A 286 -16.81 -21.27 13.22
N SER A 287 -15.90 -21.09 12.25
CA SER A 287 -15.62 -22.10 11.25
C SER A 287 -14.18 -22.00 10.78
N SER A 288 -13.69 -23.10 10.22
CA SER A 288 -12.31 -23.23 9.80
C SER A 288 -12.06 -22.86 8.35
N MET A 289 -13.10 -22.51 7.59
CA MET A 289 -12.89 -22.16 6.19
C MET A 289 -12.13 -20.83 6.09
N PRO A 290 -11.34 -20.64 5.02
CA PRO A 290 -10.29 -19.61 5.06
C PRO A 290 -10.72 -18.18 4.80
N PHE A 291 -11.93 -17.92 4.30
CA PHE A 291 -12.37 -16.59 3.91
C PHE A 291 -13.63 -16.18 4.67
N HIS A 292 -13.78 -14.87 4.80
CA HIS A 292 -15.00 -14.27 5.29
C HIS A 292 -15.11 -12.89 4.66
N ASN A 293 -16.33 -12.35 4.63
CA ASN A 293 -16.63 -11.06 4.00
C ASN A 293 -17.48 -10.21 4.93
N ILE A 294 -17.10 -10.18 6.21
CA ILE A 294 -17.89 -9.50 7.24
C ILE A 294 -17.33 -8.11 7.46
N HIS A 295 -16.08 -8.01 7.90
CA HIS A 295 -15.42 -6.71 8.09
C HIS A 295 -13.95 -7.01 8.28
N PRO A 296 -13.02 -6.29 7.63
CA PRO A 296 -11.64 -6.79 7.60
C PRO A 296 -10.89 -6.67 8.91
N LEU A 297 -11.30 -5.78 9.83
CA LEU A 297 -10.52 -5.48 11.03
C LEU A 297 -10.86 -6.48 12.13
N THR A 298 -10.43 -7.72 11.91
CA THR A 298 -10.65 -8.82 12.83
C THR A 298 -9.45 -8.98 13.76
N ILE A 299 -9.63 -9.81 14.80
CA ILE A 299 -8.56 -10.19 15.72
C ILE A 299 -8.72 -11.66 16.07
N GLY A 300 -7.58 -12.32 16.28
CA GLY A 300 -7.54 -13.74 16.61
C GLY A 300 -7.29 -14.60 15.39
N GLU A 301 -7.13 -15.90 15.65
CA GLU A 301 -6.95 -16.88 14.59
C GLU A 301 -8.26 -16.96 13.83
N CYS A 302 -8.30 -16.34 12.65
CA CYS A 302 -9.52 -15.99 11.95
C CYS A 302 -9.38 -16.28 10.48
N PRO A 303 -10.49 -16.47 9.73
CA PRO A 303 -10.38 -16.39 8.28
C PRO A 303 -9.92 -15.02 7.83
N LYS A 304 -9.31 -15.00 6.65
CA LYS A 304 -8.65 -13.82 6.12
C LYS A 304 -9.58 -13.15 5.11
N TYR A 305 -9.78 -11.85 5.27
CA TYR A 305 -10.91 -11.16 4.64
C TYR A 305 -10.76 -11.10 3.12
N VAL A 306 -11.86 -11.38 2.42
CA VAL A 306 -12.01 -11.07 1.01
C VAL A 306 -13.40 -10.48 0.83
N LYS A 307 -13.48 -9.37 0.09
CA LYS A 307 -14.76 -8.69 -0.14
C LYS A 307 -15.44 -9.27 -1.39
N SER A 308 -15.83 -10.53 -1.25
CA SER A 308 -16.60 -11.26 -2.25
C SER A 308 -17.86 -11.80 -1.60
N ASN A 309 -18.98 -11.67 -2.30
CA ASN A 309 -20.25 -12.15 -1.80
C ASN A 309 -20.49 -13.63 -2.06
N ARG A 310 -19.66 -14.29 -2.85
CA ARG A 310 -19.96 -15.63 -3.35
C ARG A 310 -18.66 -16.27 -3.76
N LEU A 311 -18.26 -17.35 -3.07
CA LEU A 311 -16.95 -17.95 -3.30
C LEU A 311 -17.04 -19.43 -2.90
N VAL A 312 -17.14 -20.29 -3.90
CA VAL A 312 -17.44 -21.71 -3.75
C VAL A 312 -16.45 -22.52 -4.56
N LEU A 313 -15.95 -23.61 -3.98
CA LEU A 313 -15.12 -24.56 -4.68
C LEU A 313 -15.98 -25.58 -5.42
N ALA A 314 -15.40 -26.14 -6.48
CA ALA A 314 -15.98 -27.25 -7.23
C ALA A 314 -15.30 -28.53 -6.75
N THR A 315 -16.04 -29.38 -6.05
CA THR A 315 -15.56 -30.69 -5.60
C THR A 315 -16.36 -31.81 -6.26
N GLY A 316 -16.88 -31.58 -7.47
CA GLY A 316 -17.75 -32.51 -8.15
C GLY A 316 -17.71 -32.28 -9.64
N LEU A 317 -18.51 -33.05 -10.36
CA LEU A 317 -18.45 -33.07 -11.81
C LEU A 317 -19.29 -31.91 -12.37
N ARG A 318 -19.31 -31.79 -13.70
CA ARG A 318 -19.96 -30.66 -14.36
C ARG A 318 -21.48 -30.72 -14.33
N ASN A 319 -22.09 -31.82 -13.87
CA ASN A 319 -23.54 -31.95 -13.87
C ASN A 319 -24.00 -32.90 -12.77
N GLY A 329 -15.67 -39.43 -24.32
CA GLY A 329 -16.75 -38.45 -24.32
C GLY A 329 -17.77 -38.70 -23.23
N ALA A 330 -18.31 -37.61 -22.68
CA ALA A 330 -19.33 -37.73 -21.64
C ALA A 330 -20.58 -38.40 -22.17
N ILE A 331 -21.09 -37.91 -23.30
CA ILE A 331 -22.20 -38.51 -24.02
C ILE A 331 -21.71 -38.70 -25.45
N ALA A 332 -21.02 -39.81 -25.70
CA ALA A 332 -20.55 -40.13 -27.05
C ALA A 332 -20.33 -41.64 -27.11
N GLY A 333 -21.27 -42.35 -27.74
CA GLY A 333 -21.04 -43.74 -28.07
C GLY A 333 -21.24 -44.74 -26.96
N PHE A 334 -20.11 -45.24 -26.41
CA PHE A 334 -20.16 -46.40 -25.52
C PHE A 334 -20.87 -46.09 -24.21
N ILE A 335 -20.54 -44.96 -23.59
CA ILE A 335 -21.12 -44.62 -22.30
C ILE A 335 -22.56 -44.13 -22.51
N GLU A 336 -23.47 -44.60 -21.66
CA GLU A 336 -24.87 -44.22 -21.79
C GLU A 336 -25.07 -42.73 -21.55
N GLY A 337 -24.43 -42.20 -20.52
CA GLY A 337 -24.52 -40.80 -20.15
C GLY A 337 -24.40 -40.64 -18.65
N GLY A 338 -24.80 -39.47 -18.16
CA GLY A 338 -24.78 -39.19 -16.74
C GLY A 338 -25.93 -39.86 -16.01
N TRP A 339 -25.86 -41.18 -15.89
CA TRP A 339 -26.95 -41.97 -15.33
C TRP A 339 -27.03 -41.73 -13.84
N GLN A 340 -28.13 -41.12 -13.39
CA GLN A 340 -28.27 -40.76 -11.98
C GLN A 340 -28.44 -41.97 -11.06
N GLY A 341 -28.76 -43.15 -11.61
CA GLY A 341 -29.04 -44.30 -10.77
C GLY A 341 -27.83 -44.78 -9.98
N MET A 342 -26.65 -44.80 -10.60
CA MET A 342 -25.45 -45.19 -9.88
C MET A 342 -25.09 -44.14 -8.85
N VAL A 343 -24.68 -44.61 -7.67
CA VAL A 343 -24.42 -43.76 -6.50
C VAL A 343 -22.96 -43.91 -6.09
N ASP A 344 -22.54 -45.14 -5.84
CA ASP A 344 -21.16 -45.39 -5.40
C ASP A 344 -20.19 -45.06 -6.52
N GLY A 345 -19.16 -44.29 -6.18
CA GLY A 345 -18.17 -43.87 -7.16
C GLY A 345 -18.63 -42.68 -7.99
N TRP A 346 -17.69 -41.78 -8.29
CA TRP A 346 -17.99 -40.57 -9.05
C TRP A 346 -17.89 -40.77 -10.56
N TYR A 347 -17.04 -41.67 -11.03
CA TYR A 347 -16.68 -41.77 -12.45
C TYR A 347 -17.10 -43.08 -13.09
N GLY A 348 -16.72 -44.22 -12.51
CA GLY A 348 -17.05 -45.52 -13.05
C GLY A 348 -17.37 -46.58 -12.01
N ALA A 361 -17.79 -46.17 -10.82
CA ALA A 361 -18.16 -47.09 -9.73
C ALA A 361 -16.99 -48.00 -9.35
N ASP A 362 -15.78 -47.46 -9.42
CA ASP A 362 -14.54 -48.19 -9.19
C ASP A 362 -13.76 -47.50 -8.08
N LYS A 363 -13.32 -48.28 -7.09
CA LYS A 363 -12.65 -47.71 -5.93
C LYS A 363 -11.23 -47.22 -6.23
N GLU A 364 -10.63 -47.65 -7.34
CA GLU A 364 -9.28 -47.20 -7.66
C GLU A 364 -9.26 -45.71 -7.99
N SER A 365 -10.16 -45.27 -8.86
CA SER A 365 -10.21 -43.89 -9.31
C SER A 365 -11.07 -42.99 -8.44
N THR A 366 -12.10 -43.56 -7.78
CA THR A 366 -13.12 -42.74 -7.14
C THR A 366 -12.77 -42.43 -5.69
N GLN A 367 -12.25 -43.41 -4.95
CA GLN A 367 -11.96 -43.19 -3.53
C GLN A 367 -10.84 -42.19 -3.33
N LYS A 368 -9.88 -42.15 -4.26
CA LYS A 368 -8.82 -41.14 -4.18
C LYS A 368 -9.36 -39.75 -4.46
N ALA A 369 -10.40 -39.64 -5.29
CA ALA A 369 -10.94 -38.32 -5.63
C ALA A 369 -11.59 -37.66 -4.42
N ILE A 370 -12.38 -38.40 -3.64
CA ILE A 370 -12.99 -37.84 -2.45
C ILE A 370 -11.94 -37.50 -1.40
N ASP A 371 -10.82 -38.23 -1.38
CA ASP A 371 -9.74 -37.92 -0.43
C ASP A 371 -9.12 -36.55 -0.73
N GLY A 372 -9.06 -36.16 -2.00
CA GLY A 372 -8.52 -34.86 -2.36
C GLY A 372 -9.43 -33.68 -2.07
N VAL A 373 -10.70 -33.92 -1.70
CA VAL A 373 -11.61 -32.82 -1.38
C VAL A 373 -11.12 -32.08 -0.14
N THR A 374 -10.71 -32.82 0.89
CA THR A 374 -10.20 -32.18 2.10
C THR A 374 -8.86 -31.48 1.84
N ASN A 375 -8.05 -32.01 0.93
CA ASN A 375 -6.79 -31.36 0.60
C ASN A 375 -7.00 -30.06 -0.16
N LYS A 376 -8.03 -30.01 -1.01
CA LYS A 376 -8.23 -28.84 -1.87
C LYS A 376 -8.60 -27.61 -1.05
N VAL A 377 -9.53 -27.75 -0.10
CA VAL A 377 -9.85 -26.65 0.78
C VAL A 377 -8.66 -26.35 1.70
N ASN A 378 -7.91 -27.37 2.09
CA ASN A 378 -6.73 -27.15 2.92
C ASN A 378 -5.63 -26.43 2.16
N SER A 379 -5.55 -26.64 0.84
CA SER A 379 -4.51 -25.99 0.05
C SER A 379 -4.70 -24.47 0.03
N ILE A 380 -5.94 -24.01 -0.08
CA ILE A 380 -6.19 -22.57 -0.07
C ILE A 380 -5.87 -21.98 1.30
N ILE A 381 -6.11 -22.76 2.36
CA ILE A 381 -5.70 -22.32 3.69
C ILE A 381 -4.19 -22.16 3.75
N ASP A 382 -3.47 -23.12 3.17
CA ASP A 382 -2.01 -23.06 3.19
C ASP A 382 -1.49 -22.04 2.18
N LYS A 383 -2.15 -21.92 1.02
CA LYS A 383 -1.63 -21.07 -0.04
C LYS A 383 -1.89 -19.60 0.23
N MET A 384 -3.14 -19.25 0.55
CA MET A 384 -3.52 -17.88 0.90
C MET A 384 -3.51 -17.67 2.41
N ASN A 385 -2.41 -18.08 3.06
CA ASN A 385 -2.09 -17.64 4.41
C ASN A 385 -1.23 -16.37 4.44
N THR A 386 -0.77 -15.89 3.28
CA THR A 386 0.07 -14.72 3.15
C THR A 386 -0.77 -13.43 3.00
N GLN A 387 -2.09 -13.52 3.19
CA GLN A 387 -3.00 -12.40 2.96
C GLN A 387 -2.69 -11.20 3.86
N PHE A 388 -3.11 -10.03 3.38
CA PHE A 388 -2.85 -8.78 4.08
C PHE A 388 -3.75 -8.70 5.31
N GLU A 389 -3.15 -8.74 6.49
CA GLU A 389 -3.88 -8.62 7.73
C GLU A 389 -4.22 -7.15 7.97
N ALA A 390 -5.50 -6.81 7.84
CA ALA A 390 -5.93 -5.44 8.07
C ALA A 390 -5.73 -5.05 9.53
N VAL A 391 -5.17 -3.87 9.74
CA VAL A 391 -4.80 -3.36 11.06
C VAL A 391 -5.60 -2.08 11.30
N GLY A 392 -6.13 -1.94 12.51
CA GLY A 392 -6.94 -0.79 12.85
C GLY A 392 -6.11 0.41 13.25
N ARG A 393 -5.98 1.36 12.34
CA ARG A 393 -5.31 2.63 12.56
C ARG A 393 -6.34 3.75 12.50
N GLU A 394 -6.15 4.76 13.35
CA GLU A 394 -7.08 5.87 13.49
C GLU A 394 -6.29 7.16 13.38
N PHE A 395 -6.89 8.18 12.76
CA PHE A 395 -6.26 9.47 12.54
C PHE A 395 -7.28 10.57 12.77
N ASN A 396 -6.80 11.74 13.17
CA ASN A 396 -7.66 12.84 13.60
C ASN A 396 -8.02 13.72 12.41
N ASN A 397 -8.75 14.80 12.68
CA ASN A 397 -9.38 15.59 11.63
C ASN A 397 -8.39 16.38 10.78
N LEU A 398 -7.16 16.59 11.27
CA LEU A 398 -6.11 17.27 10.52
C LEU A 398 -5.13 16.30 9.84
N GLU A 399 -5.46 15.00 9.80
CA GLU A 399 -4.69 13.96 9.13
C GLU A 399 -5.60 13.17 8.19
N ARG A 400 -6.39 13.89 7.41
CA ARG A 400 -7.31 13.24 6.47
C ARG A 400 -6.56 12.61 5.30
N ARG A 401 -5.45 13.20 4.87
CA ARG A 401 -4.66 12.62 3.78
C ARG A 401 -4.11 11.26 4.17
N ILE A 402 -3.58 11.15 5.39
CA ILE A 402 -2.99 9.88 5.81
C ILE A 402 -4.08 8.83 6.00
N GLU A 403 -5.25 9.26 6.50
CA GLU A 403 -6.36 8.33 6.67
C GLU A 403 -6.86 7.83 5.32
N ASN A 404 -7.01 8.73 4.35
CA ASN A 404 -7.36 8.31 3.00
C ASN A 404 -6.25 7.45 2.39
N LEU A 405 -5.00 7.78 2.71
CA LEU A 405 -3.89 6.93 2.30
C LEU A 405 -3.99 5.57 2.97
N ASN A 406 -4.35 5.54 4.25
CA ASN A 406 -4.52 4.27 4.95
C ASN A 406 -5.74 3.51 4.41
N LYS A 407 -6.84 4.22 4.17
CA LYS A 407 -8.08 3.56 3.75
C LYS A 407 -7.90 2.95 2.36
N LYS A 408 -7.28 3.68 1.44
CA LYS A 408 -7.06 3.14 0.10
C LYS A 408 -5.98 2.06 0.12
N MET A 409 -5.01 2.16 1.03
CA MET A 409 -4.06 1.07 1.21
C MET A 409 -4.73 -0.16 1.81
N GLU A 410 -5.60 0.05 2.81
CA GLU A 410 -6.34 -1.06 3.38
C GLU A 410 -7.30 -1.66 2.36
N ASP A 411 -8.08 -0.82 1.69
CA ASP A 411 -8.99 -1.31 0.66
C ASP A 411 -8.24 -1.87 -0.53
N GLY A 412 -7.11 -1.24 -0.90
CA GLY A 412 -6.38 -1.68 -2.08
C GLY A 412 -5.81 -3.07 -1.95
N PHE A 413 -5.26 -3.40 -0.77
CA PHE A 413 -4.73 -4.74 -0.58
C PHE A 413 -5.85 -5.77 -0.53
N LEU A 414 -6.97 -5.43 0.11
CA LEU A 414 -8.11 -6.34 0.11
C LEU A 414 -8.70 -6.47 -1.28
N ASP A 415 -8.63 -5.42 -2.09
CA ASP A 415 -8.96 -5.53 -3.51
C ASP A 415 -8.00 -6.46 -4.24
N VAL A 416 -6.71 -6.41 -3.90
CA VAL A 416 -5.76 -7.30 -4.54
C VAL A 416 -6.00 -8.74 -4.11
N TRP A 417 -6.19 -8.96 -2.81
CA TRP A 417 -6.25 -10.32 -2.31
C TRP A 417 -7.60 -10.98 -2.57
N THR A 418 -8.68 -10.20 -2.64
CA THR A 418 -9.95 -10.80 -3.05
C THR A 418 -9.92 -11.17 -4.53
N TYR A 419 -9.17 -10.43 -5.34
CA TYR A 419 -8.97 -10.83 -6.74
C TYR A 419 -8.16 -12.12 -6.80
N ASN A 420 -7.14 -12.25 -5.96
CA ASN A 420 -6.33 -13.46 -5.94
C ASN A 420 -7.15 -14.65 -5.44
N ALA A 421 -8.03 -14.41 -4.46
CA ALA A 421 -8.91 -15.48 -3.99
C ALA A 421 -9.90 -15.89 -5.08
N GLU A 422 -10.51 -14.92 -5.77
CA GLU A 422 -11.43 -15.25 -6.85
C GLU A 422 -10.69 -15.91 -8.00
N LEU A 423 -9.52 -15.38 -8.37
CA LEU A 423 -8.75 -15.98 -9.46
C LEU A 423 -8.28 -17.39 -9.09
N LEU A 424 -7.86 -17.58 -7.84
CA LEU A 424 -7.42 -18.91 -7.42
C LEU A 424 -8.58 -19.90 -7.40
N VAL A 425 -9.74 -19.47 -6.92
CA VAL A 425 -10.89 -20.37 -6.89
C VAL A 425 -11.40 -20.64 -8.30
N LEU A 426 -11.41 -19.61 -9.15
CA LEU A 426 -11.83 -19.80 -10.54
C LEU A 426 -10.88 -20.73 -11.27
N MET A 427 -9.58 -20.58 -11.02
CA MET A 427 -8.59 -21.50 -11.59
C MET A 427 -8.77 -22.91 -11.05
N GLU A 428 -8.90 -23.05 -9.72
CA GLU A 428 -9.04 -24.37 -9.13
C GLU A 428 -10.35 -25.03 -9.53
N ASN A 429 -11.41 -24.24 -9.71
CA ASN A 429 -12.65 -24.77 -10.25
C ASN A 429 -12.48 -25.19 -11.71
N GLU A 430 -11.65 -24.48 -12.46
CA GLU A 430 -11.40 -24.84 -13.85
C GLU A 430 -10.57 -26.12 -13.93
N ARG A 431 -9.52 -26.22 -13.11
CA ARG A 431 -8.67 -27.40 -13.13
C ARG A 431 -9.43 -28.63 -12.63
N THR A 432 -10.21 -28.49 -11.56
CA THR A 432 -10.82 -29.66 -10.95
C THR A 432 -11.95 -30.23 -11.81
N LEU A 433 -12.67 -29.38 -12.53
CA LEU A 433 -13.63 -29.89 -13.52
C LEU A 433 -12.90 -30.46 -14.73
N ASP A 434 -11.77 -29.87 -15.11
CA ASP A 434 -10.91 -30.49 -16.12
C ASP A 434 -10.31 -31.79 -15.60
N PHE A 435 -9.97 -31.84 -14.32
CA PHE A 435 -9.51 -33.09 -13.72
C PHE A 435 -10.59 -34.15 -13.77
N HIS A 436 -11.83 -33.76 -13.49
CA HIS A 436 -12.95 -34.68 -13.61
C HIS A 436 -13.28 -34.96 -15.06
N ASP A 437 -13.17 -33.97 -15.94
CA ASP A 437 -13.40 -34.20 -17.35
C ASP A 437 -12.32 -35.11 -17.92
N SER A 438 -11.08 -34.94 -17.49
CA SER A 438 -9.97 -35.73 -18.04
C SER A 438 -10.04 -37.18 -17.58
N ASN A 439 -10.23 -37.41 -16.28
CA ASN A 439 -10.14 -38.79 -15.79
C ASN A 439 -11.35 -39.63 -16.23
N VAL A 440 -12.47 -39.01 -16.56
CA VAL A 440 -13.54 -39.73 -17.25
C VAL A 440 -13.06 -40.19 -18.62
N LYS A 441 -12.36 -39.33 -19.36
CA LYS A 441 -11.78 -39.75 -20.62
C LYS A 441 -10.68 -40.77 -20.40
N ASN A 442 -9.96 -40.70 -19.28
CA ASN A 442 -8.93 -41.69 -18.99
C ASN A 442 -9.56 -43.05 -18.74
N LEU A 443 -10.64 -43.11 -17.97
CA LEU A 443 -11.33 -44.37 -17.75
C LEU A 443 -11.97 -44.86 -19.05
N TYR A 444 -12.53 -43.95 -19.85
CA TYR A 444 -13.01 -44.31 -21.17
C TYR A 444 -11.86 -44.79 -22.05
N ASP A 445 -10.71 -44.13 -21.97
CA ASP A 445 -9.53 -44.59 -22.69
C ASP A 445 -9.07 -45.95 -22.19
N LYS A 446 -9.10 -46.15 -20.88
CA LYS A 446 -8.80 -47.47 -20.33
C LYS A 446 -9.84 -48.50 -20.75
N VAL A 447 -11.11 -48.10 -20.80
CA VAL A 447 -12.15 -48.98 -21.33
C VAL A 447 -11.93 -49.23 -22.82
N ARG A 448 -11.60 -48.17 -23.57
CA ARG A 448 -11.50 -48.31 -25.02
C ARG A 448 -10.30 -49.15 -25.44
N LEU A 449 -9.15 -48.94 -24.81
CA LEU A 449 -7.96 -49.69 -25.20
C LEU A 449 -8.08 -51.15 -24.84
N GLN A 450 -8.72 -51.47 -23.70
CA GLN A 450 -8.86 -52.87 -23.31
C GLN A 450 -9.78 -53.63 -24.26
N LEU A 451 -10.90 -53.02 -24.65
CA LEU A 451 -11.84 -53.72 -25.53
C LEU A 451 -11.25 -53.95 -26.91
N ARG A 452 -10.57 -52.95 -27.46
CA ARG A 452 -9.97 -53.03 -28.79
C ARG A 452 -11.01 -53.29 -29.88
N ASP A 453 -12.22 -52.76 -29.70
CA ASP A 453 -13.31 -52.97 -30.63
C ASP A 453 -14.35 -51.87 -30.45
N ASN A 454 -14.92 -51.44 -31.56
CA ASN A 454 -16.01 -50.47 -31.56
C ASN A 454 -17.38 -51.12 -31.31
N ALA A 455 -17.45 -52.44 -31.20
CA ALA A 455 -18.70 -53.10 -30.83
C ALA A 455 -19.13 -52.67 -29.44
N LYS A 456 -20.38 -52.22 -29.31
CA LYS A 456 -20.87 -51.75 -28.03
C LYS A 456 -20.99 -52.89 -27.02
N GLU A 457 -21.27 -54.11 -27.49
CA GLU A 457 -21.40 -55.30 -26.65
C GLU A 457 -22.49 -55.14 -25.60
N HIS A 467 -27.57 -56.61 -19.90
CA HIS A 467 -28.82 -57.06 -19.29
C HIS A 467 -28.75 -58.54 -18.93
N LYS A 468 -28.38 -59.36 -19.93
CA LYS A 468 -28.32 -60.81 -19.76
C LYS A 468 -26.91 -61.33 -19.48
N CYS A 469 -25.88 -60.66 -20.01
CA CYS A 469 -24.50 -61.05 -19.82
C CYS A 469 -23.84 -60.31 -18.67
N ASP A 470 -24.60 -60.01 -17.62
CA ASP A 470 -24.07 -59.29 -16.47
C ASP A 470 -23.02 -60.13 -15.76
N ASN A 471 -21.89 -59.50 -15.43
CA ASN A 471 -20.70 -60.14 -14.88
C ASN A 471 -20.07 -61.18 -15.81
N GLU A 472 -20.37 -61.11 -17.12
CA GLU A 472 -19.66 -61.83 -18.17
C GLU A 472 -19.08 -60.86 -19.19
N CYS A 473 -19.89 -59.91 -19.67
CA CYS A 473 -19.36 -58.79 -20.43
C CYS A 473 -18.73 -57.76 -19.49
N MET A 474 -19.32 -57.55 -18.31
CA MET A 474 -18.94 -56.44 -17.44
C MET A 474 -17.83 -56.80 -16.46
N GLU A 475 -17.70 -58.07 -16.08
CA GLU A 475 -16.66 -58.46 -15.12
C GLU A 475 -15.28 -58.25 -15.72
N SER A 476 -15.10 -58.58 -17.00
CA SER A 476 -13.81 -58.41 -17.65
C SER A 476 -13.43 -56.94 -17.75
N VAL A 477 -14.41 -56.04 -17.87
CA VAL A 477 -14.11 -54.62 -17.98
C VAL A 477 -13.59 -54.08 -16.66
N ARG A 478 -14.29 -54.39 -15.56
CA ARG A 478 -14.04 -53.71 -14.30
C ARG A 478 -12.80 -54.19 -13.57
N ASN A 479 -12.48 -55.49 -13.67
CA ASN A 479 -11.23 -55.99 -13.09
C ASN A 479 -10.00 -55.57 -13.88
N GLY A 480 -10.17 -55.03 -15.10
CA GLY A 480 -9.06 -54.65 -15.95
C GLY A 480 -8.53 -55.74 -16.85
N THR A 481 -8.89 -57.01 -16.59
CA THR A 481 -8.43 -58.15 -17.38
C THR A 481 -9.50 -58.47 -18.42
N TYR A 482 -9.19 -58.18 -19.69
CA TYR A 482 -10.06 -58.50 -20.82
C TYR A 482 -9.33 -59.49 -21.71
N ASP A 483 -9.81 -60.73 -21.73
CA ASP A 483 -9.24 -61.79 -22.57
C ASP A 483 -9.86 -61.66 -23.96
N TYR A 484 -9.35 -60.69 -24.72
CA TYR A 484 -9.84 -60.47 -26.08
C TYR A 484 -9.64 -61.68 -27.01
N PRO A 485 -8.52 -62.44 -26.95
CA PRO A 485 -8.51 -63.72 -27.70
C PRO A 485 -9.60 -64.67 -27.26
N GLN A 486 -9.95 -64.69 -25.97
CA GLN A 486 -11.04 -65.56 -25.53
C GLN A 486 -12.38 -65.08 -26.08
N TYR A 487 -12.55 -63.75 -26.21
CA TYR A 487 -13.73 -63.15 -26.81
C TYR A 487 -13.57 -62.91 -28.31
N SER A 488 -12.73 -63.71 -28.97
CA SER A 488 -12.61 -63.62 -30.43
C SER A 488 -13.81 -64.23 -31.16
N GLU A 489 -14.66 -64.99 -30.47
CA GLU A 489 -15.93 -65.40 -31.07
C GLU A 489 -16.79 -64.19 -31.39
N GLU A 490 -16.78 -63.19 -30.49
CA GLU A 490 -17.41 -61.93 -30.81
C GLU A 490 -16.71 -61.25 -31.98
N ALA A 491 -15.38 -61.37 -32.05
CA ALA A 491 -14.65 -60.85 -33.20
C ALA A 491 -14.99 -61.64 -34.46
N ARG A 492 -15.23 -62.95 -34.32
CA ARG A 492 -15.76 -63.72 -35.44
C ARG A 492 -17.16 -63.24 -35.79
N LEU A 493 -17.97 -62.95 -34.78
CA LEU A 493 -19.26 -62.32 -35.05
C LEU A 493 -19.09 -60.91 -35.58
N LYS A 494 -18.03 -60.22 -35.18
CA LYS A 494 -17.73 -58.91 -35.76
C LYS A 494 -17.40 -59.03 -37.24
N ARG A 495 -16.46 -59.92 -37.58
CA ARG A 495 -16.11 -60.09 -38.99
C ARG A 495 -17.26 -60.72 -39.77
N GLU A 496 -18.12 -61.48 -39.10
CA GLU A 496 -19.32 -61.99 -39.76
C GLU A 496 -20.32 -60.86 -40.02
N GLU A 497 -20.57 -60.01 -39.02
CA GLU A 497 -21.68 -59.07 -39.13
C GLU A 497 -21.35 -57.89 -40.05
N ILE A 498 -20.09 -57.44 -40.08
CA ILE A 498 -19.74 -56.38 -41.02
C ILE A 498 -19.85 -56.88 -42.46
N SER A 499 -19.45 -58.13 -42.71
CA SER A 499 -19.65 -58.71 -44.03
C SER A 499 -21.13 -58.94 -44.31
N GLY A 500 -21.91 -59.28 -43.29
CA GLY A 500 -23.34 -59.50 -43.44
C GLY A 500 -24.07 -59.46 -42.11
N GLU B 1 -37.66 24.66 -44.20
CA GLU B 1 -36.86 23.44 -44.45
C GLU B 1 -36.64 22.65 -43.16
N VAL B 2 -35.91 23.25 -42.24
CA VAL B 2 -35.58 22.60 -40.97
C VAL B 2 -36.84 22.60 -40.12
N GLN B 3 -37.20 21.43 -39.58
CA GLN B 3 -38.47 21.25 -38.89
C GLN B 3 -38.35 20.10 -37.90
N LEU B 4 -39.16 20.19 -36.84
CA LEU B 4 -39.22 19.18 -35.78
C LEU B 4 -40.70 19.01 -35.41
N VAL B 5 -41.30 17.93 -35.90
CA VAL B 5 -42.71 17.64 -35.66
C VAL B 5 -42.82 16.61 -34.55
N GLU B 6 -43.45 17.00 -33.44
CA GLU B 6 -43.68 16.11 -32.31
C GLU B 6 -44.94 15.29 -32.54
N SER B 7 -45.03 14.17 -31.84
CA SER B 7 -46.23 13.35 -31.85
C SER B 7 -46.23 12.48 -30.59
N GLY B 8 -47.42 11.96 -30.27
CA GLY B 8 -47.61 11.08 -29.13
C GLY B 8 -48.24 11.72 -27.91
N GLY B 9 -48.61 13.01 -27.97
CA GLY B 9 -49.25 13.65 -26.85
C GLY B 9 -50.75 13.41 -26.81
N GLY B 10 -51.33 13.60 -25.63
CA GLY B 10 -52.74 13.43 -25.45
C GLY B 10 -53.08 13.21 -23.99
N LEU B 11 -54.29 12.69 -23.77
CA LEU B 11 -54.76 12.40 -22.42
C LEU B 11 -53.92 11.30 -21.79
N VAL B 12 -53.56 11.49 -20.52
CA VAL B 12 -52.83 10.51 -19.72
C VAL B 12 -53.45 10.50 -18.33
N LYS B 13 -53.46 9.33 -17.71
CA LYS B 13 -53.93 9.17 -16.34
C LYS B 13 -52.79 9.45 -15.37
N PRO B 14 -53.09 9.64 -14.07
CA PRO B 14 -51.99 9.71 -13.09
C PRO B 14 -51.26 8.38 -13.00
N GLY B 15 -49.94 8.42 -13.18
CA GLY B 15 -49.11 7.24 -13.19
C GLY B 15 -49.00 6.55 -14.54
N GLY B 16 -49.72 6.99 -15.56
CA GLY B 16 -49.64 6.35 -16.85
C GLY B 16 -48.35 6.67 -17.59
N SER B 17 -48.03 5.80 -18.55
CA SER B 17 -46.83 5.91 -19.35
C SER B 17 -47.18 6.45 -20.74
N LEU B 18 -46.32 7.32 -21.26
CA LEU B 18 -46.48 7.91 -22.57
C LEU B 18 -45.11 8.00 -23.24
N ARG B 19 -45.11 7.97 -24.57
CA ARG B 19 -43.90 8.03 -25.37
C ARG B 19 -44.10 9.04 -26.48
N LEU B 20 -43.28 10.09 -26.48
CA LEU B 20 -43.30 11.09 -27.54
C LEU B 20 -42.39 10.66 -28.69
N SER B 21 -42.54 11.35 -29.82
CA SER B 21 -41.78 11.04 -31.02
C SER B 21 -41.63 12.33 -31.83
N CYS B 22 -40.38 12.73 -32.04
CA CYS B 22 -40.02 13.96 -32.75
C CYS B 22 -39.40 13.61 -34.10
N ALA B 23 -40.21 13.62 -35.15
CA ALA B 23 -39.68 13.40 -36.49
C ALA B 23 -38.83 14.60 -36.89
N ALA B 24 -37.57 14.33 -37.24
CA ALA B 24 -36.60 15.34 -37.62
C ALA B 24 -36.43 15.35 -39.12
N SER B 25 -36.34 16.55 -39.70
CA SER B 25 -36.20 16.70 -41.13
C SER B 25 -35.50 18.01 -41.43
N GLY B 26 -34.88 18.08 -42.60
CA GLY B 26 -34.22 19.27 -43.06
C GLY B 26 -32.81 19.50 -42.54
N PHE B 27 -32.26 18.57 -41.76
CA PHE B 27 -30.94 18.74 -41.19
C PHE B 27 -30.37 17.37 -40.83
N THR B 28 -29.06 17.35 -40.60
CA THR B 28 -28.37 16.12 -40.21
C THR B 28 -28.70 15.83 -38.75
N PHE B 29 -29.61 14.89 -38.53
CA PHE B 29 -30.03 14.54 -37.17
C PHE B 29 -28.90 13.91 -36.38
N SER B 30 -27.99 13.19 -37.04
CA SER B 30 -26.91 12.47 -36.38
C SER B 30 -25.65 13.31 -36.18
N SER B 31 -25.78 14.64 -36.15
CA SER B 31 -24.65 15.55 -35.91
C SER B 31 -24.94 16.62 -34.87
N TYR B 32 -26.20 16.97 -34.63
CA TYR B 32 -26.59 17.98 -33.66
C TYR B 32 -27.29 17.30 -32.49
N SER B 33 -26.86 17.62 -31.28
CA SER B 33 -27.50 17.11 -30.09
C SER B 33 -28.92 17.67 -29.97
N MET B 34 -29.73 17.01 -29.15
CA MET B 34 -31.16 17.28 -29.05
C MET B 34 -31.54 17.52 -27.60
N ASN B 35 -32.68 18.19 -27.43
CA ASN B 35 -33.19 18.62 -26.14
C ASN B 35 -34.70 18.44 -26.11
N TRP B 36 -35.24 18.37 -24.89
CA TRP B 36 -36.68 18.39 -24.65
C TRP B 36 -36.97 19.46 -23.61
N VAL B 37 -37.92 20.34 -23.92
CA VAL B 37 -38.30 21.46 -23.06
C VAL B 37 -39.82 21.47 -22.96
N ARG B 38 -40.33 21.43 -21.74
CA ARG B 38 -41.76 21.48 -21.45
C ARG B 38 -42.14 22.85 -20.93
N GLN B 39 -43.41 23.20 -21.15
CA GLN B 39 -43.96 24.49 -20.72
C GLN B 39 -45.41 24.25 -20.31
N ALA B 40 -45.66 24.25 -19.01
CA ALA B 40 -47.02 24.06 -18.53
C ALA B 40 -47.86 25.29 -18.89
N PRO B 41 -49.19 25.17 -18.90
CA PRO B 41 -50.01 26.37 -19.10
C PRO B 41 -49.83 27.35 -17.94
N GLY B 42 -49.54 28.60 -18.30
CA GLY B 42 -49.30 29.62 -17.30
C GLY B 42 -47.96 29.54 -16.60
N LYS B 43 -46.98 28.84 -17.17
CA LYS B 43 -45.64 28.71 -16.62
C LYS B 43 -44.61 28.86 -17.73
N GLY B 44 -43.37 29.08 -17.32
CA GLY B 44 -42.29 29.29 -18.26
C GLY B 44 -41.69 27.99 -18.76
N LEU B 45 -40.68 28.14 -19.62
CA LEU B 45 -39.98 26.98 -20.17
C LEU B 45 -39.22 26.25 -19.08
N GLU B 46 -39.16 24.93 -19.21
CA GLU B 46 -38.45 24.07 -18.26
C GLU B 46 -37.84 22.93 -19.03
N TRP B 47 -36.50 22.87 -19.05
CA TRP B 47 -35.79 21.84 -19.78
C TRP B 47 -35.98 20.49 -19.11
N VAL B 48 -36.24 19.46 -19.92
CA VAL B 48 -36.70 18.16 -19.47
C VAL B 48 -35.55 17.17 -19.50
N SER B 49 -34.93 17.02 -20.67
CA SER B 49 -33.89 16.01 -20.87
C SER B 49 -33.01 16.46 -22.02
N SER B 50 -32.00 15.63 -22.32
CA SER B 50 -31.09 15.93 -23.42
C SER B 50 -30.41 14.64 -23.85
N ILE B 51 -29.83 14.67 -25.04
CA ILE B 51 -29.09 13.54 -25.57
C ILE B 51 -28.15 14.04 -26.66
N SER B 52 -26.93 13.50 -26.67
CA SER B 52 -25.91 13.92 -27.62
C SER B 52 -26.15 13.24 -28.96
N SER B 53 -25.25 13.48 -29.92
CA SER B 53 -25.41 12.93 -31.27
C SER B 53 -25.27 11.41 -31.26
N SER B 54 -24.26 10.90 -30.56
CA SER B 54 -23.99 9.47 -30.49
C SER B 54 -24.74 8.77 -29.35
N SER B 55 -25.70 9.45 -28.71
CA SER B 55 -26.50 8.88 -27.62
C SER B 55 -25.65 8.45 -26.43
N SER B 56 -24.52 9.13 -26.22
CA SER B 56 -23.56 8.75 -25.18
C SER B 56 -23.67 9.60 -23.93
N TYR B 57 -24.06 10.87 -24.05
CA TYR B 57 -24.28 11.78 -22.92
C TYR B 57 -25.77 12.08 -22.86
N ILE B 58 -26.42 11.62 -21.80
CA ILE B 58 -27.85 11.82 -21.57
C ILE B 58 -27.99 12.52 -20.22
N TYR B 59 -28.84 13.55 -20.19
CA TYR B 59 -29.10 14.35 -19.00
C TYR B 59 -30.58 14.48 -18.77
N TYR B 60 -30.95 14.69 -17.51
CA TYR B 60 -32.34 14.84 -17.09
C TYR B 60 -32.42 15.93 -16.02
N ALA B 61 -33.61 16.51 -15.88
CA ALA B 61 -33.85 17.48 -14.83
C ALA B 61 -34.03 16.77 -13.48
N ASP B 62 -33.95 17.55 -12.41
CA ASP B 62 -34.04 16.98 -11.07
C ASP B 62 -35.43 16.42 -10.79
N SER B 63 -36.47 17.10 -11.26
CA SER B 63 -37.83 16.59 -11.15
C SER B 63 -38.14 15.46 -12.11
N VAL B 64 -37.23 15.12 -13.03
CA VAL B 64 -37.50 14.21 -14.14
C VAL B 64 -36.68 12.92 -14.05
N LYS B 65 -35.58 12.91 -13.28
CA LYS B 65 -34.72 11.74 -13.17
C LYS B 65 -35.48 10.54 -12.59
N GLY B 66 -35.19 9.36 -13.13
CA GLY B 66 -35.81 8.14 -12.67
C GLY B 66 -37.24 7.92 -13.11
N ARG B 67 -37.78 8.77 -13.99
CA ARG B 67 -39.15 8.68 -14.46
C ARG B 67 -39.21 8.68 -15.99
N PHE B 68 -38.35 9.46 -16.63
CA PHE B 68 -38.29 9.60 -18.08
C PHE B 68 -37.08 8.85 -18.59
N THR B 69 -37.07 8.58 -19.90
CA THR B 69 -35.93 7.93 -20.54
C THR B 69 -35.89 8.38 -21.99
N ILE B 70 -35.04 9.37 -22.26
CA ILE B 70 -34.82 9.87 -23.61
C ILE B 70 -34.04 8.84 -24.42
N SER B 71 -34.30 8.80 -25.72
CA SER B 71 -33.58 7.93 -26.64
C SER B 71 -33.82 8.45 -28.05
N ARG B 72 -32.89 8.12 -28.94
CA ARG B 72 -32.93 8.58 -30.33
C ARG B 72 -32.50 7.46 -31.25
N ASP B 73 -33.02 7.51 -32.47
CA ASP B 73 -32.65 6.62 -33.58
C ASP B 73 -32.12 7.52 -34.70
N ASN B 74 -30.79 7.51 -34.87
CA ASN B 74 -30.18 8.33 -35.91
C ASN B 74 -30.60 7.89 -37.30
N ALA B 75 -30.73 6.57 -37.51
CA ALA B 75 -31.12 6.06 -38.82
C ALA B 75 -32.54 6.49 -39.18
N LYS B 76 -33.47 6.41 -38.23
CA LYS B 76 -34.84 6.82 -38.47
C LYS B 76 -35.02 8.34 -38.48
N ASN B 77 -34.02 9.11 -38.03
CA ASN B 77 -34.14 10.56 -37.85
C ASN B 77 -35.32 10.89 -36.93
N SER B 78 -35.29 10.33 -35.72
CA SER B 78 -36.34 10.53 -34.74
C SER B 78 -35.73 10.55 -33.34
N LEU B 79 -36.39 11.30 -32.46
CA LEU B 79 -36.09 11.39 -31.04
C LEU B 79 -37.33 10.98 -30.26
N TYR B 80 -37.12 10.23 -29.18
CA TYR B 80 -38.19 9.69 -28.35
C TYR B 80 -37.92 10.02 -26.89
N LEU B 81 -39.00 10.20 -26.13
CA LEU B 81 -38.93 10.49 -24.70
C LEU B 81 -39.96 9.61 -24.00
N GLN B 82 -39.52 8.46 -23.51
CA GLN B 82 -40.38 7.63 -22.69
C GLN B 82 -40.71 8.36 -21.38
N MET B 83 -41.91 8.11 -20.87
CA MET B 83 -42.40 8.67 -19.62
C MET B 83 -43.00 7.56 -18.77
N ASN B 84 -42.70 7.59 -17.47
CA ASN B 84 -43.19 6.59 -16.53
C ASN B 84 -43.50 7.26 -15.20
N SER B 85 -44.64 6.89 -14.61
CA SER B 85 -45.06 7.38 -13.30
C SER B 85 -45.25 8.89 -13.32
N LEU B 86 -46.12 9.34 -14.22
CA LEU B 86 -46.32 10.76 -14.45
C LEU B 86 -47.24 11.36 -13.39
N ARG B 87 -46.78 12.44 -12.77
CA ARG B 87 -47.58 13.21 -11.84
C ARG B 87 -48.43 14.22 -12.60
N ALA B 88 -49.26 14.97 -11.87
CA ALA B 88 -50.08 16.01 -12.48
C ALA B 88 -49.27 17.25 -12.88
N GLU B 89 -48.02 17.37 -12.46
CA GLU B 89 -47.21 18.53 -12.77
C GLU B 89 -46.77 18.59 -14.22
N ASP B 90 -46.77 17.47 -14.94
CA ASP B 90 -46.27 17.41 -16.30
C ASP B 90 -47.33 17.72 -17.36
N THR B 91 -48.39 18.44 -17.00
CA THR B 91 -49.33 18.93 -17.98
C THR B 91 -48.66 20.06 -18.75
N ALA B 92 -48.07 19.76 -19.91
CA ALA B 92 -47.24 20.76 -20.58
C ALA B 92 -47.07 20.43 -22.05
N VAL B 93 -46.70 21.47 -22.80
CA VAL B 93 -46.43 21.38 -24.23
C VAL B 93 -44.94 21.05 -24.37
N TYR B 94 -44.66 19.80 -24.71
CA TYR B 94 -43.29 19.31 -24.77
C TYR B 94 -42.67 19.66 -26.11
N TYR B 95 -41.65 20.53 -26.09
CA TYR B 95 -41.00 21.04 -27.28
C TYR B 95 -39.74 20.26 -27.59
N CYS B 96 -39.58 19.91 -28.85
CA CYS B 96 -38.37 19.26 -29.37
C CYS B 96 -37.37 20.35 -29.75
N ALA B 97 -36.19 20.33 -29.14
CA ALA B 97 -35.20 21.38 -29.25
C ALA B 97 -33.87 20.81 -29.72
N ARG B 98 -33.26 21.47 -30.71
CA ARG B 98 -32.01 21.05 -31.32
C ARG B 98 -30.91 22.01 -30.89
N ALA B 99 -29.87 21.45 -30.28
CA ALA B 99 -28.67 22.22 -29.91
C ALA B 99 -27.62 22.07 -30.99
N PRO B 100 -27.24 23.16 -31.74
CA PRO B 100 -26.26 22.95 -32.82
C PRO B 100 -24.87 22.55 -32.34
N ALA B 101 -24.32 23.29 -31.39
CA ALA B 101 -23.01 22.93 -30.86
C ALA B 101 -23.10 21.63 -30.06
N ALA B 102 -22.08 20.78 -30.21
CA ALA B 102 -22.10 19.48 -29.57
C ALA B 102 -22.06 19.58 -28.05
N ILE B 103 -21.37 20.59 -27.52
CA ILE B 103 -21.22 20.81 -26.08
C ILE B 103 -22.16 21.90 -25.60
N SER B 104 -22.11 23.07 -26.22
CA SER B 104 -22.99 24.17 -25.87
C SER B 104 -24.40 23.88 -26.36
N TYR B 105 -25.39 24.10 -25.49
CA TYR B 105 -26.77 23.65 -25.71
C TYR B 105 -27.72 24.84 -25.83
N TYR B 106 -27.32 25.86 -26.59
CA TYR B 106 -28.29 26.84 -27.06
C TYR B 106 -29.17 26.18 -28.12
N MET B 107 -30.48 26.36 -27.99
CA MET B 107 -31.44 25.57 -28.76
C MET B 107 -31.92 26.42 -29.95
N ASP B 108 -31.49 26.04 -31.15
CA ASP B 108 -31.69 26.89 -32.32
C ASP B 108 -33.10 26.78 -32.89
N VAL B 109 -33.47 25.58 -33.37
CA VAL B 109 -34.78 25.33 -33.99
C VAL B 109 -35.63 24.50 -33.04
N TRP B 110 -36.89 24.90 -32.91
CA TRP B 110 -37.85 24.32 -31.98
C TRP B 110 -39.05 23.82 -32.75
N GLY B 111 -39.67 22.77 -32.23
CA GLY B 111 -40.84 22.19 -32.87
C GLY B 111 -42.15 22.82 -32.41
N LYS B 112 -43.24 22.36 -33.00
CA LYS B 112 -44.56 22.87 -32.64
C LYS B 112 -44.90 22.53 -31.20
N GLY B 113 -44.67 21.27 -30.81
CA GLY B 113 -44.93 20.79 -29.46
C GLY B 113 -46.25 20.09 -29.33
N THR B 114 -46.29 19.06 -28.49
CA THR B 114 -47.48 18.26 -28.24
C THR B 114 -47.93 18.46 -26.80
N THR B 115 -49.22 18.78 -26.63
CA THR B 115 -49.76 19.13 -25.32
C THR B 115 -50.07 17.85 -24.55
N VAL B 116 -49.10 17.36 -23.80
CA VAL B 116 -49.31 16.22 -22.91
C VAL B 116 -50.06 16.70 -21.68
N THR B 117 -51.06 15.95 -21.26
CA THR B 117 -51.83 16.23 -20.05
C THR B 117 -51.97 14.95 -19.24
N VAL B 118 -51.71 15.06 -17.93
CA VAL B 118 -51.75 13.94 -16.99
C VAL B 118 -52.79 14.32 -15.95
N SER B 119 -53.99 13.76 -16.07
CA SER B 119 -55.08 14.08 -15.17
C SER B 119 -56.10 12.94 -15.21
N GLY B 120 -57.03 12.98 -14.26
CA GLY B 120 -58.07 11.97 -14.18
C GLY B 120 -58.99 11.97 -15.39
N ASP C 1 -28.78 24.05 -7.22
CA ASP C 1 -28.98 24.21 -8.70
C ASP C 1 -28.69 25.66 -9.08
N ILE C 2 -28.40 25.88 -10.37
CA ILE C 2 -28.00 27.18 -10.90
C ILE C 2 -29.26 27.91 -11.37
N VAL C 3 -29.93 28.60 -10.44
CA VAL C 3 -31.22 29.23 -10.71
C VAL C 3 -31.00 30.57 -11.39
N MET C 4 -31.96 30.96 -12.22
CA MET C 4 -31.86 32.11 -13.11
C MET C 4 -33.07 33.01 -12.89
N THR C 5 -32.83 34.31 -12.75
CA THR C 5 -33.86 35.29 -12.40
C THR C 5 -33.83 36.47 -13.35
N GLN C 6 -35.01 36.94 -13.73
CA GLN C 6 -35.21 38.13 -14.55
C GLN C 6 -35.91 39.20 -13.72
N SER C 7 -35.31 40.39 -13.64
CA SER C 7 -35.84 41.42 -12.75
C SER C 7 -37.20 41.93 -13.20
N PRO C 8 -37.39 42.40 -14.44
CA PRO C 8 -38.75 42.73 -14.90
C PRO C 8 -39.48 41.50 -15.42
N ASP C 9 -40.68 41.28 -14.88
CA ASP C 9 -41.56 40.18 -15.28
C ASP C 9 -42.62 40.58 -16.29
N SER C 10 -42.97 41.87 -16.37
CA SER C 10 -43.94 42.38 -17.35
C SER C 10 -43.51 43.81 -17.68
N LEU C 11 -42.73 43.95 -18.75
CA LEU C 11 -42.22 45.25 -19.18
C LEU C 11 -43.28 45.99 -19.98
N ALA C 12 -43.42 47.29 -19.70
CA ALA C 12 -44.39 48.18 -20.36
C ALA C 12 -43.58 49.18 -21.18
N VAL C 13 -43.30 48.83 -22.43
CA VAL C 13 -42.52 49.64 -23.35
C VAL C 13 -43.41 50.01 -24.53
N SER C 14 -43.53 51.30 -24.80
CA SER C 14 -44.34 51.77 -25.91
C SER C 14 -43.63 51.47 -27.23
N LEU C 15 -44.35 51.73 -28.32
CA LEU C 15 -43.82 51.46 -29.64
C LEU C 15 -42.67 52.41 -29.97
N GLY C 16 -41.62 51.87 -30.57
CA GLY C 16 -40.55 52.67 -31.13
C GLY C 16 -39.46 53.09 -30.18
N GLU C 17 -39.57 52.79 -28.88
CA GLU C 17 -38.59 53.16 -27.87
C GLU C 17 -37.89 51.90 -27.35
N ARG C 18 -36.93 52.12 -26.46
CA ARG C 18 -36.02 51.07 -26.05
C ARG C 18 -36.65 50.17 -24.99
N ALA C 19 -36.34 48.87 -25.09
CA ALA C 19 -36.76 47.86 -24.12
C ALA C 19 -35.54 47.11 -23.62
N THR C 20 -35.40 46.99 -22.31
CA THR C 20 -34.29 46.32 -21.65
C THR C 20 -34.85 45.29 -20.70
N ILE C 21 -34.38 44.04 -20.83
CA ILE C 21 -34.84 42.91 -20.03
C ILE C 21 -33.61 42.41 -19.28
N ASN C 22 -33.50 42.79 -18.01
CA ASN C 22 -32.38 42.34 -17.20
C ASN C 22 -32.57 40.90 -16.79
N CYS C 23 -31.46 40.15 -16.72
CA CYS C 23 -31.49 38.71 -16.44
C CYS C 23 -30.25 38.35 -15.62
N LYS C 24 -30.44 38.14 -14.33
CA LYS C 24 -29.39 37.74 -13.42
C LYS C 24 -29.22 36.22 -13.41
N SER C 25 -28.09 35.78 -12.89
CA SER C 25 -27.77 34.37 -12.70
C SER C 25 -27.26 34.16 -11.28
N SER C 26 -27.63 33.03 -10.69
CA SER C 26 -27.18 32.72 -9.33
C SER C 26 -25.67 32.55 -9.28
N GLN C 27 -25.10 31.92 -10.30
CA GLN C 27 -23.67 31.71 -10.46
C GLN C 27 -23.22 32.26 -11.80
N SER C 28 -22.00 32.79 -11.83
CA SER C 28 -21.51 33.50 -13.01
C SER C 28 -21.31 32.51 -14.15
N VAL C 29 -22.13 32.65 -15.20
CA VAL C 29 -22.03 31.77 -16.36
C VAL C 29 -20.84 32.06 -17.25
N LEU C 30 -20.13 33.15 -17.01
CA LEU C 30 -18.86 33.37 -17.70
C LEU C 30 -17.87 32.28 -17.34
N TYR C 31 -17.08 31.86 -18.32
CA TYR C 31 -16.03 30.87 -18.17
C TYR C 31 -14.73 31.47 -18.66
N SER C 32 -13.74 31.55 -17.77
CA SER C 32 -12.52 32.30 -18.06
C SER C 32 -11.68 31.65 -19.14
N SER C 33 -11.68 30.32 -19.23
CA SER C 33 -10.78 29.62 -20.12
C SER C 33 -11.11 29.82 -21.60
N ASN C 34 -12.31 30.31 -21.93
CA ASN C 34 -12.63 30.80 -23.26
C ASN C 34 -13.28 32.18 -23.26
N ASN C 35 -13.66 32.72 -22.10
CA ASN C 35 -14.20 34.08 -21.98
C ASN C 35 -15.50 34.20 -22.76
N LYS C 36 -16.38 33.22 -22.55
CA LYS C 36 -17.67 33.14 -23.22
C LYS C 36 -18.76 33.03 -22.17
N ASN C 37 -19.74 33.93 -22.25
CA ASN C 37 -20.85 33.94 -21.31
C ASN C 37 -21.89 32.93 -21.78
N TYR C 38 -21.98 31.82 -21.08
CA TYR C 38 -22.88 30.72 -21.47
C TYR C 38 -24.32 31.15 -21.15
N LEU C 39 -24.90 31.91 -22.08
CA LEU C 39 -26.29 32.36 -21.96
C LEU C 39 -26.93 32.40 -23.32
N ALA C 40 -28.21 32.03 -23.36
CA ALA C 40 -29.08 32.15 -24.53
C ALA C 40 -30.20 33.13 -24.21
N TRP C 41 -30.88 33.58 -25.27
CA TRP C 41 -32.05 34.43 -25.16
C TRP C 41 -33.08 33.96 -26.17
N TYR C 42 -34.34 33.82 -25.72
CA TYR C 42 -35.42 33.25 -26.49
C TYR C 42 -36.57 34.25 -26.59
N GLN C 43 -37.51 33.95 -27.48
CA GLN C 43 -38.67 34.78 -27.73
C GLN C 43 -39.84 33.88 -28.06
N GLN C 44 -40.89 33.94 -27.25
CA GLN C 44 -42.06 33.07 -27.36
C GLN C 44 -43.30 33.95 -27.47
N LYS C 45 -43.88 34.01 -28.68
CA LYS C 45 -45.17 34.64 -28.83
C LYS C 45 -46.25 33.70 -28.29
N PRO C 46 -47.47 34.20 -28.03
CA PRO C 46 -48.53 33.28 -27.56
C PRO C 46 -48.90 32.27 -28.63
N GLY C 47 -48.91 31.00 -28.24
CA GLY C 47 -49.22 29.94 -29.18
C GLY C 47 -48.22 29.76 -30.28
N GLN C 48 -46.93 29.93 -29.99
CA GLN C 48 -45.84 29.74 -30.92
C GLN C 48 -44.64 29.20 -30.14
N PRO C 49 -43.69 28.55 -30.81
CA PRO C 49 -42.55 28.01 -30.07
C PRO C 49 -41.56 29.11 -29.73
N PRO C 50 -40.64 28.87 -28.79
CA PRO C 50 -39.56 29.85 -28.57
C PRO C 50 -38.67 30.00 -29.80
N LYS C 51 -38.11 31.20 -29.94
CA LYS C 51 -37.18 31.55 -31.02
C LYS C 51 -35.92 32.10 -30.39
N LEU C 52 -34.80 31.39 -30.60
CA LEU C 52 -33.51 31.85 -30.10
C LEU C 52 -33.13 33.16 -30.77
N LEU C 53 -32.70 34.14 -29.95
CA LEU C 53 -32.32 35.47 -30.42
C LEU C 53 -30.83 35.74 -30.26
N ILE C 54 -30.31 35.67 -29.03
CA ILE C 54 -28.91 35.93 -28.72
C ILE C 54 -28.38 34.71 -27.99
N TYR C 55 -27.23 34.19 -28.45
CA TYR C 55 -26.53 33.11 -27.78
C TYR C 55 -25.09 33.53 -27.54
N TRP C 56 -24.48 32.92 -26.52
CA TRP C 56 -23.23 33.37 -25.89
C TRP C 56 -23.34 34.75 -25.23
N ALA C 57 -24.58 35.24 -24.99
CA ALA C 57 -24.91 36.51 -24.36
C ALA C 57 -24.66 37.76 -25.21
N SER C 58 -23.98 37.62 -26.37
CA SER C 58 -23.74 38.71 -27.32
C SER C 58 -24.05 38.33 -28.76
N THR C 59 -23.74 37.10 -29.16
CA THR C 59 -23.81 36.72 -30.57
C THR C 59 -25.24 36.47 -31.00
N ARG C 60 -25.61 37.08 -32.13
CA ARG C 60 -26.98 37.11 -32.61
C ARG C 60 -27.21 36.01 -33.64
N GLU C 61 -28.29 35.26 -33.47
CA GLU C 61 -28.63 34.20 -34.39
C GLU C 61 -29.04 34.77 -35.74
N SER C 62 -28.77 34.01 -36.80
CA SER C 62 -29.07 34.45 -38.16
C SER C 62 -30.57 34.58 -38.35
N GLY C 63 -30.98 35.63 -39.06
CA GLY C 63 -32.37 35.94 -39.29
C GLY C 63 -33.05 36.72 -38.19
N VAL C 64 -32.38 36.98 -37.07
CA VAL C 64 -32.94 37.77 -35.99
C VAL C 64 -32.89 39.22 -36.44
N PRO C 65 -33.85 40.09 -36.10
CA PRO C 65 -33.67 41.50 -36.43
C PRO C 65 -32.51 42.13 -35.66
N ASP C 66 -31.87 43.11 -36.30
CA ASP C 66 -30.70 43.75 -35.72
C ASP C 66 -31.01 44.57 -34.47
N ARG C 67 -32.29 44.94 -34.26
CA ARG C 67 -32.63 45.72 -33.08
C ARG C 67 -32.39 44.94 -31.79
N PHE C 68 -32.50 43.62 -31.83
CA PHE C 68 -32.10 42.80 -30.69
C PHE C 68 -30.58 42.88 -30.51
N SER C 69 -30.15 43.01 -29.26
CA SER C 69 -28.73 43.04 -28.95
C SER C 69 -28.54 42.71 -27.48
N GLY C 70 -27.92 41.58 -27.19
CA GLY C 70 -27.63 41.19 -25.83
C GLY C 70 -26.30 41.77 -25.35
N SER C 71 -26.15 41.85 -24.04
CA SER C 71 -24.95 42.42 -23.43
C SER C 71 -24.79 41.82 -22.04
N GLY C 72 -23.86 42.38 -21.27
CA GLY C 72 -23.60 41.94 -19.92
C GLY C 72 -22.60 40.81 -19.84
N SER C 73 -22.20 40.50 -18.61
CA SER C 73 -21.23 39.44 -18.37
C SER C 73 -21.39 38.91 -16.95
N GLY C 74 -20.85 37.72 -16.73
CA GLY C 74 -20.88 37.11 -15.41
C GLY C 74 -22.27 36.68 -14.99
N THR C 75 -22.85 37.40 -14.03
CA THR C 75 -24.18 37.12 -13.52
C THR C 75 -25.24 38.00 -14.18
N ASP C 76 -25.00 39.31 -14.21
CA ASP C 76 -25.97 40.24 -14.78
C ASP C 76 -25.92 40.22 -16.29
N PHE C 77 -27.10 40.20 -16.93
CA PHE C 77 -27.22 40.23 -18.38
C PHE C 77 -28.43 41.06 -18.76
N THR C 78 -28.41 41.58 -19.99
CA THR C 78 -29.49 42.39 -20.53
C THR C 78 -29.76 41.98 -21.97
N LEU C 79 -31.04 42.00 -22.35
CA LEU C 79 -31.48 41.94 -23.74
C LEU C 79 -32.04 43.31 -24.10
N THR C 80 -31.39 43.97 -25.06
CA THR C 80 -31.73 45.33 -25.48
C THR C 80 -32.44 45.26 -26.83
N ILE C 81 -33.61 45.87 -26.90
CA ILE C 81 -34.33 46.09 -28.15
C ILE C 81 -34.21 47.57 -28.46
N SER C 82 -33.62 47.91 -29.60
CA SER C 82 -33.36 49.30 -29.92
C SER C 82 -34.66 50.06 -30.15
N SER C 83 -35.68 49.42 -30.72
CA SER C 83 -36.98 50.05 -30.95
C SER C 83 -38.01 48.95 -31.04
N LEU C 84 -38.91 48.88 -30.07
CA LEU C 84 -39.91 47.82 -30.04
C LEU C 84 -40.89 47.97 -31.21
N GLN C 85 -41.32 46.81 -31.73
CA GLN C 85 -42.34 46.71 -32.77
C GLN C 85 -43.49 45.86 -32.23
N ALA C 86 -44.58 45.82 -33.00
CA ALA C 86 -45.73 45.01 -32.61
C ALA C 86 -45.39 43.53 -32.62
N GLU C 87 -44.47 43.10 -33.47
CA GLU C 87 -44.05 41.71 -33.52
C GLU C 87 -43.14 41.32 -32.35
N ASP C 88 -42.59 42.27 -31.61
CA ASP C 88 -41.76 42.00 -30.46
C ASP C 88 -42.56 41.72 -29.19
N VAL C 89 -43.88 41.77 -29.23
CA VAL C 89 -44.70 41.49 -28.05
C VAL C 89 -44.64 39.98 -27.81
N ALA C 90 -43.80 39.57 -26.86
CA ALA C 90 -43.55 38.15 -26.65
C ALA C 90 -42.89 37.97 -25.29
N VAL C 91 -42.96 36.74 -24.78
CA VAL C 91 -42.32 36.38 -23.52
C VAL C 91 -40.88 35.99 -23.83
N TYR C 92 -39.94 36.70 -23.20
CA TYR C 92 -38.51 36.52 -23.43
C TYR C 92 -37.91 35.72 -22.29
N TYR C 93 -37.28 34.60 -22.63
CA TYR C 93 -36.66 33.69 -21.67
C TYR C 93 -35.16 33.67 -21.91
N CYS C 94 -34.40 33.80 -20.82
CA CYS C 94 -32.94 33.65 -20.84
C CYS C 94 -32.57 32.30 -20.24
N GLN C 95 -31.68 31.58 -20.92
CA GLN C 95 -31.31 30.21 -20.60
C GLN C 95 -29.81 30.09 -20.58
N GLN C 96 -29.25 29.75 -19.44
CA GLN C 96 -27.85 29.41 -19.36
C GLN C 96 -27.63 27.98 -19.84
N TYR C 97 -26.41 27.73 -20.30
CA TYR C 97 -25.96 26.38 -20.63
C TYR C 97 -24.53 26.17 -20.14
N TYR C 98 -24.15 26.83 -19.04
CA TYR C 98 -22.93 26.47 -18.34
C TYR C 98 -23.06 25.08 -17.73
N SER C 99 -24.05 24.90 -16.85
CA SER C 99 -24.33 23.61 -16.23
C SER C 99 -25.18 22.81 -17.20
N THR C 100 -24.50 21.99 -18.00
CA THR C 100 -25.22 21.18 -19.00
C THR C 100 -26.17 20.15 -18.38
N PRO C 101 -25.86 19.42 -17.30
CA PRO C 101 -26.86 18.49 -16.75
C PRO C 101 -28.09 19.17 -16.17
N ALA C 102 -28.03 20.47 -15.86
CA ALA C 102 -29.18 21.23 -15.38
C ALA C 102 -29.21 22.55 -16.13
N LEU C 103 -29.85 22.54 -17.30
CA LEU C 103 -30.15 23.78 -18.02
C LEU C 103 -31.41 24.38 -17.41
N THR C 104 -31.30 25.59 -16.86
CA THR C 104 -32.41 26.27 -16.21
C THR C 104 -32.74 27.54 -16.97
N PHE C 105 -34.02 27.69 -17.32
CA PHE C 105 -34.51 28.88 -17.99
C PHE C 105 -34.84 29.96 -16.95
N GLY C 106 -35.04 31.18 -17.44
CA GLY C 106 -35.52 32.25 -16.60
C GLY C 106 -37.02 32.17 -16.39
N GLY C 107 -37.52 33.06 -15.53
CA GLY C 107 -38.95 33.10 -15.27
C GLY C 107 -39.75 33.53 -16.49
N GLY C 108 -39.26 34.55 -17.19
CA GLY C 108 -39.87 35.08 -18.42
C GLY C 108 -40.30 36.52 -18.23
N THR C 109 -40.02 37.34 -19.26
CA THR C 109 -40.40 38.74 -19.32
C THR C 109 -41.21 38.98 -20.57
N LYS C 110 -42.43 39.52 -20.40
CA LYS C 110 -43.35 39.81 -21.50
C LYS C 110 -43.38 41.32 -21.71
N VAL C 111 -42.97 41.76 -22.90
CA VAL C 111 -42.95 43.17 -23.24
C VAL C 111 -44.29 43.53 -23.87
N GLU C 112 -45.02 44.44 -23.22
CA GLU C 112 -46.35 44.86 -23.63
C GLU C 112 -46.30 46.29 -24.16
N ILE C 113 -47.12 46.57 -25.17
CA ILE C 113 -47.20 47.91 -25.74
C ILE C 113 -47.96 48.80 -24.76
N LYS C 114 -47.33 49.89 -24.35
CA LYS C 114 -47.94 50.84 -23.42
C LYS C 114 -48.91 51.76 -24.17
N GLU D 1 59.31 -12.40 -17.09
CA GLU D 1 58.22 -13.41 -17.06
C GLU D 1 56.86 -12.77 -17.28
N VAL D 2 56.49 -11.89 -16.35
CA VAL D 2 55.20 -11.21 -16.42
C VAL D 2 55.29 -10.10 -17.45
N GLN D 3 54.38 -10.09 -18.41
CA GLN D 3 54.47 -9.18 -19.54
C GLN D 3 53.08 -8.95 -20.12
N LEU D 4 52.90 -7.77 -20.72
CA LEU D 4 51.64 -7.35 -21.34
C LEU D 4 52.01 -6.63 -22.64
N VAL D 5 51.88 -7.34 -23.76
CA VAL D 5 52.22 -6.80 -25.08
C VAL D 5 50.94 -6.30 -25.74
N GLU D 6 50.91 -5.01 -26.05
CA GLU D 6 49.79 -4.39 -26.75
C GLU D 6 49.97 -4.50 -28.26
N SER D 7 48.86 -4.41 -28.97
CA SER D 7 48.88 -4.37 -30.42
C SER D 7 47.57 -3.77 -30.92
N GLY D 8 47.62 -3.20 -32.13
CA GLY D 8 46.47 -2.60 -32.78
C GLY D 8 46.52 -1.11 -32.95
N GLY D 9 47.56 -0.43 -32.45
CA GLY D 9 47.66 1.00 -32.62
C GLY D 9 48.15 1.41 -34.00
N GLY D 10 47.92 2.67 -34.33
CA GLY D 10 48.35 3.20 -35.60
C GLY D 10 47.53 4.42 -35.98
N LEU D 11 47.65 4.79 -37.26
CA LEU D 11 46.91 5.93 -37.79
C LEU D 11 45.42 5.66 -37.75
N VAL D 12 44.65 6.66 -37.28
CA VAL D 12 43.20 6.61 -37.25
C VAL D 12 42.68 7.98 -37.65
N LYS D 13 41.52 8.01 -38.30
CA LYS D 13 40.85 9.24 -38.71
C LYS D 13 39.91 9.74 -37.60
N PRO D 14 39.45 10.99 -37.66
CA PRO D 14 38.41 11.41 -36.71
C PRO D 14 37.12 10.63 -36.95
N GLY D 15 36.49 10.19 -35.86
CA GLY D 15 35.30 9.39 -35.95
C GLY D 15 35.53 7.94 -36.33
N GLY D 16 36.79 7.50 -36.42
CA GLY D 16 37.07 6.13 -36.80
C GLY D 16 36.87 5.15 -35.66
N SER D 17 37.15 3.89 -35.95
CA SER D 17 37.04 2.79 -35.00
C SER D 17 38.34 2.00 -34.99
N LEU D 18 38.71 1.51 -33.80
CA LEU D 18 39.93 0.75 -33.60
C LEU D 18 39.69 -0.26 -32.50
N ARG D 19 40.53 -1.30 -32.46
CA ARG D 19 40.46 -2.34 -31.45
C ARG D 19 41.88 -2.74 -31.06
N LEU D 20 42.26 -2.40 -29.84
CA LEU D 20 43.54 -2.80 -29.29
C LEU D 20 43.47 -4.23 -28.78
N SER D 21 44.64 -4.83 -28.58
CA SER D 21 44.75 -6.21 -28.17
C SER D 21 45.97 -6.36 -27.27
N CYS D 22 45.72 -6.57 -25.98
CA CYS D 22 46.75 -6.79 -24.97
C CYS D 22 46.94 -8.29 -24.75
N ALA D 23 47.93 -8.87 -25.42
CA ALA D 23 48.33 -10.23 -25.12
C ALA D 23 48.94 -10.29 -23.73
N ALA D 24 48.55 -11.31 -22.96
CA ALA D 24 48.98 -11.51 -21.58
C ALA D 24 49.72 -12.83 -21.46
N SER D 25 50.79 -12.82 -20.66
CA SER D 25 51.58 -14.03 -20.46
C SER D 25 52.33 -13.90 -19.14
N GLY D 26 52.74 -15.05 -18.61
CA GLY D 26 53.52 -15.09 -17.39
C GLY D 26 52.74 -14.96 -16.11
N PHE D 27 51.41 -14.94 -16.16
CA PHE D 27 50.60 -14.83 -14.96
C PHE D 27 49.20 -15.34 -15.26
N THR D 28 48.45 -15.63 -14.20
CA THR D 28 47.07 -16.08 -14.33
C THR D 28 46.22 -14.89 -14.73
N PHE D 29 45.89 -14.82 -16.04
CA PHE D 29 45.05 -13.74 -16.54
C PHE D 29 43.64 -13.80 -15.98
N SER D 30 43.17 -15.00 -15.62
CA SER D 30 41.80 -15.20 -15.15
C SER D 30 41.60 -14.84 -13.68
N SER D 31 42.63 -14.38 -12.97
CA SER D 31 42.59 -14.13 -11.53
C SER D 31 42.84 -12.68 -11.14
N TYR D 32 43.32 -11.83 -12.05
CA TYR D 32 43.64 -10.44 -11.77
C TYR D 32 42.87 -9.53 -12.72
N SER D 33 42.34 -8.45 -12.17
CA SER D 33 41.63 -7.47 -12.97
C SER D 33 42.59 -6.79 -13.94
N MET D 34 42.01 -6.10 -14.93
CA MET D 34 42.75 -5.44 -16.01
C MET D 34 42.34 -3.97 -16.08
N ASN D 35 43.27 -3.15 -16.58
CA ASN D 35 43.10 -1.72 -16.69
C ASN D 35 43.67 -1.24 -18.01
N TRP D 36 43.16 -0.12 -18.48
CA TRP D 36 43.69 0.59 -19.65
C TRP D 36 43.95 2.04 -19.23
N VAL D 37 45.15 2.52 -19.51
CA VAL D 37 45.62 3.84 -19.10
C VAL D 37 46.30 4.49 -20.30
N ARG D 38 45.82 5.66 -20.70
CA ARG D 38 46.35 6.40 -21.83
C ARG D 38 47.18 7.59 -21.35
N GLN D 39 48.17 7.96 -22.15
CA GLN D 39 49.05 9.09 -21.87
C GLN D 39 49.26 9.83 -23.20
N ALA D 40 48.66 11.01 -23.33
CA ALA D 40 48.87 11.77 -24.54
C ALA D 40 50.30 12.30 -24.58
N PRO D 41 50.81 12.69 -25.75
CA PRO D 41 52.14 13.31 -25.78
C PRO D 41 52.13 14.65 -25.05
N GLY D 42 52.99 14.75 -24.03
CA GLY D 42 53.10 15.94 -23.22
C GLY D 42 52.17 16.03 -22.03
N LYS D 43 51.26 15.07 -21.85
CA LYS D 43 50.32 15.00 -20.74
C LYS D 43 50.61 13.78 -19.90
N GLY D 44 49.93 13.69 -18.76
CA GLY D 44 50.14 12.64 -17.80
C GLY D 44 49.23 11.45 -18.03
N LEU D 45 49.32 10.49 -17.11
CA LEU D 45 48.51 9.28 -17.21
C LEU D 45 47.04 9.59 -16.98
N GLU D 46 46.20 8.96 -17.80
CA GLU D 46 44.74 9.05 -17.66
C GLU D 46 44.17 7.64 -17.78
N TRP D 47 43.45 7.21 -16.77
CA TRP D 47 42.83 5.89 -16.77
C TRP D 47 41.64 5.88 -17.71
N VAL D 48 41.55 4.82 -18.51
CA VAL D 48 40.62 4.78 -19.64
C VAL D 48 39.42 3.93 -19.29
N SER D 49 39.67 2.67 -18.93
CA SER D 49 38.60 1.72 -18.66
C SER D 49 39.13 0.64 -17.72
N SER D 50 38.25 -0.29 -17.35
CA SER D 50 38.64 -1.36 -16.44
C SER D 50 37.70 -2.53 -16.60
N ILE D 51 38.14 -3.69 -16.11
CA ILE D 51 37.36 -4.91 -16.19
C ILE D 51 37.92 -5.89 -15.16
N SER D 52 37.03 -6.62 -14.51
CA SER D 52 37.39 -7.52 -13.43
C SER D 52 37.83 -8.87 -14.00
N SER D 53 38.06 -9.85 -13.12
CA SER D 53 38.53 -11.15 -13.56
C SER D 53 37.48 -11.89 -14.38
N SER D 54 36.22 -11.88 -13.91
CA SER D 54 35.12 -12.56 -14.57
C SER D 54 34.31 -11.66 -15.49
N SER D 55 34.80 -10.47 -15.83
CA SER D 55 34.13 -9.54 -16.73
C SER D 55 32.78 -9.08 -16.19
N SER D 56 32.63 -9.04 -14.87
CA SER D 56 31.36 -8.75 -14.22
C SER D 56 31.21 -7.29 -13.81
N TYR D 57 32.32 -6.59 -13.54
CA TYR D 57 32.32 -5.15 -13.24
C TYR D 57 33.23 -4.48 -14.26
N ILE D 58 32.66 -3.55 -15.02
CA ILE D 58 33.34 -2.84 -16.11
C ILE D 58 33.09 -1.35 -15.90
N TYR D 59 34.15 -0.55 -16.05
CA TYR D 59 34.13 0.85 -15.69
C TYR D 59 34.84 1.64 -16.77
N TYR D 60 34.42 2.89 -16.98
CA TYR D 60 35.02 3.76 -17.98
C TYR D 60 35.14 5.16 -17.39
N ALA D 61 36.08 5.93 -17.93
CA ALA D 61 36.21 7.32 -17.54
C ALA D 61 35.05 8.14 -18.11
N ASP D 62 34.89 9.34 -17.58
CA ASP D 62 33.75 10.18 -17.97
C ASP D 62 33.87 10.61 -19.43
N SER D 63 35.08 10.92 -19.89
CA SER D 63 35.29 11.23 -21.30
C SER D 63 35.27 9.99 -22.20
N VAL D 64 35.25 8.79 -21.62
CA VAL D 64 35.34 7.53 -22.35
C VAL D 64 34.01 6.80 -22.43
N LYS D 65 33.06 7.08 -21.53
CA LYS D 65 31.81 6.33 -21.44
C LYS D 65 30.99 6.44 -22.72
N GLY D 66 30.41 5.30 -23.12
CA GLY D 66 29.57 5.25 -24.29
C GLY D 66 30.28 5.26 -25.62
N ARG D 67 31.62 5.12 -25.63
CA ARG D 67 32.40 5.11 -26.88
C ARG D 67 33.29 3.88 -26.98
N PHE D 68 33.94 3.49 -25.88
CA PHE D 68 34.80 2.31 -25.83
C PHE D 68 34.03 1.15 -25.21
N THR D 69 34.52 -0.06 -25.49
CA THR D 69 33.92 -1.28 -24.96
C THR D 69 35.07 -2.23 -24.64
N ILE D 70 35.54 -2.17 -23.40
CA ILE D 70 36.56 -3.10 -22.91
C ILE D 70 35.98 -4.51 -22.90
N SER D 71 36.83 -5.50 -23.18
CA SER D 71 36.44 -6.89 -23.10
C SER D 71 37.70 -7.72 -22.92
N ARG D 72 37.52 -8.96 -22.47
CA ARG D 72 38.64 -9.86 -22.22
C ARG D 72 38.21 -11.28 -22.54
N ASP D 73 39.15 -12.05 -23.09
CA ASP D 73 39.02 -13.47 -23.36
C ASP D 73 39.98 -14.19 -22.41
N ASN D 74 39.42 -14.77 -21.35
CA ASN D 74 40.24 -15.49 -20.37
C ASN D 74 40.91 -16.71 -20.99
N ALA D 75 40.21 -17.43 -21.86
CA ALA D 75 40.80 -18.60 -22.49
C ALA D 75 41.98 -18.23 -23.38
N LYS D 76 41.84 -17.16 -24.17
CA LYS D 76 42.91 -16.69 -25.02
C LYS D 76 44.02 -15.97 -24.25
N ASN D 77 43.80 -15.60 -22.99
CA ASN D 77 44.73 -14.78 -22.21
C ASN D 77 45.04 -13.47 -22.93
N SER D 78 43.96 -12.78 -23.34
CA SER D 78 44.06 -11.52 -24.04
C SER D 78 42.99 -10.57 -23.53
N LEU D 79 43.27 -9.28 -23.63
CA LEU D 79 42.36 -8.19 -23.28
C LEU D 79 42.25 -7.28 -24.49
N TYR D 80 41.05 -6.72 -24.70
CA TYR D 80 40.72 -5.92 -25.86
C TYR D 80 40.00 -4.66 -25.43
N LEU D 81 40.21 -3.58 -26.19
CA LEU D 81 39.57 -2.29 -25.96
C LEU D 81 39.07 -1.76 -27.30
N GLN D 82 37.81 -2.07 -27.60
CA GLN D 82 37.18 -1.52 -28.79
C GLN D 82 37.06 -0.01 -28.65
N MET D 83 37.11 0.69 -29.79
CA MET D 83 37.06 2.14 -29.87
C MET D 83 36.06 2.53 -30.94
N ASN D 84 35.21 3.51 -30.64
CA ASN D 84 34.20 4.00 -31.57
C ASN D 84 34.05 5.51 -31.39
N SER D 85 34.00 6.22 -32.51
CA SER D 85 33.75 7.67 -32.53
C SER D 85 34.84 8.42 -31.76
N LEU D 86 36.08 8.26 -32.24
CA LEU D 86 37.24 8.86 -31.59
C LEU D 86 37.37 10.33 -31.97
N ARG D 87 37.74 11.14 -30.98
CA ARG D 87 38.12 12.53 -31.18
C ARG D 87 39.64 12.60 -31.27
N ALA D 88 40.18 13.78 -31.58
CA ALA D 88 41.63 13.98 -31.57
C ALA D 88 42.24 13.96 -30.18
N GLU D 89 41.43 14.04 -29.12
CA GLU D 89 41.94 14.00 -27.76
C GLU D 89 42.52 12.64 -27.38
N ASP D 90 42.16 11.56 -28.08
CA ASP D 90 42.63 10.22 -27.77
C ASP D 90 43.96 9.88 -28.45
N THR D 91 44.73 10.88 -28.88
CA THR D 91 46.09 10.65 -29.36
C THR D 91 46.95 10.32 -28.16
N ALA D 92 47.19 9.04 -27.91
CA ALA D 92 47.89 8.67 -26.68
C ALA D 92 48.45 7.25 -26.78
N VAL D 93 49.42 6.98 -25.91
CA VAL D 93 50.01 5.66 -25.76
C VAL D 93 49.15 4.91 -24.75
N TYR D 94 48.44 3.90 -25.22
CA TYR D 94 47.46 3.17 -24.40
C TYR D 94 48.16 2.00 -23.72
N TYR D 95 48.23 2.05 -22.39
CA TYR D 95 48.96 1.08 -21.58
C TYR D 95 48.00 0.03 -21.03
N CYS D 96 48.32 -1.23 -21.30
CA CYS D 96 47.68 -2.34 -20.60
C CYS D 96 48.27 -2.42 -19.20
N ALA D 97 47.42 -2.75 -18.22
CA ALA D 97 47.83 -2.72 -16.83
C ALA D 97 46.99 -3.69 -16.02
N ARG D 98 47.63 -4.31 -15.02
CA ARG D 98 47.07 -5.39 -14.22
C ARG D 98 46.91 -4.91 -12.78
N ALA D 99 45.69 -5.01 -12.27
CA ALA D 99 45.43 -4.77 -10.86
C ALA D 99 45.49 -6.09 -10.11
N PRO D 100 46.46 -6.32 -9.18
CA PRO D 100 46.50 -7.62 -8.49
C PRO D 100 45.31 -7.89 -7.59
N ALA D 101 44.99 -6.96 -6.70
CA ALA D 101 43.83 -7.12 -5.84
C ALA D 101 42.56 -7.03 -6.67
N ALA D 102 41.60 -7.91 -6.36
CA ALA D 102 40.36 -7.96 -7.13
C ALA D 102 39.53 -6.70 -7.01
N ILE D 103 39.62 -5.99 -5.88
CA ILE D 103 38.88 -4.75 -5.63
C ILE D 103 39.80 -3.54 -5.75
N SER D 104 40.87 -3.53 -4.98
CA SER D 104 41.85 -2.45 -5.06
C SER D 104 42.58 -2.52 -6.39
N TYR D 105 42.73 -1.39 -7.06
CA TYR D 105 43.18 -1.28 -8.45
C TYR D 105 44.45 -0.44 -8.55
N TYR D 106 45.46 -0.76 -7.74
CA TYR D 106 46.82 -0.34 -8.03
C TYR D 106 47.37 -1.22 -9.16
N MET D 107 47.93 -0.58 -10.18
CA MET D 107 48.39 -1.27 -11.39
C MET D 107 49.83 -1.72 -11.17
N ASP D 108 50.04 -3.04 -11.07
CA ASP D 108 51.37 -3.55 -10.72
C ASP D 108 52.28 -3.64 -11.93
N VAL D 109 51.93 -4.47 -12.92
CA VAL D 109 52.72 -4.67 -14.14
C VAL D 109 52.05 -3.96 -15.29
N TRP D 110 52.86 -3.26 -16.10
CA TRP D 110 52.41 -2.43 -17.20
C TRP D 110 53.06 -2.92 -18.48
N GLY D 111 52.41 -2.63 -19.60
CA GLY D 111 52.90 -3.00 -20.92
C GLY D 111 53.63 -1.87 -21.61
N LYS D 112 54.19 -2.19 -22.77
CA LYS D 112 54.94 -1.20 -23.54
C LYS D 112 54.02 -0.08 -24.02
N GLY D 113 52.85 -0.43 -24.53
CA GLY D 113 51.86 0.51 -25.02
C GLY D 113 51.97 0.72 -26.51
N THR D 114 50.83 1.00 -27.14
CA THR D 114 50.71 1.24 -28.57
C THR D 114 50.22 2.65 -28.79
N THR D 115 50.94 3.41 -29.62
CA THR D 115 50.66 4.83 -29.82
C THR D 115 49.50 4.98 -30.81
N VAL D 116 48.28 5.03 -30.28
CA VAL D 116 47.11 5.31 -31.10
C VAL D 116 47.09 6.81 -31.38
N THR D 117 46.98 7.17 -32.66
CA THR D 117 46.93 8.56 -33.12
C THR D 117 45.68 8.75 -33.97
N VAL D 118 44.83 9.68 -33.55
CA VAL D 118 43.55 9.98 -34.18
C VAL D 118 43.69 11.36 -34.82
N SER D 119 43.91 11.40 -36.12
CA SER D 119 44.12 12.66 -36.83
C SER D 119 43.79 12.47 -38.30
N GLY D 120 43.63 13.59 -38.99
CA GLY D 120 43.32 13.58 -40.40
C GLY D 120 44.40 12.95 -41.26
N ASP E 1 33.80 14.90 -9.37
CA ASP E 1 34.84 13.83 -9.47
C ASP E 1 35.93 14.06 -8.45
N ILE E 2 36.68 13.00 -8.14
CA ILE E 2 37.74 13.03 -7.12
C ILE E 2 39.08 13.30 -7.79
N VAL E 3 39.42 14.60 -7.89
CA VAL E 3 40.61 15.05 -8.61
C VAL E 3 41.79 15.08 -7.65
N MET E 4 42.96 14.71 -8.15
CA MET E 4 44.20 14.63 -7.39
C MET E 4 45.13 15.75 -7.85
N THR E 5 45.92 16.29 -6.92
CA THR E 5 46.82 17.41 -7.20
C THR E 5 48.15 17.17 -6.51
N GLN E 6 49.25 17.39 -7.26
CA GLN E 6 50.61 17.32 -6.75
C GLN E 6 51.17 18.73 -6.69
N SER E 7 51.64 19.13 -5.51
CA SER E 7 52.07 20.51 -5.33
C SER E 7 53.32 20.84 -6.14
N PRO E 8 54.43 20.10 -6.05
CA PRO E 8 55.56 20.34 -6.96
C PRO E 8 55.38 19.62 -8.29
N ASP E 9 55.59 20.36 -9.38
CA ASP E 9 55.49 19.85 -10.74
C ASP E 9 56.84 19.57 -11.38
N SER E 10 57.89 20.28 -10.97
CA SER E 10 59.26 20.05 -11.45
C SER E 10 60.19 20.27 -10.27
N LEU E 11 60.50 19.18 -9.57
CA LEU E 11 61.34 19.24 -8.38
C LEU E 11 62.81 19.30 -8.78
N ALA E 12 63.54 20.24 -8.19
CA ALA E 12 64.97 20.43 -8.41
C ALA E 12 65.70 19.89 -7.19
N VAL E 13 66.19 18.66 -7.30
CA VAL E 13 66.87 17.94 -6.23
C VAL E 13 68.23 17.48 -6.77
N SER E 14 69.30 17.86 -6.08
CA SER E 14 70.62 17.42 -6.46
C SER E 14 70.81 15.95 -6.11
N LEU E 15 71.94 15.40 -6.55
CA LEU E 15 72.21 13.99 -6.32
C LEU E 15 72.49 13.74 -4.84
N GLY E 16 71.95 12.64 -4.32
CA GLY E 16 72.29 12.15 -3.00
C GLY E 16 71.48 12.73 -1.85
N GLU E 17 70.64 13.72 -2.08
CA GLU E 17 69.85 14.38 -1.04
C GLU E 17 68.37 13.99 -1.18
N ARG E 18 67.59 14.46 -0.21
CA ARG E 18 66.21 14.02 -0.06
C ARG E 18 65.32 14.70 -1.09
N ALA E 19 64.28 13.97 -1.52
CA ALA E 19 63.25 14.49 -2.43
C ALA E 19 61.88 14.11 -1.89
N THR E 20 60.99 15.09 -1.82
CA THR E 20 59.63 14.92 -1.31
C THR E 20 58.65 15.43 -2.37
N ILE E 21 57.71 14.58 -2.74
CA ILE E 21 56.71 14.85 -3.78
C ILE E 21 55.35 14.77 -3.10
N ASN E 22 54.72 15.92 -2.88
CA ASN E 22 53.43 15.96 -2.21
C ASN E 22 52.32 15.65 -3.21
N CYS E 23 51.25 15.04 -2.72
CA CYS E 23 50.10 14.67 -3.54
C CYS E 23 48.84 14.80 -2.70
N LYS E 24 48.15 15.93 -2.85
CA LYS E 24 46.88 16.17 -2.18
C LYS E 24 45.75 15.47 -2.95
N SER E 25 44.66 15.23 -2.22
CA SER E 25 43.43 14.64 -2.75
C SER E 25 42.27 15.56 -2.42
N SER E 26 41.36 15.72 -3.39
CA SER E 26 40.19 16.57 -3.16
C SER E 26 39.29 15.99 -2.08
N GLN E 27 39.22 14.67 -1.99
CA GLN E 27 38.45 13.96 -0.98
C GLN E 27 39.37 12.95 -0.30
N SER E 28 39.11 12.67 0.97
CA SER E 28 39.98 11.81 1.76
C SER E 28 39.91 10.38 1.25
N VAL E 29 41.01 9.91 0.65
CA VAL E 29 41.07 8.52 0.16
C VAL E 29 41.24 7.51 1.28
N LEU E 30 41.53 7.94 2.52
CA LEU E 30 41.47 7.04 3.65
C LEU E 30 40.05 6.53 3.84
N TYR E 31 39.94 5.21 4.04
CA TYR E 31 38.69 4.54 4.36
C TYR E 31 38.76 4.08 5.81
N SER E 32 37.91 4.65 6.65
CA SER E 32 38.00 4.44 8.08
C SER E 32 37.70 3.01 8.50
N SER E 33 36.90 2.28 7.73
CA SER E 33 36.46 0.96 8.19
C SER E 33 37.55 -0.10 8.11
N ASN E 34 38.61 0.14 7.33
CA ASN E 34 39.83 -0.68 7.37
C ASN E 34 41.10 0.13 7.58
N ASN E 35 41.03 1.46 7.63
CA ASN E 35 42.16 2.32 7.96
C ASN E 35 43.29 2.18 6.95
N LYS E 36 42.92 2.02 5.67
CA LYS E 36 43.85 1.86 4.57
C LYS E 36 43.72 3.07 3.65
N ASN E 37 44.85 3.71 3.37
CA ASN E 37 44.89 4.90 2.52
C ASN E 37 44.96 4.46 1.06
N TYR E 38 43.84 4.57 0.35
CA TYR E 38 43.75 4.08 -1.01
C TYR E 38 44.53 5.04 -1.92
N LEU E 39 45.83 4.79 -2.04
CA LEU E 39 46.70 5.57 -2.92
C LEU E 39 47.81 4.68 -3.47
N ALA E 40 48.22 4.98 -4.70
CA ALA E 40 49.36 4.37 -5.36
C ALA E 40 50.37 5.45 -5.71
N TRP E 41 51.58 5.01 -6.02
CA TRP E 41 52.65 5.90 -6.47
C TRP E 41 53.39 5.19 -7.60
N TYR E 42 53.62 5.92 -8.69
CA TYR E 42 54.18 5.39 -9.93
C TYR E 42 55.46 6.13 -10.28
N GLN E 43 56.18 5.57 -11.26
CA GLN E 43 57.45 6.12 -11.72
C GLN E 43 57.56 5.83 -13.21
N GLN E 44 57.62 6.89 -14.03
CA GLN E 44 57.64 6.80 -15.48
C GLN E 44 58.88 7.52 -16.00
N LYS E 45 59.88 6.76 -16.42
CA LYS E 45 61.01 7.34 -17.11
C LYS E 45 60.58 7.72 -18.53
N PRO E 46 61.34 8.57 -19.23
CA PRO E 46 60.96 8.91 -20.61
C PRO E 46 61.09 7.69 -21.52
N GLY E 47 59.98 7.31 -22.14
CA GLY E 47 59.97 6.17 -23.04
C GLY E 47 59.98 4.83 -22.35
N GLN E 48 59.38 4.74 -21.16
CA GLN E 48 59.24 3.51 -20.40
C GLN E 48 57.86 3.54 -19.75
N PRO E 49 57.31 2.38 -19.38
CA PRO E 49 55.98 2.38 -18.77
C PRO E 49 56.06 2.87 -17.33
N PRO E 50 54.93 3.25 -16.71
CA PRO E 50 54.95 3.52 -15.27
C PRO E 50 55.31 2.27 -14.47
N LYS E 51 56.01 2.50 -13.36
CA LYS E 51 56.43 1.46 -12.42
C LYS E 51 55.83 1.78 -11.06
N LEU E 52 54.93 0.93 -10.58
CA LEU E 52 54.35 1.09 -9.26
C LEU E 52 55.45 1.00 -8.19
N LEU E 53 55.45 1.96 -7.28
CA LEU E 53 56.45 2.05 -6.22
C LEU E 53 55.84 1.81 -4.84
N ILE E 54 54.87 2.63 -4.43
CA ILE E 54 54.22 2.55 -3.13
C ILE E 54 52.73 2.44 -3.37
N TYR E 55 52.10 1.46 -2.73
CA TYR E 55 50.65 1.26 -2.78
C TYR E 55 50.13 1.14 -1.36
N TRP E 56 48.85 1.48 -1.19
CA TRP E 56 48.20 1.77 0.10
C TRP E 56 48.82 2.98 0.81
N ALA E 57 49.58 3.82 0.10
CA ALA E 57 50.24 5.04 0.57
C ALA E 57 51.46 4.82 1.48
N SER E 58 51.71 3.58 1.93
CA SER E 58 52.90 3.22 2.72
C SER E 58 53.58 1.95 2.22
N THR E 59 52.81 0.96 1.78
CA THR E 59 53.38 -0.34 1.47
C THR E 59 54.12 -0.30 0.14
N ARG E 60 55.33 -0.86 0.14
CA ARG E 60 56.26 -0.74 -0.98
C ARG E 60 56.23 -2.02 -1.81
N GLU E 61 56.11 -1.84 -3.13
CA GLU E 61 56.06 -2.97 -4.04
C GLU E 61 57.40 -3.68 -4.07
N SER E 62 57.35 -5.00 -4.29
CA SER E 62 58.55 -5.81 -4.31
C SER E 62 59.44 -5.42 -5.49
N GLY E 63 60.75 -5.42 -5.25
CA GLY E 63 61.71 -4.98 -6.24
C GLY E 63 61.96 -3.47 -6.28
N VAL E 64 61.21 -2.69 -5.51
CA VAL E 64 61.39 -1.24 -5.44
C VAL E 64 62.62 -0.99 -4.58
N PRO E 65 63.47 0.01 -4.86
CA PRO E 65 64.55 0.32 -3.92
C PRO E 65 64.01 0.83 -2.59
N ASP E 66 64.73 0.53 -1.52
CA ASP E 66 64.29 0.89 -0.18
C ASP E 66 64.31 2.39 0.07
N ARG E 67 65.03 3.17 -0.74
CA ARG E 67 65.04 4.62 -0.56
C ARG E 67 63.66 5.23 -0.77
N PHE E 68 62.85 4.63 -1.64
CA PHE E 68 61.46 5.06 -1.76
C PHE E 68 60.68 4.71 -0.50
N SER E 69 59.87 5.67 -0.04
CA SER E 69 59.01 5.42 1.12
C SER E 69 57.90 6.45 1.12
N GLY E 70 56.66 5.99 0.93
CA GLY E 70 55.51 6.87 1.02
C GLY E 70 55.03 7.05 2.44
N SER E 71 54.25 8.11 2.65
CA SER E 71 53.74 8.44 3.97
C SER E 71 52.48 9.29 3.79
N GLY E 72 52.00 9.86 4.90
CA GLY E 72 50.82 10.70 4.89
C GLY E 72 49.54 9.91 5.01
N SER E 73 48.45 10.65 5.19
CA SER E 73 47.13 10.03 5.37
C SER E 73 46.06 11.01 4.95
N GLY E 74 44.85 10.48 4.74
CA GLY E 74 43.71 11.30 4.41
C GLY E 74 43.78 11.90 3.03
N THR E 75 43.95 13.22 2.96
CA THR E 75 44.09 13.96 1.72
C THR E 75 45.55 14.20 1.37
N ASP E 76 46.35 14.65 2.34
CA ASP E 76 47.74 14.98 2.11
C ASP E 76 48.59 13.72 2.12
N PHE E 77 49.51 13.61 1.16
CA PHE E 77 50.42 12.49 1.04
C PHE E 77 51.78 12.99 0.58
N THR E 78 52.80 12.14 0.72
CA THR E 78 54.15 12.45 0.27
C THR E 78 54.83 11.16 -0.19
N LEU E 79 55.68 11.30 -1.21
CA LEU E 79 56.62 10.27 -1.63
C LEU E 79 58.03 10.75 -1.30
N THR E 80 58.69 10.07 -0.37
CA THR E 80 60.00 10.44 0.12
C THR E 80 61.05 9.54 -0.52
N ILE E 81 62.04 10.16 -1.15
CA ILE E 81 63.24 9.48 -1.64
C ILE E 81 64.35 9.87 -0.68
N SER E 82 64.96 8.86 -0.04
CA SER E 82 65.99 9.16 0.95
C SER E 82 67.23 9.78 0.32
N SER E 83 67.57 9.38 -0.90
CA SER E 83 68.73 9.94 -1.60
C SER E 83 68.53 9.70 -3.09
N LEU E 84 68.39 10.78 -3.85
CA LEU E 84 68.15 10.65 -5.28
C LEU E 84 69.37 10.07 -5.98
N GLN E 85 69.10 9.26 -7.00
CA GLN E 85 70.11 8.71 -7.91
C GLN E 85 69.78 9.14 -9.34
N ALA E 86 70.69 8.84 -10.26
CA ALA E 86 70.44 9.13 -11.66
C ALA E 86 69.28 8.31 -12.21
N GLU E 87 69.05 7.11 -11.67
CA GLU E 87 67.94 6.27 -12.11
C GLU E 87 66.59 6.75 -11.56
N ASP E 88 66.58 7.61 -10.55
CA ASP E 88 65.34 8.17 -10.01
C ASP E 88 64.81 9.35 -10.80
N VAL E 89 65.50 9.79 -11.86
CA VAL E 89 65.02 10.89 -12.68
C VAL E 89 63.84 10.39 -13.51
N ALA E 90 62.63 10.71 -13.08
CA ALA E 90 61.42 10.18 -13.71
C ALA E 90 60.23 11.02 -13.28
N VAL E 91 59.14 10.87 -14.02
CA VAL E 91 57.88 11.54 -13.71
C VAL E 91 57.10 10.65 -12.76
N TYR E 92 56.80 11.16 -11.56
CA TYR E 92 56.15 10.41 -10.51
C TYR E 92 54.67 10.77 -10.46
N TYR E 93 53.81 9.76 -10.60
CA TYR E 93 52.37 9.92 -10.63
C TYR E 93 51.76 9.22 -9.42
N CYS E 94 50.88 9.94 -8.71
CA CYS E 94 50.08 9.37 -7.64
C CYS E 94 48.68 9.10 -8.14
N GLN E 95 48.12 7.96 -7.73
CA GLN E 95 46.85 7.46 -8.24
C GLN E 95 46.06 6.87 -7.08
N GLN E 96 44.91 7.46 -6.80
CA GLN E 96 43.97 6.87 -5.88
C GLN E 96 43.23 5.72 -6.54
N TYR E 97 42.74 4.81 -5.70
CA TYR E 97 41.81 3.78 -6.14
C TYR E 97 40.69 3.62 -5.11
N TYR E 98 40.32 4.71 -4.44
CA TYR E 98 39.12 4.71 -3.62
C TYR E 98 37.88 4.58 -4.50
N SER E 99 37.72 5.52 -5.44
CA SER E 99 36.62 5.48 -6.40
C SER E 99 37.06 4.59 -7.55
N THR E 100 36.68 3.32 -7.47
CA THR E 100 36.95 2.40 -8.57
C THR E 100 36.31 2.83 -9.90
N PRO E 101 35.07 3.34 -9.97
CA PRO E 101 34.56 3.78 -11.29
C PRO E 101 35.31 4.96 -11.88
N ALA E 102 36.02 5.76 -11.07
CA ALA E 102 36.79 6.91 -11.54
C ALA E 102 38.14 6.90 -10.83
N LEU E 103 39.11 6.20 -11.43
CA LEU E 103 40.50 6.27 -11.00
C LEU E 103 41.15 7.48 -11.66
N THR E 104 41.57 8.45 -10.86
CA THR E 104 42.19 9.68 -11.35
C THR E 104 43.64 9.73 -10.89
N PHE E 105 44.55 9.89 -11.84
CA PHE E 105 45.96 10.08 -11.57
C PHE E 105 46.22 11.53 -11.21
N GLY E 106 47.42 11.79 -10.68
CA GLY E 106 47.88 13.13 -10.44
C GLY E 106 48.41 13.78 -11.70
N GLY E 107 48.79 15.06 -11.57
CA GLY E 107 49.38 15.77 -12.69
C GLY E 107 50.72 15.20 -13.09
N GLY E 108 51.58 14.92 -12.11
CA GLY E 108 52.89 14.35 -12.31
C GLY E 108 54.03 15.28 -11.92
N THR E 109 54.97 14.76 -11.14
CA THR E 109 56.15 15.50 -10.69
C THR E 109 57.38 14.83 -11.28
N LYS E 110 58.22 15.63 -11.96
CA LYS E 110 59.46 15.16 -12.56
C LYS E 110 60.63 15.70 -11.74
N VAL E 111 61.38 14.79 -11.13
CA VAL E 111 62.53 15.14 -10.32
C VAL E 111 63.74 15.25 -11.25
N GLU E 112 64.40 16.41 -11.22
CA GLU E 112 65.54 16.73 -12.07
C GLU E 112 66.79 16.91 -11.21
N ILE E 113 67.94 16.52 -11.78
CA ILE E 113 69.21 16.68 -11.09
C ILE E 113 69.60 18.16 -11.16
N LYS E 114 69.85 18.77 -10.00
CA LYS E 114 70.24 20.16 -9.93
C LYS E 114 71.75 20.28 -10.16
N GLU F 1 -26.66 -39.84 40.88
CA GLU F 1 -26.84 -39.97 39.40
C GLU F 1 -25.64 -39.38 38.66
N VAL F 2 -25.37 -38.11 38.89
CA VAL F 2 -24.28 -37.42 38.21
C VAL F 2 -22.99 -37.79 38.90
N GLN F 3 -22.01 -38.28 38.12
CA GLN F 3 -20.78 -38.81 38.69
C GLN F 3 -19.66 -38.71 37.67
N LEU F 4 -18.43 -38.59 38.19
CA LEU F 4 -17.21 -38.48 37.38
C LEU F 4 -16.14 -39.33 38.05
N VAL F 5 -16.03 -40.59 37.61
CA VAL F 5 -15.06 -41.52 38.17
C VAL F 5 -13.76 -41.40 37.40
N GLU F 6 -12.66 -41.17 38.11
CA GLU F 6 -11.34 -41.02 37.53
C GLU F 6 -10.55 -42.32 37.64
N SER F 7 -9.55 -42.47 36.77
CA SER F 7 -8.68 -43.63 36.78
C SER F 7 -7.37 -43.27 36.09
N GLY F 8 -6.37 -44.11 36.29
CA GLY F 8 -5.06 -43.97 35.68
C GLY F 8 -3.98 -43.40 36.58
N GLY F 9 -4.28 -43.09 37.85
CA GLY F 9 -3.27 -42.60 38.75
C GLY F 9 -2.43 -43.71 39.35
N GLY F 10 -1.25 -43.34 39.82
CA GLY F 10 -0.35 -44.30 40.44
C GLY F 10 1.06 -43.77 40.48
N LEU F 11 1.99 -44.70 40.72
CA LEU F 11 3.40 -44.35 40.82
C LEU F 11 3.96 -43.91 39.47
N VAL F 12 4.76 -42.85 39.49
CA VAL F 12 5.40 -42.31 38.31
C VAL F 12 6.82 -41.88 38.70
N LYS F 13 7.77 -42.07 37.79
CA LYS F 13 9.13 -41.59 37.98
C LYS F 13 9.25 -40.14 37.51
N PRO F 14 10.32 -39.43 37.87
CA PRO F 14 10.53 -38.10 37.28
C PRO F 14 10.78 -38.21 35.79
N GLY F 15 10.06 -37.38 35.03
CA GLY F 15 10.11 -37.41 33.58
C GLY F 15 9.19 -38.43 32.94
N GLY F 16 8.50 -39.26 33.71
CA GLY F 16 7.63 -40.26 33.13
C GLY F 16 6.32 -39.68 32.62
N SER F 17 5.69 -40.46 31.75
CA SER F 17 4.41 -40.11 31.13
C SER F 17 3.28 -40.91 31.78
N LEU F 18 2.13 -40.25 31.94
CA LEU F 18 0.95 -40.88 32.50
C LEU F 18 -0.27 -40.30 31.79
N ARG F 19 -1.32 -41.11 31.67
CA ARG F 19 -2.58 -40.73 31.06
C ARG F 19 -3.72 -41.04 32.02
N LEU F 20 -4.48 -40.01 32.37
CA LEU F 20 -5.67 -40.15 33.21
C LEU F 20 -6.89 -40.41 32.34
N SER F 21 -7.96 -40.86 32.99
CA SER F 21 -9.20 -41.19 32.31
C SER F 21 -10.35 -40.95 33.27
N CYS F 22 -11.26 -40.07 32.88
CA CYS F 22 -12.43 -39.68 33.67
C CYS F 22 -13.70 -40.14 32.96
N ALA F 23 -14.22 -41.30 33.36
CA ALA F 23 -15.51 -41.75 32.86
C ALA F 23 -16.60 -40.83 33.39
N ALA F 24 -17.60 -40.57 32.54
CA ALA F 24 -18.73 -39.71 32.85
C ALA F 24 -20.03 -40.49 32.75
N SER F 25 -20.97 -40.15 33.61
CA SER F 25 -22.27 -40.81 33.62
C SER F 25 -23.29 -39.90 34.30
N GLY F 26 -24.55 -40.13 33.97
CA GLY F 26 -25.63 -39.39 34.58
C GLY F 26 -25.90 -38.02 34.01
N PHE F 27 -25.22 -37.62 32.95
CA PHE F 27 -25.43 -36.30 32.35
C PHE F 27 -24.94 -36.34 30.91
N THR F 28 -25.35 -35.32 30.15
CA THR F 28 -24.93 -35.17 28.76
C THR F 28 -23.47 -34.69 28.75
N PHE F 29 -22.55 -35.59 28.44
CA PHE F 29 -21.14 -35.24 28.44
C PHE F 29 -20.79 -34.26 27.32
N SER F 30 -21.49 -34.33 26.18
CA SER F 30 -21.17 -33.53 25.01
C SER F 30 -21.86 -32.18 24.99
N SER F 31 -22.26 -31.66 26.15
CA SER F 31 -22.90 -30.34 26.27
C SER F 31 -22.28 -29.46 27.35
N TYR F 32 -21.56 -30.02 28.32
CA TYR F 32 -20.94 -29.30 29.41
C TYR F 32 -19.42 -29.41 29.30
N SER F 33 -18.74 -28.28 29.44
CA SER F 33 -17.28 -28.29 29.41
C SER F 33 -16.74 -29.06 30.61
N MET F 34 -15.46 -29.45 30.50
CA MET F 34 -14.77 -30.24 31.51
C MET F 34 -13.46 -29.56 31.87
N ASN F 35 -13.04 -29.79 33.11
CA ASN F 35 -11.86 -29.18 33.69
C ASN F 35 -11.13 -30.21 34.54
N TRP F 36 -9.84 -29.97 34.74
CA TRP F 36 -8.97 -30.79 35.59
C TRP F 36 -8.38 -29.90 36.66
N VAL F 37 -8.50 -30.31 37.92
CA VAL F 37 -8.06 -29.55 39.08
C VAL F 37 -7.25 -30.48 39.97
N ARG F 38 -6.00 -30.14 40.23
CA ARG F 38 -5.10 -30.90 41.09
C ARG F 38 -4.98 -30.24 42.45
N GLN F 39 -4.70 -31.06 43.45
CA GLN F 39 -4.54 -30.62 44.83
C GLN F 39 -3.43 -31.45 45.46
N ALA F 40 -2.26 -30.85 45.64
CA ALA F 40 -1.16 -31.57 46.27
C ALA F 40 -1.48 -31.80 47.74
N PRO F 41 -0.83 -32.76 48.39
CA PRO F 41 -1.03 -32.91 49.84
C PRO F 41 -0.55 -31.68 50.59
N GLY F 42 -1.46 -31.10 51.38
CA GLY F 42 -1.16 -29.91 52.15
C GLY F 42 -1.19 -28.61 51.38
N LYS F 43 -1.76 -28.59 50.18
CA LYS F 43 -1.89 -27.41 49.34
C LYS F 43 -3.32 -27.30 48.84
N GLY F 44 -3.65 -26.13 48.30
CA GLY F 44 -4.99 -25.85 47.84
C GLY F 44 -5.23 -26.33 46.42
N LEU F 45 -6.45 -26.09 45.96
CA LEU F 45 -6.84 -26.48 44.60
C LEU F 45 -6.07 -25.65 43.59
N GLU F 46 -5.68 -26.30 42.49
CA GLU F 46 -5.02 -25.66 41.36
C GLU F 46 -5.61 -26.21 40.08
N TRP F 47 -6.12 -25.32 39.24
CA TRP F 47 -6.69 -25.72 37.96
C TRP F 47 -5.57 -26.11 37.00
N VAL F 48 -5.77 -27.23 36.30
CA VAL F 48 -4.72 -27.88 35.53
C VAL F 48 -4.94 -27.56 34.06
N SER F 49 -6.10 -27.91 33.54
CA SER F 49 -6.39 -27.80 32.11
C SER F 49 -7.90 -27.67 31.93
N SER F 50 -8.31 -27.57 30.67
CA SER F 50 -9.72 -27.40 30.35
C SER F 50 -9.98 -27.80 28.91
N ILE F 51 -11.26 -28.07 28.61
CA ILE F 51 -11.68 -28.41 27.27
C ILE F 51 -13.19 -28.19 27.18
N SER F 52 -13.62 -27.61 26.08
CA SER F 52 -15.03 -27.30 25.85
C SER F 52 -15.77 -28.54 25.34
N SER F 53 -17.05 -28.37 25.05
CA SER F 53 -17.89 -29.51 24.64
C SER F 53 -17.44 -30.10 23.31
N SER F 54 -17.16 -29.25 22.33
CA SER F 54 -16.74 -29.68 21.00
C SER F 54 -15.22 -29.80 20.85
N SER F 55 -14.46 -29.75 21.96
CA SER F 55 -13.01 -29.89 21.95
C SER F 55 -12.34 -28.77 21.14
N SER F 56 -12.98 -27.61 21.05
CA SER F 56 -12.53 -26.52 20.18
C SER F 56 -11.78 -25.43 20.93
N TYR F 57 -12.00 -25.30 22.24
CA TYR F 57 -11.25 -24.39 23.10
C TYR F 57 -10.62 -25.20 24.23
N ILE F 58 -9.29 -25.18 24.29
CA ILE F 58 -8.50 -25.91 25.27
C ILE F 58 -7.55 -24.93 25.94
N TYR F 59 -7.42 -25.03 27.26
CA TYR F 59 -6.58 -24.16 28.07
C TYR F 59 -5.76 -24.98 29.03
N TYR F 60 -4.61 -24.42 29.45
CA TYR F 60 -3.74 -25.05 30.43
C TYR F 60 -3.22 -23.97 31.37
N ALA F 61 -2.86 -24.40 32.57
CA ALA F 61 -2.20 -23.49 33.50
C ALA F 61 -0.77 -23.22 33.03
N ASP F 62 -0.16 -22.17 33.60
CA ASP F 62 1.17 -21.76 33.15
C ASP F 62 2.22 -22.80 33.49
N SER F 63 2.12 -23.43 34.66
CA SER F 63 3.02 -24.52 35.02
C SER F 63 2.75 -25.81 34.27
N VAL F 64 1.64 -25.90 33.53
CA VAL F 64 1.18 -27.13 32.89
C VAL F 64 1.35 -27.09 31.37
N LYS F 65 1.51 -25.91 30.76
CA LYS F 65 1.60 -25.79 29.30
C LYS F 65 2.81 -26.53 28.75
N GLY F 66 2.62 -27.15 27.59
CA GLY F 66 3.70 -27.87 26.93
C GLY F 66 4.05 -29.21 27.55
N ARG F 67 3.28 -29.69 28.52
CA ARG F 67 3.54 -30.95 29.21
C ARG F 67 2.33 -31.87 29.24
N PHE F 68 1.13 -31.28 29.31
CA PHE F 68 -0.13 -32.01 29.34
C PHE F 68 -0.82 -31.85 28.00
N THR F 69 -1.77 -32.77 27.73
CA THR F 69 -2.60 -32.67 26.53
C THR F 69 -3.96 -33.26 26.87
N ILE F 70 -4.88 -32.39 27.28
CA ILE F 70 -6.25 -32.80 27.56
C ILE F 70 -6.95 -33.16 26.24
N SER F 71 -7.89 -34.10 26.33
CA SER F 71 -8.71 -34.49 25.21
C SER F 71 -9.98 -35.12 25.76
N ARG F 72 -10.95 -35.34 24.88
CA ARG F 72 -12.19 -36.00 25.26
C ARG F 72 -12.72 -36.82 24.10
N ASP F 73 -13.54 -37.80 24.44
CA ASP F 73 -14.30 -38.62 23.47
C ASP F 73 -15.76 -38.51 23.87
N ASN F 74 -16.52 -37.71 23.13
CA ASN F 74 -17.92 -37.51 23.43
C ASN F 74 -18.73 -38.80 23.28
N ALA F 75 -18.42 -39.60 22.26
CA ALA F 75 -19.14 -40.85 22.06
C ALA F 75 -18.89 -41.82 23.21
N LYS F 76 -17.66 -41.90 23.68
CA LYS F 76 -17.33 -42.78 24.81
C LYS F 76 -17.75 -42.22 26.16
N ASN F 77 -18.12 -40.92 26.24
CA ASN F 77 -18.42 -40.25 27.51
C ASN F 77 -17.25 -40.36 28.48
N SER F 78 -16.06 -40.00 27.98
CA SER F 78 -14.83 -40.04 28.76
C SER F 78 -14.01 -38.80 28.47
N LEU F 79 -13.19 -38.43 29.46
CA LEU F 79 -12.24 -37.32 29.37
C LEU F 79 -10.87 -37.84 29.78
N TYR F 80 -9.84 -37.36 29.09
CA TYR F 80 -8.48 -37.83 29.24
C TYR F 80 -7.54 -36.65 29.42
N LEU F 81 -6.45 -36.88 30.16
CA LEU F 81 -5.42 -35.86 30.40
C LEU F 81 -4.07 -36.56 30.32
N GLN F 82 -3.42 -36.46 29.17
CA GLN F 82 -2.07 -36.96 29.01
C GLN F 82 -1.13 -36.14 29.89
N MET F 83 -0.05 -36.78 30.34
CA MET F 83 1.02 -36.15 31.10
C MET F 83 2.35 -36.53 30.47
N ASN F 84 3.25 -35.56 30.34
CA ASN F 84 4.57 -35.76 29.74
C ASN F 84 5.59 -34.90 30.46
N SER F 85 6.73 -35.51 30.78
CA SER F 85 7.84 -34.83 31.44
C SER F 85 7.42 -34.26 32.80
N LEU F 86 6.98 -35.16 33.67
CA LEU F 86 6.43 -34.77 34.96
C LEU F 86 7.54 -34.50 35.96
N ARG F 87 7.42 -33.37 36.67
CA ARG F 87 8.30 -33.03 37.77
C ARG F 87 7.74 -33.58 39.08
N ALA F 88 8.48 -33.38 40.16
CA ALA F 88 8.00 -33.78 41.49
C ALA F 88 6.88 -32.90 42.03
N GLU F 89 6.56 -31.77 41.38
CA GLU F 89 5.54 -30.87 41.87
C GLU F 89 4.12 -31.36 41.61
N ASP F 90 3.93 -32.36 40.75
CA ASP F 90 2.60 -32.86 40.37
C ASP F 90 2.14 -34.03 41.23
N THR F 91 2.68 -34.19 42.44
CA THR F 91 2.14 -35.15 43.40
C THR F 91 0.82 -34.60 43.90
N ALA F 92 -0.29 -35.02 43.30
CA ALA F 92 -1.57 -34.41 43.63
C ALA F 92 -2.73 -35.31 43.26
N VAL F 93 -3.86 -35.02 43.89
CA VAL F 93 -5.13 -35.71 43.62
C VAL F 93 -5.81 -34.95 42.49
N TYR F 94 -5.81 -35.52 41.30
CA TYR F 94 -6.31 -34.85 40.11
C TYR F 94 -7.82 -35.04 40.02
N TYR F 95 -8.57 -33.97 40.29
CA TYR F 95 -10.03 -34.01 40.28
C TYR F 95 -10.57 -33.71 38.89
N CYS F 96 -11.67 -34.37 38.55
CA CYS F 96 -12.37 -34.20 37.29
C CYS F 96 -13.59 -33.31 37.52
N ALA F 97 -13.62 -32.15 36.86
CA ALA F 97 -14.54 -31.07 37.17
C ALA F 97 -15.32 -30.66 35.93
N ARG F 98 -16.63 -30.53 36.08
CA ARG F 98 -17.55 -30.21 35.00
C ARG F 98 -18.09 -28.80 35.19
N ALA F 99 -17.93 -27.97 34.15
CA ALA F 99 -18.52 -26.64 34.12
C ALA F 99 -19.89 -26.71 33.44
N PRO F 100 -21.02 -26.36 34.11
CA PRO F 100 -22.31 -26.43 33.41
C PRO F 100 -22.44 -25.43 32.27
N ALA F 101 -22.13 -24.17 32.54
CA ALA F 101 -22.24 -23.14 31.50
C ALA F 101 -21.11 -23.30 30.49
N ALA F 102 -21.43 -23.04 29.22
CA ALA F 102 -20.48 -23.26 28.14
C ALA F 102 -19.30 -22.29 28.22
N ILE F 103 -19.54 -21.05 28.67
CA ILE F 103 -18.50 -20.02 28.79
C ILE F 103 -18.07 -19.85 30.25
N SER F 104 -19.03 -19.72 31.16
CA SER F 104 -18.73 -19.60 32.57
C SER F 104 -18.32 -20.95 33.13
N TYR F 105 -17.20 -20.96 33.86
CA TYR F 105 -16.48 -22.18 34.22
C TYR F 105 -16.47 -22.40 35.74
N TYR F 106 -17.63 -22.19 36.37
CA TYR F 106 -17.84 -22.67 37.73
C TYR F 106 -18.10 -24.16 37.70
N MET F 107 -17.46 -24.91 38.59
CA MET F 107 -17.38 -26.36 38.49
C MET F 107 -18.41 -26.98 39.44
N ASP F 108 -19.47 -27.57 38.86
CA ASP F 108 -20.60 -28.01 39.67
C ASP F 108 -20.34 -29.37 40.31
N VAL F 109 -20.18 -30.41 39.49
CA VAL F 109 -19.99 -31.80 39.95
C VAL F 109 -18.53 -32.18 39.78
N TRP F 110 -17.97 -32.80 40.82
CA TRP F 110 -16.57 -33.15 40.90
C TRP F 110 -16.42 -34.66 41.09
N GLY F 111 -15.26 -35.17 40.70
CA GLY F 111 -14.95 -36.57 40.83
C GLY F 111 -14.21 -36.89 42.11
N LYS F 112 -14.04 -38.20 42.36
CA LYS F 112 -13.31 -38.64 43.55
C LYS F 112 -11.86 -38.21 43.48
N GLY F 113 -11.23 -38.34 42.31
CA GLY F 113 -9.85 -37.97 42.08
C GLY F 113 -8.91 -39.14 42.27
N THR F 114 -7.83 -39.12 41.49
CA THR F 114 -6.80 -40.16 41.49
C THR F 114 -5.48 -39.53 41.95
N THR F 115 -4.85 -40.16 42.94
CA THR F 115 -3.66 -39.61 43.58
C THR F 115 -2.45 -39.97 42.74
N VAL F 116 -2.14 -39.12 41.77
CA VAL F 116 -0.92 -39.25 40.98
C VAL F 116 0.25 -38.83 41.85
N THR F 117 1.32 -39.64 41.85
CA THR F 117 2.55 -39.35 42.56
C THR F 117 3.72 -39.53 41.60
N VAL F 118 4.64 -38.55 41.62
CA VAL F 118 5.78 -38.48 40.72
C VAL F 118 7.02 -38.44 41.61
N SER F 119 7.64 -39.59 41.82
CA SER F 119 8.79 -39.69 42.72
C SER F 119 9.61 -40.90 42.32
N GLY F 120 10.83 -40.95 42.86
CA GLY F 120 11.74 -42.06 42.59
C GLY F 120 11.22 -43.38 43.14
N ASP G 1 -0.48 -12.34 35.62
CA ASP G 1 -1.56 -13.31 35.90
C ASP G 1 -2.49 -12.78 36.98
N ILE G 2 -3.72 -13.30 37.00
CA ILE G 2 -4.77 -12.87 37.92
C ILE G 2 -4.79 -13.87 39.07
N VAL G 3 -4.60 -13.37 40.29
CA VAL G 3 -4.36 -14.18 41.49
C VAL G 3 -5.28 -13.71 42.59
N MET G 4 -5.92 -14.66 43.28
CA MET G 4 -6.86 -14.40 44.35
C MET G 4 -6.19 -14.66 45.69
N THR G 5 -6.59 -13.89 46.71
CA THR G 5 -6.05 -13.97 48.05
C THR G 5 -7.19 -13.91 49.05
N GLN G 6 -7.16 -14.81 50.03
CA GLN G 6 -8.16 -14.88 51.10
C GLN G 6 -7.53 -14.39 52.40
N SER G 7 -8.14 -13.37 53.00
CA SER G 7 -7.56 -12.76 54.19
C SER G 7 -7.51 -13.71 55.38
N PRO G 8 -8.61 -14.37 55.78
CA PRO G 8 -8.50 -15.40 56.82
C PRO G 8 -8.13 -16.75 56.23
N ASP G 9 -7.11 -17.37 56.83
CA ASP G 9 -6.60 -18.68 56.43
C ASP G 9 -7.06 -19.81 57.34
N SER G 10 -7.33 -19.52 58.61
CA SER G 10 -7.85 -20.50 59.57
C SER G 10 -8.83 -19.76 60.48
N LEU G 11 -10.10 -19.78 60.10
CA LEU G 11 -11.13 -19.08 60.86
C LEU G 11 -11.53 -19.90 62.09
N ALA G 12 -11.70 -19.21 63.21
CA ALA G 12 -12.08 -19.80 64.50
C ALA G 12 -13.47 -19.29 64.84
N VAL G 13 -14.49 -20.07 64.48
CA VAL G 13 -15.90 -19.74 64.67
C VAL G 13 -16.54 -20.84 65.49
N SER G 14 -17.16 -20.47 66.60
CA SER G 14 -17.86 -21.44 67.43
C SER G 14 -19.16 -21.87 66.75
N LEU G 15 -19.78 -22.88 67.31
CA LEU G 15 -21.01 -23.42 66.74
C LEU G 15 -22.14 -22.42 66.88
N GLY G 16 -22.91 -22.27 65.81
CA GLY G 16 -24.15 -21.51 65.84
C GLY G 16 -24.04 -20.02 65.59
N GLU G 17 -22.83 -19.48 65.42
CA GLU G 17 -22.61 -18.06 65.16
C GLU G 17 -22.11 -17.86 63.73
N ARG G 18 -21.92 -16.59 63.37
CA ARG G 18 -21.65 -16.21 62.00
C ARG G 18 -20.18 -16.45 61.65
N ALA G 19 -19.95 -16.87 60.40
CA ALA G 19 -18.62 -17.06 59.84
C ALA G 19 -18.52 -16.30 58.53
N THR G 20 -17.45 -15.52 58.38
CA THR G 20 -17.20 -14.70 57.19
C THR G 20 -15.81 -15.01 56.67
N ILE G 21 -15.73 -15.33 55.37
CA ILE G 21 -14.49 -15.69 54.70
C ILE G 21 -14.29 -14.68 53.57
N ASN G 22 -13.36 -13.77 53.75
CA ASN G 22 -13.08 -12.75 52.74
C ASN G 22 -12.17 -13.33 51.67
N CYS G 23 -12.41 -12.92 50.41
CA CYS G 23 -11.60 -13.36 49.27
C CYS G 23 -11.41 -12.17 48.33
N LYS G 24 -10.26 -11.52 48.44
CA LYS G 24 -9.89 -10.44 47.54
C LYS G 24 -9.40 -11.00 46.21
N SER G 25 -9.40 -10.13 45.20
CA SER G 25 -8.91 -10.44 43.86
C SER G 25 -7.91 -9.37 43.44
N SER G 26 -6.87 -9.81 42.71
CA SER G 26 -5.90 -8.86 42.20
C SER G 26 -6.53 -7.91 41.18
N GLN G 27 -7.48 -8.41 40.40
CA GLN G 27 -8.20 -7.63 39.40
C GLN G 27 -9.69 -7.87 39.58
N SER G 28 -10.48 -6.84 39.26
CA SER G 28 -11.92 -6.89 39.51
C SER G 28 -12.58 -7.89 38.58
N VAL G 29 -13.09 -8.99 39.15
CA VAL G 29 -13.76 -10.01 38.37
C VAL G 29 -15.16 -9.59 37.91
N LEU G 30 -15.67 -8.45 38.37
CA LEU G 30 -16.90 -7.90 37.82
C LEU G 30 -16.68 -7.57 36.35
N TYR G 31 -17.75 -7.73 35.56
CA TYR G 31 -17.77 -7.37 34.15
C TYR G 31 -19.00 -6.49 33.93
N SER G 32 -18.76 -5.22 33.62
CA SER G 32 -19.85 -4.25 33.54
C SER G 32 -20.81 -4.52 32.39
N SER G 33 -20.38 -5.25 31.36
CA SER G 33 -21.25 -5.49 30.21
C SER G 33 -22.42 -6.41 30.55
N ASN G 34 -22.32 -7.19 31.63
CA ASN G 34 -23.43 -7.96 32.17
C ASN G 34 -23.63 -7.79 33.67
N ASN G 35 -22.71 -7.12 34.38
CA ASN G 35 -22.84 -6.82 35.80
C ASN G 35 -22.91 -8.13 36.60
N LYS G 36 -22.05 -9.08 36.24
CA LYS G 36 -21.95 -10.38 36.88
C LYS G 36 -20.56 -10.54 37.45
N ASN G 37 -20.49 -10.90 38.72
CA ASN G 37 -19.22 -11.08 39.43
C ASN G 37 -18.72 -12.49 39.19
N TYR G 38 -17.72 -12.63 38.32
CA TYR G 38 -17.24 -13.95 37.91
C TYR G 38 -16.44 -14.53 39.08
N LEU G 39 -17.15 -15.15 40.01
CA LEU G 39 -16.53 -15.81 41.16
C LEU G 39 -17.34 -17.03 41.54
N ALA G 40 -16.64 -18.06 42.01
CA ALA G 40 -17.22 -19.26 42.58
C ALA G 40 -16.76 -19.41 44.02
N TRP G 41 -17.48 -20.24 44.77
CA TRP G 41 -17.14 -20.58 46.14
C TRP G 41 -17.31 -22.07 46.32
N TYR G 42 -16.30 -22.73 46.90
CA TYR G 42 -16.22 -24.18 47.02
C TYR G 42 -16.11 -24.57 48.49
N GLN G 43 -16.31 -25.87 48.74
CA GLN G 43 -16.26 -26.43 50.09
C GLN G 43 -15.66 -27.82 49.99
N GLN G 44 -14.56 -28.05 50.71
CA GLN G 44 -13.79 -29.29 50.64
C GLN G 44 -13.56 -29.80 52.05
N LYS G 45 -14.29 -30.86 52.42
CA LYS G 45 -14.01 -31.54 53.67
C LYS G 45 -12.74 -32.38 53.53
N PRO G 46 -12.15 -32.82 54.63
CA PRO G 46 -10.97 -33.71 54.50
C PRO G 46 -11.37 -35.05 53.90
N GLY G 47 -10.73 -35.42 52.80
CA GLY G 47 -11.03 -36.67 52.14
C GLY G 47 -12.34 -36.68 51.39
N GLN G 48 -12.73 -35.57 50.80
CA GLN G 48 -13.92 -35.45 49.97
C GLN G 48 -13.61 -34.44 48.87
N PRO G 49 -14.32 -34.49 47.74
CA PRO G 49 -14.03 -33.53 46.67
C PRO G 49 -14.55 -32.15 47.03
N PRO G 50 -14.13 -31.09 46.33
CA PRO G 50 -14.77 -29.79 46.52
C PRO G 50 -16.24 -29.83 46.13
N LYS G 51 -17.03 -29.00 46.83
CA LYS G 51 -18.46 -28.84 46.59
C LYS G 51 -18.72 -27.37 46.33
N LEU G 52 -19.17 -27.05 45.10
CA LEU G 52 -19.53 -25.68 44.76
C LEU G 52 -20.70 -25.22 45.62
N LEU G 53 -20.58 -24.02 46.18
CA LEU G 53 -21.58 -23.43 47.06
C LEU G 53 -22.26 -22.23 46.43
N ILE G 54 -21.50 -21.19 46.10
CA ILE G 54 -22.00 -19.94 45.52
C ILE G 54 -21.24 -19.71 44.23
N TYR G 55 -21.98 -19.44 43.16
CA TYR G 55 -21.42 -19.08 41.87
C TYR G 55 -22.04 -17.76 41.42
N TRP G 56 -21.29 -17.03 40.58
CA TRP G 56 -21.53 -15.61 40.26
C TRP G 56 -21.40 -14.69 41.50
N ALA G 57 -20.80 -15.17 42.59
CA ALA G 57 -20.55 -14.45 43.84
C ALA G 57 -21.79 -14.19 44.71
N SER G 58 -23.00 -14.44 44.20
CA SER G 58 -24.24 -14.36 44.97
C SER G 58 -25.14 -15.56 44.77
N THR G 59 -25.23 -16.10 43.55
CA THR G 59 -26.18 -17.15 43.25
C THR G 59 -25.75 -18.46 43.89
N ARG G 60 -26.69 -19.09 44.58
CA ARG G 60 -26.44 -20.27 45.39
C ARG G 60 -26.79 -21.53 44.63
N GLU G 61 -25.88 -22.50 44.61
CA GLU G 61 -26.09 -23.73 43.89
C GLU G 61 -27.18 -24.56 44.55
N SER G 62 -27.91 -25.32 43.73
CA SER G 62 -29.01 -26.14 44.24
C SER G 62 -28.49 -27.22 45.17
N GLY G 63 -29.22 -27.45 46.25
CA GLY G 63 -28.82 -28.39 47.28
C GLY G 63 -27.92 -27.82 48.35
N VAL G 64 -27.46 -26.59 48.20
CA VAL G 64 -26.60 -25.94 49.19
C VAL G 64 -27.51 -25.51 50.35
N PRO G 65 -27.10 -25.59 51.61
CA PRO G 65 -27.95 -25.03 52.67
C PRO G 65 -28.07 -23.52 52.56
N ASP G 66 -29.23 -23.01 52.98
CA ASP G 66 -29.53 -21.59 52.84
C ASP G 66 -28.67 -20.71 53.74
N ARG G 67 -28.03 -21.26 54.77
CA ARG G 67 -27.17 -20.46 55.63
C ARG G 67 -25.98 -19.88 54.87
N PHE G 68 -25.52 -20.56 53.82
CA PHE G 68 -24.50 -19.98 52.95
C PHE G 68 -25.09 -18.82 52.17
N SER G 69 -24.30 -17.75 52.04
CA SER G 69 -24.73 -16.61 51.24
C SER G 69 -23.51 -15.78 50.89
N GLY G 70 -23.18 -15.71 49.59
CA GLY G 70 -22.08 -14.88 49.14
C GLY G 70 -22.51 -13.44 48.92
N SER G 71 -21.51 -12.57 48.84
CA SER G 71 -21.77 -11.13 48.66
C SER G 71 -20.49 -10.49 48.14
N GLY G 72 -20.50 -9.17 48.05
CA GLY G 72 -19.36 -8.40 47.59
C GLY G 72 -19.37 -8.19 46.09
N SER G 73 -18.47 -7.32 45.64
CA SER G 73 -18.36 -6.97 44.24
C SER G 73 -16.94 -6.51 43.94
N GLY G 74 -16.61 -6.49 42.65
CA GLY G 74 -15.31 -6.04 42.20
C GLY G 74 -14.19 -6.96 42.62
N THR G 75 -13.34 -6.48 43.54
CA THR G 75 -12.22 -7.26 44.07
C THR G 75 -12.59 -7.97 45.36
N ASP G 76 -13.24 -7.28 46.29
CA ASP G 76 -13.54 -7.83 47.60
C ASP G 76 -14.81 -8.66 47.55
N PHE G 77 -14.75 -9.87 48.11
CA PHE G 77 -15.89 -10.78 48.19
C PHE G 77 -15.90 -11.43 49.56
N THR G 78 -17.08 -11.92 49.95
CA THR G 78 -17.28 -12.56 51.25
C THR G 78 -18.21 -13.75 51.09
N LEU G 79 -17.89 -14.83 51.81
CA LEU G 79 -18.78 -15.98 51.99
C LEU G 79 -19.30 -15.93 53.42
N THR G 80 -20.60 -15.74 53.58
CA THR G 80 -21.25 -15.60 54.88
C THR G 80 -21.99 -16.90 55.20
N ILE G 81 -21.72 -17.44 56.38
CA ILE G 81 -22.47 -18.56 56.95
C ILE G 81 -23.30 -17.97 58.09
N SER G 82 -24.62 -18.12 58.02
CA SER G 82 -25.48 -17.54 59.03
C SER G 82 -25.26 -18.18 60.40
N SER G 83 -25.00 -19.48 60.43
CA SER G 83 -24.77 -20.18 61.70
C SER G 83 -23.99 -21.45 61.37
N LEU G 84 -22.75 -21.53 61.86
CA LEU G 84 -21.90 -22.68 61.56
C LEU G 84 -22.48 -23.94 62.20
N GLN G 85 -22.33 -25.05 61.47
CA GLN G 85 -22.68 -26.40 61.94
C GLN G 85 -21.42 -27.26 61.92
N ALA G 86 -21.53 -28.44 62.52
CA ALA G 86 -20.41 -29.38 62.52
C ALA G 86 -20.08 -29.86 61.11
N GLU G 87 -21.07 -29.92 60.22
CA GLU G 87 -20.83 -30.31 58.84
C GLU G 87 -20.17 -29.21 58.01
N ASP G 88 -20.15 -27.97 58.49
CA ASP G 88 -19.50 -26.87 57.78
C ASP G 88 -18.00 -26.79 58.02
N VAL G 89 -17.42 -27.69 58.80
CA VAL G 89 -15.98 -27.69 59.02
C VAL G 89 -15.31 -28.19 57.74
N ALA G 90 -14.81 -27.25 56.95
CA ALA G 90 -14.25 -27.58 55.64
C ALA G 90 -13.36 -26.44 55.17
N VAL G 91 -12.52 -26.74 54.19
CA VAL G 91 -11.65 -25.75 53.57
C VAL G 91 -12.42 -25.10 52.43
N TYR G 92 -12.60 -23.79 52.52
CA TYR G 92 -13.41 -23.03 51.57
C TYR G 92 -12.51 -22.31 50.58
N TYR G 93 -12.72 -22.56 49.29
CA TYR G 93 -11.92 -22.02 48.21
C TYR G 93 -12.78 -21.12 47.34
N CYS G 94 -12.25 -19.94 47.01
CA CYS G 94 -12.84 -19.03 46.03
C CYS G 94 -12.08 -19.15 44.72
N GLN G 95 -12.82 -19.11 43.61
CA GLN G 95 -12.28 -19.36 42.29
C GLN G 95 -12.94 -18.45 41.29
N GLN G 96 -12.18 -17.51 40.77
CA GLN G 96 -12.64 -16.67 39.68
C GLN G 96 -12.70 -17.48 38.39
N TYR G 97 -13.54 -17.02 37.48
CA TYR G 97 -13.57 -17.49 36.10
C TYR G 97 -13.79 -16.34 35.13
N TYR G 98 -13.31 -15.15 35.49
CA TYR G 98 -13.18 -14.08 34.52
C TYR G 98 -12.15 -14.44 33.46
N SER G 99 -10.95 -14.83 33.89
CA SER G 99 -9.87 -15.25 33.00
C SER G 99 -9.97 -16.74 32.81
N THR G 100 -10.72 -17.14 31.77
CA THR G 100 -10.82 -18.55 31.43
C THR G 100 -9.49 -19.22 31.10
N PRO G 101 -8.54 -18.61 30.38
CA PRO G 101 -7.26 -19.31 30.14
C PRO G 101 -6.45 -19.54 31.40
N ALA G 102 -6.66 -18.76 32.47
CA ALA G 102 -5.97 -18.94 33.75
C ALA G 102 -6.99 -18.82 34.87
N LEU G 103 -7.63 -19.94 35.20
CA LEU G 103 -8.47 -20.02 36.38
C LEU G 103 -7.58 -20.25 37.59
N THR G 104 -7.63 -19.34 38.57
CA THR G 104 -6.84 -19.43 39.79
C THR G 104 -7.75 -19.49 40.99
N PHE G 105 -7.56 -20.49 41.82
CA PHE G 105 -8.27 -20.65 43.08
C PHE G 105 -7.61 -19.78 44.15
N GLY G 106 -8.31 -19.62 45.27
CA GLY G 106 -7.73 -18.97 46.42
C GLY G 106 -6.84 -19.91 47.21
N GLY G 107 -6.20 -19.35 48.23
CA GLY G 107 -5.35 -20.16 49.09
C GLY G 107 -6.15 -21.17 49.89
N GLY G 108 -7.31 -20.76 50.41
CA GLY G 108 -8.23 -21.62 51.13
C GLY G 108 -8.34 -21.27 52.60
N THR G 109 -9.58 -21.13 53.08
CA THR G 109 -9.89 -20.84 54.48
C THR G 109 -10.59 -22.04 55.08
N LYS G 110 -10.06 -22.53 56.20
CA LYS G 110 -10.61 -23.67 56.93
C LYS G 110 -11.26 -23.17 58.20
N VAL G 111 -12.56 -23.39 58.33
CA VAL G 111 -13.32 -22.97 59.50
C VAL G 111 -13.25 -24.09 60.53
N GLU G 112 -12.80 -23.76 61.74
CA GLU G 112 -12.64 -24.68 62.85
C GLU G 112 -13.58 -24.30 63.98
N ILE G 113 -14.08 -25.31 64.68
CA ILE G 113 -14.97 -25.08 65.81
C ILE G 113 -14.14 -24.58 66.98
N LYS G 114 -14.55 -23.45 67.56
CA LYS G 114 -13.87 -22.88 68.71
C LYS G 114 -14.27 -23.65 69.96
N ILE H 5 -12.85 -27.35 -46.48
CA ILE H 5 -12.61 -27.70 -45.09
C ILE H 5 -11.25 -27.19 -44.63
N GLY H 6 -11.21 -26.62 -43.45
CA GLY H 6 -9.99 -26.11 -42.85
C GLY H 6 -10.28 -24.93 -41.95
N TYR H 7 -9.48 -24.81 -40.89
CA TYR H 7 -9.60 -23.66 -40.00
C TYR H 7 -9.16 -22.39 -40.71
N HIS H 8 -9.82 -21.29 -40.37
CA HIS H 8 -9.66 -20.03 -41.09
C HIS H 8 -8.26 -19.45 -40.90
N ALA H 9 -7.78 -18.76 -41.93
CA ALA H 9 -6.50 -18.09 -41.93
C ALA H 9 -6.67 -16.71 -42.55
N ASN H 10 -5.81 -15.78 -42.14
CA ASN H 10 -5.86 -14.41 -42.64
C ASN H 10 -4.52 -13.76 -42.39
N ASN H 11 -4.11 -12.90 -43.33
CA ASN H 11 -2.83 -12.18 -43.26
C ASN H 11 -2.97 -10.88 -42.47
N SER H 12 -3.50 -10.97 -41.25
CA SER H 12 -3.76 -9.77 -40.47
C SER H 12 -2.47 -9.18 -39.91
N THR H 13 -1.56 -10.02 -39.44
CA THR H 13 -0.33 -9.59 -38.77
C THR H 13 -0.64 -8.74 -37.53
N GLU H 14 -1.74 -9.05 -36.84
CA GLU H 14 -2.08 -8.47 -35.55
C GLU H 14 -1.65 -9.48 -34.49
N GLN H 15 -0.42 -9.35 -34.02
CA GLN H 15 0.14 -10.32 -33.09
C GLN H 15 -0.53 -10.18 -31.74
N VAL H 16 -0.40 -11.25 -30.94
CA VAL H 16 -0.83 -11.26 -29.55
C VAL H 16 0.31 -11.85 -28.75
N ASP H 17 0.07 -12.07 -27.47
CA ASP H 17 1.07 -12.61 -26.55
C ASP H 17 0.41 -13.52 -25.51
N THR H 18 0.93 -14.76 -25.44
CA THR H 18 0.56 -15.73 -24.42
C THR H 18 1.67 -15.78 -23.37
N ILE H 19 1.64 -16.81 -22.53
CA ILE H 19 2.69 -17.01 -21.53
C ILE H 19 3.87 -17.74 -22.17
N MET H 20 3.59 -18.85 -22.84
CA MET H 20 4.64 -19.66 -23.46
C MET H 20 5.13 -19.10 -24.79
N GLU H 21 4.49 -18.07 -25.34
CA GLU H 21 4.96 -17.42 -26.56
C GLU H 21 4.58 -15.95 -26.51
N LYS H 22 5.57 -15.08 -26.68
CA LYS H 22 5.34 -13.62 -26.55
C LYS H 22 4.91 -13.00 -27.88
N ASN H 23 5.10 -13.69 -28.99
CA ASN H 23 4.59 -13.09 -30.25
C ASN H 23 3.84 -14.16 -31.03
N VAL H 24 2.52 -14.00 -31.17
CA VAL H 24 1.70 -15.01 -31.88
C VAL H 24 0.80 -14.28 -32.87
N THR H 25 0.92 -14.57 -34.17
CA THR H 25 0.05 -13.92 -35.14
C THR H 25 -1.38 -14.45 -34.99
N VAL H 26 -2.35 -13.55 -35.15
CA VAL H 26 -3.77 -13.86 -35.00
C VAL H 26 -4.55 -13.21 -36.11
N THR H 27 -5.55 -13.93 -36.63
CA THR H 27 -6.37 -13.44 -37.73
C THR H 27 -7.21 -12.24 -37.30
N HIS H 28 -7.92 -12.38 -36.18
CA HIS H 28 -8.83 -11.36 -35.65
C HIS H 28 -8.48 -11.14 -34.18
N ALA H 29 -8.09 -9.92 -33.84
CA ALA H 29 -7.72 -9.54 -32.49
C ALA H 29 -8.16 -8.10 -32.25
N GLN H 30 -8.36 -7.75 -30.98
CA GLN H 30 -8.87 -6.44 -30.59
C GLN H 30 -8.12 -5.93 -29.37
N ASP H 31 -7.60 -4.70 -29.49
CA ASP H 31 -6.97 -4.02 -28.38
C ASP H 31 -8.00 -3.68 -27.31
N ILE H 32 -7.57 -3.69 -26.06
CA ILE H 32 -8.40 -3.32 -24.92
C ILE H 32 -7.70 -2.26 -24.06
N LEU H 33 -6.89 -1.41 -24.68
CA LEU H 33 -6.06 -0.43 -23.98
C LEU H 33 -6.09 0.87 -24.78
N GLU H 34 -6.43 1.96 -24.10
CA GLU H 34 -6.39 3.28 -24.70
C GLU H 34 -4.99 3.88 -24.55
N LYS H 35 -4.31 4.06 -25.68
CA LYS H 35 -3.07 4.81 -25.76
C LYS H 35 -3.26 6.24 -26.27
N LYS H 36 -4.51 6.68 -26.45
CA LYS H 36 -4.85 7.92 -27.12
C LYS H 36 -5.67 8.80 -26.18
N HIS H 37 -5.55 10.10 -26.37
CA HIS H 37 -6.34 11.06 -25.60
C HIS H 37 -6.48 12.34 -26.40
N ASN H 38 -7.45 13.16 -25.99
CA ASN H 38 -7.71 14.41 -26.69
C ASN H 38 -6.54 15.38 -26.61
N GLY H 39 -5.73 15.29 -25.55
CA GLY H 39 -4.71 16.29 -25.34
C GLY H 39 -5.31 17.65 -25.06
N LYS H 40 -6.49 17.67 -24.44
CA LYS H 40 -7.27 18.88 -24.25
C LYS H 40 -7.97 18.74 -22.91
N LEU H 41 -8.07 19.84 -22.19
CA LEU H 41 -8.70 19.85 -20.88
C LEU H 41 -10.21 20.00 -21.06
N CYS H 42 -10.96 19.02 -20.57
CA CYS H 42 -12.28 18.68 -21.09
C CYS H 42 -13.28 18.55 -19.96
N ASP H 43 -14.56 18.72 -20.30
CA ASP H 43 -15.63 18.65 -19.32
C ASP H 43 -15.77 17.21 -18.83
N LEU H 44 -16.48 17.05 -17.70
CA LEU H 44 -16.73 15.75 -17.08
C LEU H 44 -18.25 15.57 -16.96
N ASP H 45 -18.85 14.99 -18.00
CA ASP H 45 -20.28 14.70 -18.03
C ASP H 45 -21.11 15.98 -17.89
N GLY H 46 -20.69 17.02 -18.62
CA GLY H 46 -21.47 18.23 -18.81
C GLY H 46 -21.06 19.42 -17.97
N VAL H 47 -20.67 19.21 -16.72
CA VAL H 47 -20.35 20.31 -15.81
C VAL H 47 -18.92 20.77 -16.06
N LYS H 48 -18.72 22.08 -16.15
CA LYS H 48 -17.41 22.62 -16.47
C LYS H 48 -16.49 22.56 -15.24
N PRO H 49 -15.18 22.34 -15.41
CA PRO H 49 -14.28 22.36 -14.25
C PRO H 49 -13.89 23.79 -13.86
N LEU H 50 -13.28 23.91 -12.69
CA LEU H 50 -12.69 25.16 -12.21
C LEU H 50 -11.23 25.18 -12.64
N ILE H 51 -10.94 25.86 -13.74
CA ILE H 51 -9.61 25.87 -14.32
C ILE H 51 -8.90 27.11 -13.79
N LEU H 52 -8.07 26.91 -12.76
CA LEU H 52 -7.31 28.00 -12.15
C LEU H 52 -6.21 28.39 -13.12
N ARG H 53 -6.47 29.40 -13.93
CA ARG H 53 -5.54 29.83 -14.98
C ARG H 53 -4.32 30.48 -14.35
N ASP H 54 -3.21 29.74 -14.30
CA ASP H 54 -1.93 30.22 -13.76
C ASP H 54 -2.11 30.69 -12.32
N CYS H 55 -2.92 29.96 -11.55
CA CYS H 55 -3.29 30.32 -10.20
C CYS H 55 -3.38 29.06 -9.34
N SER H 56 -3.22 29.25 -8.04
CA SER H 56 -3.18 28.18 -7.06
C SER H 56 -4.47 28.14 -6.26
N VAL H 57 -4.60 27.10 -5.44
CA VAL H 57 -5.77 26.97 -4.57
C VAL H 57 -5.77 28.07 -3.52
N ALA H 58 -4.61 28.34 -2.93
CA ALA H 58 -4.54 29.42 -1.94
C ALA H 58 -4.78 30.77 -2.58
N GLY H 59 -4.35 30.96 -3.83
CA GLY H 59 -4.62 32.20 -4.52
C GLY H 59 -6.10 32.41 -4.78
N TRP H 60 -6.79 31.34 -5.19
CA TRP H 60 -8.22 31.45 -5.42
C TRP H 60 -8.97 31.66 -4.12
N LEU H 61 -8.66 30.86 -3.09
CA LEU H 61 -9.42 30.94 -1.85
C LEU H 61 -9.18 32.26 -1.13
N LEU H 62 -7.91 32.64 -0.97
CA LEU H 62 -7.62 33.93 -0.38
C LEU H 62 -7.92 35.07 -1.32
N GLY H 63 -7.91 34.82 -2.63
CA GLY H 63 -8.28 35.83 -3.60
C GLY H 63 -7.13 36.69 -4.04
N ASN H 64 -6.11 36.07 -4.63
CA ASN H 64 -4.94 36.78 -5.12
C ASN H 64 -5.36 37.78 -6.20
N PRO H 65 -4.93 39.06 -6.13
CA PRO H 65 -5.38 40.00 -7.17
C PRO H 65 -4.83 39.69 -8.56
N MET H 66 -3.67 39.04 -8.65
CA MET H 66 -3.11 38.68 -9.95
C MET H 66 -3.83 37.50 -10.59
N CYS H 67 -4.56 36.69 -9.82
CA CYS H 67 -5.35 35.60 -10.36
C CYS H 67 -6.63 36.13 -11.00
N ASP H 68 -7.38 35.24 -11.64
CA ASP H 68 -8.69 35.59 -12.14
C ASP H 68 -9.60 35.97 -10.98
N GLU H 69 -10.61 36.79 -11.29
CA GLU H 69 -11.31 37.50 -10.22
C GLU H 69 -12.27 36.56 -9.49
N PHE H 70 -12.95 35.67 -10.21
CA PHE H 70 -13.81 34.62 -9.65
C PHE H 70 -14.93 35.19 -8.78
N ILE H 71 -15.81 35.95 -9.42
CA ILE H 71 -17.05 36.42 -8.79
C ILE H 71 -18.13 35.40 -9.09
N ASN H 72 -18.74 34.87 -8.02
CA ASN H 72 -19.83 33.89 -8.10
C ASN H 72 -19.38 32.66 -8.89
N VAL H 73 -18.43 31.94 -8.31
CA VAL H 73 -17.85 30.77 -8.99
C VAL H 73 -18.91 29.69 -9.13
N PRO H 74 -19.11 29.04 -10.31
CA PRO H 74 -20.11 27.97 -10.39
C PRO H 74 -19.67 26.63 -9.84
N GLU H 75 -20.49 25.60 -10.07
CA GLU H 75 -20.15 24.23 -9.71
C GLU H 75 -18.92 23.77 -10.49
N TRP H 76 -18.31 22.68 -10.03
CA TRP H 76 -17.21 22.07 -10.76
C TRP H 76 -17.09 20.60 -10.43
N SER H 77 -16.76 19.79 -11.44
CA SER H 77 -16.37 18.40 -11.20
C SER H 77 -14.96 18.30 -10.66
N TYR H 78 -14.02 19.10 -11.16
CA TYR H 78 -12.64 19.03 -10.69
C TYR H 78 -11.99 20.39 -10.87
N ILE H 79 -10.91 20.58 -10.12
CA ILE H 79 -10.09 21.78 -10.12
C ILE H 79 -8.79 21.44 -10.84
N VAL H 80 -8.29 22.38 -11.62
CA VAL H 80 -7.01 22.24 -12.32
C VAL H 80 -6.07 23.29 -11.77
N GLU H 81 -4.95 22.82 -11.23
CA GLU H 81 -3.86 23.64 -10.73
C GLU H 81 -2.61 23.26 -11.52
N LYS H 82 -1.88 24.25 -11.98
CA LYS H 82 -0.61 23.96 -12.63
C LYS H 82 0.37 23.42 -11.60
N ALA H 83 1.41 22.73 -12.09
CA ALA H 83 2.37 22.10 -11.19
C ALA H 83 3.13 23.14 -10.39
N ASN H 84 3.48 24.24 -11.04
CA ASN H 84 4.08 25.38 -10.33
C ASN H 84 3.15 26.54 -10.63
N PRO H 85 2.07 26.72 -9.84
CA PRO H 85 1.16 27.82 -10.04
C PRO H 85 1.98 29.12 -9.96
N VAL H 86 1.87 29.99 -10.96
CA VAL H 86 2.71 31.21 -10.98
C VAL H 86 2.16 32.22 -9.98
N ASN H 87 0.84 32.32 -9.86
CA ASN H 87 0.23 33.34 -8.97
C ASN H 87 -0.40 32.59 -7.79
N ASP H 88 0.36 32.40 -6.70
CA ASP H 88 -0.11 31.63 -5.53
C ASP H 88 -0.30 32.59 -4.36
N LEU H 89 0.64 32.60 -3.42
CA LEU H 89 0.56 33.58 -2.32
C LEU H 89 1.45 34.74 -2.76
N CYS H 90 0.84 35.84 -3.17
CA CYS H 90 1.57 36.97 -3.73
C CYS H 90 2.48 37.59 -2.67
N PHE H 91 1.89 38.08 -1.60
CA PHE H 91 2.67 38.38 -0.41
C PHE H 91 3.25 37.06 0.08
N PRO H 92 4.57 36.94 0.29
CA PRO H 92 5.13 35.62 0.58
C PRO H 92 4.72 35.12 1.96
N GLY H 93 4.84 33.83 2.14
CA GLY H 93 4.42 33.17 3.35
C GLY H 93 3.95 31.77 3.05
N ASP H 94 3.68 31.03 4.13
CA ASP H 94 3.13 29.69 4.04
C ASP H 94 1.61 29.74 4.11
N PHE H 95 1.00 28.59 3.91
CA PHE H 95 -0.43 28.36 4.09
C PHE H 95 -0.55 27.15 4.99
N ASN H 96 -0.98 27.35 6.23
CA ASN H 96 -0.94 26.30 7.22
C ASN H 96 -1.94 25.20 6.89
N ASP H 97 -1.46 23.96 6.83
CA ASP H 97 -2.25 22.79 6.44
C ASP H 97 -2.90 23.03 5.08
N TYR H 98 -2.07 23.44 4.12
CA TYR H 98 -2.55 23.67 2.76
C TYR H 98 -3.06 22.39 2.14
N GLU H 99 -2.32 21.30 2.34
CA GLU H 99 -2.62 20.05 1.65
C GLU H 99 -3.81 19.34 2.27
N GLU H 100 -4.04 19.53 3.57
CA GLU H 100 -5.27 19.03 4.17
C GLU H 100 -6.48 19.73 3.60
N LEU H 101 -6.38 21.05 3.37
CA LEU H 101 -7.45 21.78 2.71
C LEU H 101 -7.63 21.31 1.28
N LYS H 102 -6.54 21.04 0.57
CA LYS H 102 -6.65 20.55 -0.80
C LYS H 102 -7.27 19.16 -0.84
N HIS H 103 -6.96 18.30 0.12
CA HIS H 103 -7.65 17.03 0.22
C HIS H 103 -9.12 17.24 0.57
N LEU H 104 -9.41 18.14 1.49
CA LEU H 104 -10.78 18.47 1.83
C LEU H 104 -11.50 19.11 0.65
N LEU H 105 -10.78 19.94 -0.10
CA LEU H 105 -11.31 20.53 -1.32
C LEU H 105 -11.51 19.51 -2.44
N SER H 106 -10.83 18.37 -2.38
CA SER H 106 -11.04 17.32 -3.37
C SER H 106 -12.38 16.58 -3.20
N ARG H 107 -13.02 16.69 -2.02
CA ARG H 107 -14.29 16.02 -1.75
C ARG H 107 -15.51 16.91 -2.00
N ILE H 108 -15.33 18.13 -2.51
CA ILE H 108 -16.42 19.08 -2.74
C ILE H 108 -16.41 19.51 -4.20
N ASN H 109 -17.51 20.17 -4.58
CA ASN H 109 -17.78 20.55 -5.96
C ASN H 109 -18.32 21.97 -6.12
N HIS H 110 -18.63 22.68 -5.03
CA HIS H 110 -19.22 24.00 -5.14
C HIS H 110 -19.03 24.75 -3.83
N PHE H 111 -18.77 26.05 -3.96
CA PHE H 111 -18.72 26.98 -2.84
C PHE H 111 -19.78 28.05 -3.03
N GLU H 112 -20.14 28.69 -1.92
CA GLU H 112 -20.87 29.94 -1.92
C GLU H 112 -20.08 30.93 -1.07
N LYS H 113 -19.65 32.02 -1.67
CA LYS H 113 -18.79 32.99 -0.99
C LYS H 113 -19.65 33.87 -0.10
N ILE H 114 -19.46 33.73 1.22
CA ILE H 114 -20.29 34.38 2.24
C ILE H 114 -19.44 35.40 2.97
N GLN H 115 -19.94 36.62 3.08
CA GLN H 115 -19.23 37.74 3.70
C GLN H 115 -19.46 37.69 5.20
N ILE H 116 -18.41 37.40 5.97
CA ILE H 116 -18.54 37.24 7.41
C ILE H 116 -18.49 38.62 8.07
N ILE H 117 -17.33 39.28 8.00
CA ILE H 117 -17.15 40.62 8.55
C ILE H 117 -17.16 41.53 7.32
N PRO H 118 -17.94 42.61 7.25
CA PRO H 118 -17.71 43.59 6.18
C PRO H 118 -16.46 44.43 6.41
N LYS H 119 -15.91 44.97 5.31
CA LYS H 119 -14.81 45.93 5.45
C LYS H 119 -15.28 47.19 6.17
N SER H 120 -16.54 47.58 5.97
CA SER H 120 -17.07 48.78 6.59
C SER H 120 -17.15 48.68 8.11
N SER H 121 -17.25 47.48 8.66
CA SER H 121 -17.41 47.32 10.11
C SER H 121 -16.11 47.48 10.88
N TRP H 122 -14.96 47.58 10.21
CA TRP H 122 -13.69 47.89 10.89
C TRP H 122 -13.63 49.38 11.17
N SER H 123 -14.43 49.79 12.18
CA SER H 123 -14.52 51.20 12.53
C SER H 123 -13.26 51.68 13.26
N SER H 124 -12.55 50.79 13.95
CA SER H 124 -11.39 51.14 14.76
C SER H 124 -10.05 50.88 14.08
N HIS H 125 -10.03 50.18 12.94
CA HIS H 125 -8.80 49.80 12.23
C HIS H 125 -8.97 50.09 10.76
N GLU H 126 -7.87 50.43 10.10
CA GLU H 126 -7.89 50.74 8.67
C GLU H 126 -7.84 49.45 7.86
N ALA H 127 -8.96 49.15 7.19
CA ALA H 127 -9.02 48.03 6.26
C ALA H 127 -8.52 48.37 4.86
N SER H 128 -8.35 49.66 4.53
CA SER H 128 -7.99 50.06 3.18
C SER H 128 -6.49 50.17 2.96
N LEU H 129 -5.74 50.69 3.93
CA LEU H 129 -4.30 50.87 3.74
C LEU H 129 -3.51 49.57 3.84
N GLY H 130 -4.13 48.45 4.23
CA GLY H 130 -3.42 47.19 4.28
C GLY H 130 -3.19 46.60 2.90
N VAL H 131 -2.27 47.23 2.14
CA VAL H 131 -1.97 46.87 0.77
C VAL H 131 -0.47 46.57 0.68
N SER H 132 -0.07 46.03 -0.47
CA SER H 132 1.33 45.67 -0.70
C SER H 132 1.61 45.75 -2.19
N SER H 133 2.83 46.17 -2.53
CA SER H 133 3.26 46.18 -3.92
C SER H 133 3.49 44.78 -4.47
N ALA H 134 3.67 43.79 -3.61
CA ALA H 134 3.80 42.41 -4.06
C ALA H 134 2.49 41.82 -4.59
N CYS H 135 1.35 42.47 -4.37
CA CYS H 135 0.04 42.01 -4.81
C CYS H 135 -0.66 43.13 -5.56
N PRO H 136 -0.21 43.46 -6.76
CA PRO H 136 -0.83 44.58 -7.49
C PRO H 136 -2.12 44.17 -8.17
N TYR H 137 -3.15 45.01 -8.03
CA TYR H 137 -4.47 44.83 -8.65
C TYR H 137 -4.70 45.97 -9.63
N GLN H 138 -4.69 45.65 -10.92
CA GLN H 138 -4.84 46.65 -11.98
C GLN H 138 -3.75 47.72 -11.91
N GLY H 139 -2.54 47.30 -11.59
CA GLY H 139 -1.40 48.18 -11.48
C GLY H 139 -1.21 48.83 -10.12
N LYS H 140 -2.29 49.08 -9.38
CA LYS H 140 -2.23 49.70 -8.08
C LYS H 140 -1.91 48.64 -7.03
N SER H 141 -1.17 49.04 -5.99
CA SER H 141 -0.84 48.14 -4.90
C SER H 141 -2.11 47.71 -4.19
N SER H 142 -2.23 46.41 -3.90
CA SER H 142 -3.45 45.83 -3.38
C SER H 142 -3.08 44.64 -2.50
N PHE H 143 -4.06 43.80 -2.20
CA PHE H 143 -3.90 42.69 -1.27
C PHE H 143 -4.86 41.60 -1.74
N PHE H 144 -4.75 40.41 -1.12
CA PHE H 144 -5.76 39.36 -1.25
C PHE H 144 -7.15 39.93 -1.01
N ARG H 145 -8.06 39.65 -1.96
CA ARG H 145 -9.38 40.27 -1.93
C ARG H 145 -10.22 39.75 -0.76
N ASN H 146 -10.17 38.44 -0.51
CA ASN H 146 -11.08 37.82 0.45
C ASN H 146 -10.60 37.87 1.90
N VAL H 147 -9.41 38.41 2.18
CA VAL H 147 -8.92 38.59 3.55
C VAL H 147 -8.35 39.98 3.67
N VAL H 148 -8.64 40.63 4.80
CA VAL H 148 -8.35 42.04 5.02
C VAL H 148 -7.13 42.15 5.92
N TRP H 149 -6.05 42.72 5.39
CA TRP H 149 -4.94 43.18 6.21
C TRP H 149 -5.38 44.45 6.92
N LEU H 150 -5.47 44.38 8.25
CA LEU H 150 -5.87 45.50 9.08
C LEU H 150 -4.64 46.25 9.55
N ILE H 151 -4.72 47.58 9.53
CA ILE H 151 -3.67 48.47 10.01
C ILE H 151 -4.31 49.39 11.04
N LYS H 152 -3.50 49.83 12.00
CA LYS H 152 -3.96 50.74 13.04
C LYS H 152 -4.46 52.05 12.43
N LYS H 153 -5.47 52.62 13.10
CA LYS H 153 -6.01 53.93 12.69
C LYS H 153 -5.37 54.95 13.62
N ASN H 154 -5.20 56.18 13.18
CA ASN H 154 -4.48 57.16 14.04
C ASN H 154 -3.16 56.48 14.40
N SER H 155 -2.95 56.13 15.66
CA SER H 155 -1.75 55.39 16.12
C SER H 155 -2.28 54.49 17.22
N THR H 156 -3.31 53.73 16.91
CA THR H 156 -4.01 52.94 17.92
C THR H 156 -4.61 51.72 17.24
N TYR H 157 -4.40 50.55 17.84
CA TYR H 157 -4.87 49.25 17.33
C TYR H 157 -5.62 48.55 18.45
N PRO H 158 -6.92 48.80 18.63
CA PRO H 158 -7.66 48.10 19.69
C PRO H 158 -7.81 46.61 19.37
N THR H 159 -8.07 45.84 20.43
CA THR H 159 -8.26 44.41 20.27
C THR H 159 -9.52 44.14 19.46
N ILE H 160 -9.43 43.13 18.60
CA ILE H 160 -10.44 42.86 17.58
C ILE H 160 -11.33 41.75 18.15
N LYS H 161 -12.40 42.17 18.84
CA LYS H 161 -13.38 41.24 19.41
C LYS H 161 -14.46 41.03 18.34
N ARG H 162 -14.33 39.92 17.59
CA ARG H 162 -15.24 39.59 16.51
C ARG H 162 -15.65 38.13 16.61
N SER H 163 -16.88 37.85 16.20
CA SER H 163 -17.46 36.51 16.25
C SER H 163 -18.40 36.34 15.07
N TYR H 164 -18.70 35.08 14.73
CA TYR H 164 -19.63 34.81 13.62
C TYR H 164 -20.29 33.46 13.80
N ASN H 165 -21.59 33.43 14.02
CA ASN H 165 -22.28 32.12 14.10
C ASN H 165 -22.52 31.62 12.68
N ASN H 166 -22.17 30.37 12.40
CA ASN H 166 -22.39 29.79 11.05
C ASN H 166 -23.89 29.51 10.90
N THR H 167 -24.68 30.55 10.67
CA THR H 167 -26.16 30.38 10.52
C THR H 167 -26.41 29.36 9.40
N ASN H 168 -25.69 29.51 8.28
CA ASN H 168 -25.82 28.53 7.16
C ASN H 168 -25.64 27.12 7.73
N GLN H 169 -26.68 26.28 7.64
CA GLN H 169 -26.55 24.88 8.11
C GLN H 169 -25.47 24.18 7.27
N GLU H 170 -24.94 24.87 6.26
CA GLU H 170 -23.85 24.30 5.43
C GLU H 170 -22.50 24.68 6.04
N ASP H 171 -21.55 23.74 6.09
CA ASP H 171 -20.21 24.01 6.61
C ASP H 171 -19.60 25.22 5.92
N LEU H 172 -18.70 25.88 6.65
CA LEU H 172 -18.12 27.16 6.26
C LEU H 172 -16.62 27.12 6.46
N LEU H 173 -15.88 27.45 5.42
CA LEU H 173 -14.42 27.55 5.46
C LEU H 173 -14.04 29.00 5.73
N VAL H 174 -13.62 29.27 6.97
CA VAL H 174 -13.22 30.61 7.40
C VAL H 174 -11.71 30.71 7.28
N LEU H 175 -11.23 31.69 6.52
CA LEU H 175 -9.83 31.91 6.23
C LEU H 175 -9.35 33.18 6.91
N TRP H 176 -8.16 33.11 7.50
CA TRP H 176 -7.49 34.28 8.06
C TRP H 176 -6.00 34.04 7.97
N GLY H 177 -5.23 34.92 8.60
CA GLY H 177 -3.78 34.75 8.61
C GLY H 177 -3.14 35.64 9.65
N ILE H 178 -1.83 35.47 9.79
CA ILE H 178 -1.00 36.24 10.72
C ILE H 178 0.17 36.81 9.95
N HIS H 179 0.43 38.10 10.15
CA HIS H 179 1.54 38.80 9.53
C HIS H 179 2.80 38.63 10.38
N HIS H 180 3.95 38.51 9.71
CA HIS H 180 5.26 38.31 10.33
C HIS H 180 6.19 39.43 9.87
N PRO H 181 6.17 40.60 10.50
CA PRO H 181 7.01 41.70 10.02
C PRO H 181 8.50 41.46 10.21
N ASN H 182 9.28 42.13 9.36
CA ASN H 182 10.71 41.85 9.28
C ASN H 182 11.54 42.50 10.40
N ASP H 183 11.02 43.54 11.06
CA ASP H 183 11.61 43.96 12.33
C ASP H 183 10.52 44.60 13.18
N ALA H 184 10.88 44.93 14.43
CA ALA H 184 9.95 45.62 15.32
C ALA H 184 9.56 47.00 14.79
N ALA H 185 10.40 47.61 13.96
CA ALA H 185 10.03 48.88 13.33
C ALA H 185 8.82 48.69 12.41
N GLU H 186 8.82 47.62 11.62
CA GLU H 186 7.65 47.32 10.79
C GLU H 186 6.46 46.89 11.63
N GLN H 187 6.70 46.28 12.78
CA GLN H 187 5.61 46.02 13.72
C GLN H 187 5.00 47.33 14.20
N THR H 188 5.84 48.23 14.72
CA THR H 188 5.34 49.51 15.25
C THR H 188 4.75 50.39 14.16
N LYS H 189 5.29 50.33 12.95
CA LYS H 189 4.79 51.16 11.86
C LYS H 189 3.37 50.77 11.49
N LEU H 190 3.02 49.49 11.63
CA LEU H 190 1.70 48.96 11.27
C LEU H 190 0.81 48.75 12.49
N TYR H 191 1.39 48.33 13.62
CA TYR H 191 0.66 47.94 14.83
C TYR H 191 1.37 48.53 16.04
N GLN H 192 0.72 49.48 16.71
CA GLN H 192 1.34 50.18 17.83
C GLN H 192 1.69 49.27 19.00
N ASN H 193 1.05 48.11 19.11
CA ASN H 193 1.35 47.16 20.18
C ASN H 193 2.59 46.36 19.81
N PRO H 194 3.71 46.38 20.61
CA PRO H 194 4.89 45.61 20.20
C PRO H 194 4.67 44.11 20.25
N THR H 195 4.18 43.60 21.38
CA THR H 195 3.90 42.18 21.57
C THR H 195 2.43 41.94 21.29
N THR H 196 2.14 41.09 20.30
CA THR H 196 0.81 40.92 19.74
C THR H 196 0.47 39.44 19.69
N TYR H 197 -0.80 39.14 19.39
CA TYR H 197 -1.29 37.78 19.35
C TYR H 197 -2.54 37.70 18.48
N ILE H 198 -2.92 36.48 18.14
CA ILE H 198 -4.13 36.20 17.37
C ILE H 198 -4.70 34.93 18.01
N SER H 199 -5.71 35.09 18.88
CA SER H 199 -6.30 33.97 19.61
C SER H 199 -7.68 33.68 19.01
N VAL H 200 -7.71 32.74 18.06
CA VAL H 200 -8.94 32.28 17.42
C VAL H 200 -9.47 31.09 18.21
N GLY H 201 -10.79 30.90 18.16
CA GLY H 201 -11.41 29.80 18.87
C GLY H 201 -12.77 29.42 18.33
N THR H 202 -12.99 28.11 18.16
CA THR H 202 -14.26 27.53 17.78
C THR H 202 -14.63 26.42 18.74
N SER H 203 -15.65 25.64 18.42
CA SER H 203 -15.98 24.48 19.24
C SER H 203 -14.85 23.46 19.25
N THR H 204 -14.20 23.26 18.10
CA THR H 204 -13.14 22.30 17.90
C THR H 204 -11.80 22.96 17.56
N LEU H 205 -11.55 24.17 18.05
CA LEU H 205 -10.32 24.90 17.80
C LEU H 205 -9.95 25.72 19.02
N ASN H 206 -8.65 25.74 19.32
CA ASN H 206 -8.06 26.64 20.30
C ASN H 206 -6.66 26.94 19.81
N GLN H 207 -6.42 28.18 19.40
CA GLN H 207 -5.21 28.53 18.65
C GLN H 207 -4.84 29.97 18.93
N ARG H 208 -3.74 30.16 19.65
CA ARG H 208 -3.11 31.47 19.86
C ARG H 208 -1.84 31.51 19.02
N LEU H 209 -1.72 32.55 18.21
CA LEU H 209 -0.66 32.71 17.23
C LEU H 209 0.03 34.03 17.50
N VAL H 210 1.21 33.98 18.12
CA VAL H 210 2.06 35.17 18.25
C VAL H 210 2.73 35.37 16.89
N PRO H 211 3.16 36.58 16.51
CA PRO H 211 3.93 36.72 15.28
C PRO H 211 5.35 36.21 15.48
N ARG H 212 6.12 36.23 14.40
CA ARG H 212 7.48 35.69 14.36
C ARG H 212 8.32 36.71 13.59
N ILE H 213 8.89 37.65 14.32
CA ILE H 213 9.72 38.70 13.72
C ILE H 213 11.11 38.12 13.47
N ALA H 214 11.55 38.15 12.22
CA ALA H 214 12.86 37.63 11.85
C ALA H 214 13.27 38.27 10.54
N THR H 215 14.54 38.57 10.41
CA THR H 215 15.06 39.01 9.12
C THR H 215 14.99 37.84 8.15
N ARG H 216 14.49 38.11 6.94
CA ARG H 216 14.18 37.07 5.97
C ARG H 216 14.53 37.54 4.57
N SER H 217 14.73 36.58 3.68
CA SER H 217 15.02 36.88 2.29
C SER H 217 13.80 37.47 1.61
N LYS H 218 14.06 38.29 0.60
CA LYS H 218 12.99 38.99 -0.12
C LYS H 218 12.43 38.06 -1.18
N VAL H 219 11.12 37.77 -1.07
CA VAL H 219 10.36 37.01 -2.06
C VAL H 219 9.23 37.90 -2.54
N ASN H 220 9.12 38.04 -3.86
CA ASN H 220 8.23 39.03 -4.49
C ASN H 220 8.52 40.43 -3.98
N GLY H 221 9.80 40.74 -3.79
CA GLY H 221 10.22 42.05 -3.33
C GLY H 221 9.73 42.42 -1.95
N GLN H 222 9.52 41.45 -1.07
CA GLN H 222 8.99 41.68 0.27
C GLN H 222 9.52 40.61 1.20
N SER H 223 10.12 41.03 2.30
CA SER H 223 10.77 40.10 3.23
C SER H 223 9.82 39.57 4.28
N GLY H 224 8.86 40.38 4.72
CA GLY H 224 7.88 39.90 5.69
C GLY H 224 7.02 38.81 5.11
N ARG H 225 6.59 37.90 5.99
CA ARG H 225 5.81 36.72 5.63
C ARG H 225 4.39 36.86 6.13
N MET H 226 3.55 35.92 5.72
CA MET H 226 2.13 35.95 6.03
C MET H 226 1.61 34.51 6.00
N GLU H 227 1.40 33.93 7.18
CA GLU H 227 0.92 32.56 7.32
C GLU H 227 -0.59 32.56 7.43
N PHE H 228 -1.24 31.83 6.52
CA PHE H 228 -2.69 31.76 6.43
C PHE H 228 -3.20 30.45 7.00
N PHE H 229 -4.37 30.51 7.62
CA PHE H 229 -4.99 29.40 8.35
C PHE H 229 -6.42 29.21 7.88
N TRP H 230 -7.00 28.07 8.23
CA TRP H 230 -8.34 27.72 7.80
C TRP H 230 -8.98 26.79 8.82
N THR H 231 -10.31 26.86 8.92
CA THR H 231 -11.08 25.95 9.74
C THR H 231 -12.46 25.76 9.12
N ILE H 232 -12.99 24.55 9.28
CA ILE H 232 -14.35 24.22 8.87
C ILE H 232 -15.26 24.54 10.04
N LEU H 233 -16.01 25.63 9.91
CA LEU H 233 -16.97 26.04 10.93
C LEU H 233 -18.26 25.27 10.70
N LYS H 234 -18.61 24.41 11.65
CA LYS H 234 -19.80 23.60 11.53
C LYS H 234 -21.03 24.49 11.65
N PRO H 235 -22.22 24.02 11.25
CA PRO H 235 -23.43 24.81 11.51
C PRO H 235 -23.67 24.97 13.00
N ASN H 236 -24.16 26.16 13.37
CA ASN H 236 -24.42 26.52 14.77
C ASN H 236 -23.15 26.42 15.61
N ASP H 237 -22.03 26.87 15.06
CA ASP H 237 -20.75 26.91 15.77
C ASP H 237 -20.15 28.26 15.41
N ALA H 238 -19.65 28.97 16.42
CA ALA H 238 -19.12 30.32 16.28
C ALA H 238 -17.60 30.31 16.31
N ILE H 239 -17.00 31.15 15.48
CA ILE H 239 -15.55 31.35 15.44
C ILE H 239 -15.26 32.75 15.97
N ASN H 240 -14.53 32.82 17.08
CA ASN H 240 -14.30 34.04 17.83
C ASN H 240 -12.86 34.48 17.64
N PHE H 241 -12.67 35.57 16.88
CA PHE H 241 -11.36 36.15 16.66
C PHE H 241 -11.05 37.18 17.75
N GLU H 242 -9.80 37.19 18.19
CA GLU H 242 -9.36 38.03 19.29
C GLU H 242 -7.87 38.30 19.08
N SER H 243 -7.57 39.47 18.53
CA SER H 243 -6.21 39.84 18.13
C SER H 243 -6.00 41.32 18.38
N ASN H 244 -4.75 41.65 18.75
CA ASN H 244 -4.30 43.03 18.93
C ASN H 244 -3.17 43.38 17.96
N GLY H 245 -3.07 42.68 16.84
CA GLY H 245 -2.04 42.97 15.86
C GLY H 245 -1.83 41.81 14.91
N ASN H 246 -1.27 42.16 13.75
CA ASN H 246 -0.87 41.22 12.70
C ASN H 246 -2.03 40.45 12.10
N PHE H 247 -3.27 40.91 12.26
CA PHE H 247 -4.45 40.11 11.97
C PHE H 247 -4.90 40.35 10.53
N ILE H 248 -4.70 39.34 9.70
CA ILE H 248 -5.20 39.34 8.31
C ILE H 248 -6.61 38.78 8.41
N ALA H 249 -7.56 39.66 8.70
CA ALA H 249 -8.87 39.25 9.15
C ALA H 249 -9.67 38.61 8.01
N PRO H 250 -10.64 37.75 8.30
CA PRO H 250 -11.53 37.30 7.23
C PRO H 250 -12.43 38.42 6.75
N GLU H 251 -12.78 38.36 5.48
CA GLU H 251 -13.79 39.19 4.86
C GLU H 251 -14.86 38.36 4.18
N TYR H 252 -14.47 37.25 3.56
CA TYR H 252 -15.37 36.30 2.95
C TYR H 252 -15.08 34.91 3.50
N ALA H 253 -16.08 34.06 3.38
CA ALA H 253 -16.04 32.66 3.74
C ALA H 253 -16.17 31.86 2.46
N TYR H 254 -16.29 30.55 2.61
CA TYR H 254 -16.50 29.67 1.48
C TYR H 254 -17.40 28.52 1.95
N LYS H 255 -18.70 28.71 1.74
CA LYS H 255 -19.73 27.80 2.25
C LYS H 255 -19.85 26.59 1.35
N ILE H 256 -19.59 25.41 1.91
CA ILE H 256 -19.62 24.17 1.14
C ILE H 256 -21.07 23.85 0.81
N VAL H 257 -21.42 23.93 -0.47
CA VAL H 257 -22.80 23.77 -0.92
C VAL H 257 -23.14 22.30 -1.16
N LYS H 258 -22.31 21.60 -1.94
CA LYS H 258 -22.49 20.18 -2.19
C LYS H 258 -21.15 19.47 -2.08
N LYS H 259 -21.11 18.43 -1.24
CA LYS H 259 -19.95 17.57 -1.11
C LYS H 259 -20.14 16.38 -2.04
N GLY H 260 -19.31 16.32 -3.09
CA GLY H 260 -19.39 15.32 -4.14
C GLY H 260 -18.05 14.64 -4.34
N ASP H 261 -17.81 14.26 -5.59
CA ASP H 261 -16.56 13.64 -6.04
C ASP H 261 -15.80 14.65 -6.88
N SER H 262 -14.53 14.87 -6.54
CA SER H 262 -13.71 15.84 -7.26
C SER H 262 -12.25 15.51 -7.04
N THR H 263 -11.38 16.30 -7.67
CA THR H 263 -9.94 16.16 -7.52
C THR H 263 -9.29 17.44 -7.99
N ILE H 264 -8.10 17.71 -7.47
CA ILE H 264 -7.29 18.85 -7.87
C ILE H 264 -6.22 18.30 -8.82
N MET H 265 -6.47 18.45 -10.12
CA MET H 265 -5.58 17.89 -11.13
C MET H 265 -4.34 18.75 -11.29
N LYS H 266 -3.18 18.10 -11.35
CA LYS H 266 -1.90 18.74 -11.65
C LYS H 266 -1.69 18.70 -13.17
N SER H 267 -2.55 19.45 -13.87
CA SER H 267 -2.62 19.49 -15.32
C SER H 267 -2.27 20.88 -15.82
N GLU H 268 -1.36 20.94 -16.80
CA GLU H 268 -0.93 22.18 -17.42
C GLU H 268 -1.73 22.57 -18.65
N LEU H 269 -2.66 21.74 -19.10
CA LEU H 269 -3.35 21.98 -20.36
C LEU H 269 -4.45 23.04 -20.18
N GLU H 270 -4.81 23.66 -21.31
CA GLU H 270 -5.87 24.66 -21.39
C GLU H 270 -7.16 24.02 -21.90
N TYR H 271 -8.27 24.71 -21.66
CA TYR H 271 -9.60 24.16 -21.90
C TYR H 271 -9.83 23.85 -23.37
N GLY H 272 -10.55 22.75 -23.60
CA GLY H 272 -11.11 22.41 -24.89
C GLY H 272 -12.61 22.30 -24.78
N ASN H 273 -13.35 22.78 -25.77
CA ASN H 273 -14.80 22.64 -25.74
C ASN H 273 -15.15 21.18 -25.95
N CYS H 274 -15.31 20.46 -24.84
CA CYS H 274 -15.37 19.00 -24.83
C CYS H 274 -16.59 18.54 -24.05
N ASN H 275 -16.88 17.25 -24.16
CA ASN H 275 -17.55 16.53 -23.10
C ASN H 275 -17.08 15.09 -23.14
N THR H 276 -16.63 14.59 -22.00
CA THR H 276 -16.08 13.24 -21.87
C THR H 276 -16.49 12.66 -20.53
N LYS H 277 -16.77 11.36 -20.50
CA LYS H 277 -17.09 10.72 -19.24
C LYS H 277 -15.90 10.73 -18.30
N CYS H 278 -14.68 10.53 -18.84
CA CYS H 278 -13.44 10.50 -18.09
C CYS H 278 -12.56 11.68 -18.45
N GLN H 279 -11.64 11.99 -17.54
CA GLN H 279 -10.61 12.98 -17.77
C GLN H 279 -9.33 12.48 -17.12
N THR H 280 -8.21 12.91 -17.70
CA THR H 280 -6.85 12.65 -17.28
C THR H 280 -6.12 13.97 -17.28
N PRO H 281 -5.05 14.14 -16.50
CA PRO H 281 -4.27 15.39 -16.60
C PRO H 281 -3.67 15.62 -17.97
N MET H 282 -3.36 14.57 -18.72
CA MET H 282 -2.85 14.67 -20.08
C MET H 282 -3.95 14.71 -21.14
N GLY H 283 -5.21 14.45 -20.78
CA GLY H 283 -6.30 14.47 -21.74
C GLY H 283 -7.53 13.73 -21.28
N ALA H 284 -8.31 13.19 -22.23
CA ALA H 284 -9.56 12.51 -21.93
C ALA H 284 -9.70 11.29 -22.83
N ILE H 285 -10.47 10.31 -22.34
CA ILE H 285 -10.69 9.04 -23.01
C ILE H 285 -12.13 8.99 -23.50
N ASN H 286 -12.35 8.39 -24.67
CA ASN H 286 -13.64 8.36 -25.35
C ASN H 286 -13.94 6.98 -25.92
N SER H 287 -13.69 5.94 -25.14
CA SER H 287 -14.13 4.60 -25.52
C SER H 287 -14.28 3.75 -24.26
N SER H 288 -15.03 2.66 -24.40
CA SER H 288 -15.47 1.85 -23.27
C SER H 288 -14.52 0.71 -22.93
N MET H 289 -13.38 0.58 -23.61
CA MET H 289 -12.48 -0.52 -23.30
C MET H 289 -11.85 -0.31 -21.92
N PRO H 290 -11.57 -1.40 -21.17
CA PRO H 290 -11.35 -1.25 -19.72
C PRO H 290 -10.06 -0.59 -19.30
N PHE H 291 -8.99 -0.62 -20.11
CA PHE H 291 -7.67 -0.18 -19.69
C PHE H 291 -7.24 1.07 -20.45
N HIS H 292 -6.35 1.82 -19.81
CA HIS H 292 -5.63 2.92 -20.44
C HIS H 292 -4.32 3.09 -19.71
N ASN H 293 -3.36 3.75 -20.37
CA ASN H 293 -2.00 3.93 -19.86
C ASN H 293 -1.53 5.37 -20.05
N ILE H 294 -2.38 6.32 -19.70
CA ILE H 294 -2.12 7.74 -19.92
C ILE H 294 -1.57 8.34 -18.63
N HIS H 295 -2.37 8.31 -17.55
CA HIS H 295 -1.95 8.83 -16.26
C HIS H 295 -2.90 8.24 -15.22
N PRO H 296 -2.42 7.81 -14.04
CA PRO H 296 -3.34 7.12 -13.13
C PRO H 296 -4.37 8.01 -12.47
N LEU H 297 -4.09 9.31 -12.32
CA LEU H 297 -4.93 10.21 -11.52
C LEU H 297 -6.06 10.77 -12.38
N THR H 298 -6.98 9.89 -12.75
CA THR H 298 -8.15 10.21 -13.56
C THR H 298 -9.37 10.43 -12.66
N ILE H 299 -10.41 10.99 -13.27
CA ILE H 299 -11.71 11.18 -12.61
C ILE H 299 -12.81 10.87 -13.61
N GLY H 300 -13.91 10.32 -13.12
CA GLY H 300 -15.08 9.98 -13.91
C GLY H 300 -15.21 8.48 -14.11
N GLU H 301 -16.27 8.11 -14.84
CA GLU H 301 -16.50 6.71 -15.18
C GLU H 301 -15.50 6.32 -16.25
N CYS H 302 -14.30 5.93 -15.82
CA CYS H 302 -13.10 5.89 -16.65
C CYS H 302 -12.56 4.48 -16.76
N PRO H 303 -11.79 4.16 -17.80
CA PRO H 303 -11.00 2.93 -17.75
C PRO H 303 -10.00 2.97 -16.61
N LYS H 304 -9.56 1.78 -16.22
CA LYS H 304 -8.75 1.57 -15.03
C LYS H 304 -7.28 1.47 -15.44
N TYR H 305 -6.43 2.26 -14.79
CA TYR H 305 -5.08 2.46 -15.27
C TYR H 305 -4.24 1.21 -15.10
N VAL H 306 -3.50 0.86 -16.16
CA VAL H 306 -2.43 -0.13 -16.09
C VAL H 306 -1.27 0.41 -16.92
N LYS H 307 -0.07 0.41 -16.33
CA LYS H 307 1.11 0.99 -16.99
C LYS H 307 1.74 -0.07 -17.91
N SER H 308 1.03 -0.32 -19.01
CA SER H 308 1.46 -1.22 -20.07
C SER H 308 1.36 -0.49 -21.40
N ASN H 309 2.36 -0.66 -22.24
CA ASN H 309 2.43 0.00 -23.55
C ASN H 309 1.77 -0.79 -24.67
N ARG H 310 1.35 -2.03 -24.42
CA ARG H 310 0.86 -2.91 -25.48
C ARG H 310 0.09 -4.03 -24.81
N LEU H 311 -1.22 -4.10 -25.07
CA LEU H 311 -2.09 -5.01 -24.34
C LEU H 311 -3.27 -5.32 -25.26
N VAL H 312 -3.32 -6.57 -25.76
CA VAL H 312 -4.26 -6.98 -26.79
C VAL H 312 -4.75 -8.39 -26.49
N LEU H 313 -6.04 -8.63 -26.73
CA LEU H 313 -6.65 -9.95 -26.60
C LEU H 313 -6.62 -10.68 -27.93
N ALA H 314 -6.58 -12.01 -27.84
CA ALA H 314 -6.63 -12.91 -29.00
C ALA H 314 -8.09 -13.31 -29.22
N THR H 315 -8.73 -12.67 -30.19
CA THR H 315 -10.09 -13.04 -30.60
C THR H 315 -10.09 -14.13 -31.67
N GLY H 316 -9.06 -14.18 -32.52
CA GLY H 316 -9.01 -15.11 -33.62
C GLY H 316 -8.17 -16.34 -33.34
N LEU H 317 -7.75 -16.99 -34.43
CA LEU H 317 -7.04 -18.26 -34.39
C LEU H 317 -5.54 -17.98 -34.34
N ARG H 318 -4.71 -19.03 -34.42
CA ARG H 318 -3.27 -18.91 -34.26
C ARG H 318 -2.53 -18.47 -35.52
N ASN H 319 -3.21 -18.34 -36.67
CA ASN H 319 -2.55 -17.94 -37.91
C ASN H 319 -3.53 -17.31 -38.87
N GLY H 329 -5.83 -32.84 -35.52
CA GLY H 329 -4.67 -32.16 -36.08
C GLY H 329 -5.04 -31.06 -37.03
N ALA H 330 -4.43 -29.88 -36.85
CA ALA H 330 -4.72 -28.75 -37.71
C ALA H 330 -4.26 -29.02 -39.14
N ILE H 331 -3.01 -29.46 -39.30
CA ILE H 331 -2.47 -29.92 -40.58
C ILE H 331 -1.99 -31.34 -40.37
N ALA H 332 -2.91 -32.31 -40.51
CA ALA H 332 -2.55 -33.72 -40.40
C ALA H 332 -3.60 -34.52 -41.17
N GLY H 333 -3.25 -34.96 -42.38
CA GLY H 333 -4.06 -35.93 -43.09
C GLY H 333 -5.25 -35.36 -43.84
N PHE H 334 -6.44 -35.51 -43.26
CA PHE H 334 -7.68 -35.24 -43.98
C PHE H 334 -7.84 -33.76 -44.31
N ILE H 335 -7.60 -32.89 -43.33
CA ILE H 335 -7.83 -31.46 -43.53
C ILE H 335 -6.74 -30.92 -44.44
N GLU H 336 -7.15 -30.10 -45.41
CA GLU H 336 -6.19 -29.55 -46.38
C GLU H 336 -5.20 -28.60 -45.71
N GLY H 337 -5.71 -27.65 -44.94
CA GLY H 337 -4.90 -26.68 -44.24
C GLY H 337 -5.65 -25.39 -44.06
N GLY H 338 -4.91 -24.32 -43.73
CA GLY H 338 -5.49 -23.01 -43.54
C GLY H 338 -5.81 -22.32 -44.85
N TRP H 339 -6.81 -22.83 -45.56
CA TRP H 339 -7.16 -22.34 -46.88
C TRP H 339 -7.79 -20.96 -46.74
N GLN H 340 -7.08 -19.93 -47.22
CA GLN H 340 -7.56 -18.56 -47.04
C GLN H 340 -8.79 -18.22 -47.87
N GLY H 341 -9.16 -19.05 -48.85
CA GLY H 341 -10.27 -18.72 -49.72
C GLY H 341 -11.61 -18.65 -49.01
N MET H 342 -11.86 -19.55 -48.07
CA MET H 342 -13.10 -19.52 -47.32
C MET H 342 -13.15 -18.30 -46.42
N VAL H 343 -14.32 -17.65 -46.40
CA VAL H 343 -14.54 -16.43 -45.63
C VAL H 343 -15.51 -16.74 -44.49
N ASP H 344 -16.67 -17.28 -44.83
CA ASP H 344 -17.69 -17.56 -43.83
C ASP H 344 -17.24 -18.70 -42.92
N GLY H 345 -17.29 -18.46 -41.62
CA GLY H 345 -16.92 -19.45 -40.63
C GLY H 345 -15.44 -19.43 -40.31
N TRP H 346 -15.14 -19.61 -39.03
CA TRP H 346 -13.77 -19.54 -38.51
C TRP H 346 -13.08 -20.90 -38.47
N TYR H 347 -13.81 -22.00 -38.34
CA TYR H 347 -13.25 -23.34 -38.12
C TYR H 347 -13.57 -24.32 -39.24
N GLY H 348 -14.84 -24.47 -39.62
CA GLY H 348 -15.25 -25.42 -40.63
C GLY H 348 -16.42 -25.00 -41.49
N ALA H 361 -16.69 -23.69 -41.56
CA ALA H 361 -17.81 -23.16 -42.35
C ALA H 361 -19.15 -23.73 -41.89
N ASP H 362 -19.27 -23.98 -40.59
CA ASP H 362 -20.45 -24.59 -39.98
C ASP H 362 -20.99 -23.65 -38.92
N LYS H 363 -22.28 -23.33 -39.02
CA LYS H 363 -22.87 -22.32 -38.14
C LYS H 363 -23.01 -22.80 -36.70
N GLU H 364 -22.94 -24.12 -36.45
CA GLU H 364 -23.06 -24.62 -35.07
C GLU H 364 -21.88 -24.16 -34.23
N SER H 365 -20.66 -24.30 -34.77
CA SER H 365 -19.44 -23.97 -34.04
C SER H 365 -18.96 -22.54 -34.29
N THR H 366 -19.21 -21.98 -35.48
CA THR H 366 -18.60 -20.71 -35.85
C THR H 366 -19.41 -19.52 -35.34
N GLN H 367 -20.74 -19.60 -35.40
CA GLN H 367 -21.56 -18.47 -34.99
C GLN H 367 -21.49 -18.24 -33.48
N LYS H 368 -21.35 -19.31 -32.70
CA LYS H 368 -21.21 -19.15 -31.26
C LYS H 368 -19.87 -18.54 -30.89
N ALA H 369 -18.83 -18.77 -31.69
CA ALA H 369 -17.51 -18.22 -31.39
C ALA H 369 -17.51 -16.70 -31.50
N ILE H 370 -18.10 -16.17 -32.57
CA ILE H 370 -18.16 -14.71 -32.73
C ILE H 370 -19.05 -14.08 -31.67
N ASP H 371 -20.06 -14.82 -31.18
CA ASP H 371 -20.94 -14.28 -30.15
C ASP H 371 -20.19 -14.04 -28.84
N GLY H 372 -19.22 -14.90 -28.54
CA GLY H 372 -18.48 -14.78 -27.29
C GLY H 372 -17.42 -13.69 -27.27
N VAL H 373 -17.21 -12.99 -28.38
CA VAL H 373 -16.20 -11.94 -28.41
C VAL H 373 -16.60 -10.77 -27.51
N THR H 374 -17.85 -10.34 -27.62
CA THR H 374 -18.32 -9.22 -26.81
C THR H 374 -18.37 -9.58 -25.34
N ASN H 375 -18.75 -10.82 -25.02
CA ASN H 375 -18.74 -11.27 -23.63
C ASN H 375 -17.32 -11.40 -23.10
N LYS H 376 -16.37 -11.80 -23.96
CA LYS H 376 -15.02 -12.07 -23.51
C LYS H 376 -14.32 -10.80 -23.05
N VAL H 377 -14.45 -9.71 -23.81
CA VAL H 377 -13.92 -8.42 -23.36
C VAL H 377 -14.71 -7.90 -22.17
N ASN H 378 -16.03 -8.16 -22.14
CA ASN H 378 -16.84 -7.74 -21.00
C ASN H 378 -16.45 -8.45 -19.72
N SER H 379 -15.90 -9.67 -19.83
CA SER H 379 -15.42 -10.37 -18.64
C SER H 379 -14.27 -9.63 -17.97
N ILE H 380 -13.31 -9.14 -18.77
CA ILE H 380 -12.19 -8.40 -18.19
C ILE H 380 -12.66 -7.07 -17.64
N ILE H 381 -13.70 -6.47 -18.24
CA ILE H 381 -14.32 -5.29 -17.63
C ILE H 381 -14.92 -5.66 -16.29
N ASP H 382 -15.62 -6.80 -16.23
CA ASP H 382 -16.28 -7.20 -14.99
C ASP H 382 -15.29 -7.75 -13.97
N LYS H 383 -14.28 -8.49 -14.41
CA LYS H 383 -13.38 -9.16 -13.48
C LYS H 383 -12.44 -8.16 -12.82
N MET H 384 -11.75 -7.34 -13.63
CA MET H 384 -10.83 -6.33 -13.13
C MET H 384 -11.53 -4.97 -13.01
N ASN H 385 -12.69 -4.97 -12.36
CA ASN H 385 -13.36 -3.75 -11.91
C ASN H 385 -12.95 -3.31 -10.51
N THR H 386 -12.21 -4.14 -9.77
CA THR H 386 -11.90 -3.92 -8.38
C THR H 386 -10.56 -3.20 -8.19
N GLN H 387 -9.98 -2.64 -9.27
CA GLN H 387 -8.61 -2.18 -9.26
C GLN H 387 -8.45 -0.96 -8.35
N PHE H 388 -7.19 -0.65 -8.05
CA PHE H 388 -6.86 0.47 -7.19
C PHE H 388 -7.05 1.77 -7.96
N GLU H 389 -7.98 2.60 -7.50
CA GLU H 389 -8.21 3.92 -8.08
C GLU H 389 -7.24 4.90 -7.44
N ALA H 390 -6.28 5.39 -8.21
CA ALA H 390 -5.26 6.29 -7.68
C ALA H 390 -5.87 7.64 -7.38
N VAL H 391 -5.86 8.02 -6.10
CA VAL H 391 -6.40 9.29 -5.63
C VAL H 391 -5.23 10.23 -5.40
N GLY H 392 -5.30 11.41 -6.00
CA GLY H 392 -4.24 12.40 -5.85
C GLY H 392 -4.21 12.94 -4.44
N ARG H 393 -3.03 12.90 -3.81
CA ARG H 393 -2.79 13.48 -2.49
C ARG H 393 -1.50 14.28 -2.54
N GLU H 394 -1.55 15.53 -2.09
CA GLU H 394 -0.41 16.42 -2.08
C GLU H 394 0.21 16.47 -0.68
N PHE H 395 1.52 16.70 -0.63
CA PHE H 395 2.26 16.84 0.62
C PHE H 395 3.29 17.94 0.47
N ASN H 396 3.64 18.56 1.60
CA ASN H 396 4.54 19.71 1.60
C ASN H 396 5.99 19.25 1.66
N ASN H 397 6.91 20.21 1.70
CA ASN H 397 8.34 19.91 1.57
C ASN H 397 8.90 19.19 2.78
N LEU H 398 8.24 19.24 3.93
CA LEU H 398 8.66 18.55 5.15
C LEU H 398 7.92 17.23 5.38
N GLU H 399 7.16 16.75 4.39
CA GLU H 399 6.48 15.46 4.42
C GLU H 399 6.90 14.62 3.22
N ARG H 400 8.20 14.60 2.96
CA ARG H 400 8.72 13.81 1.84
C ARG H 400 8.60 12.32 2.08
N ARG H 401 8.68 11.89 3.35
CA ARG H 401 8.56 10.48 3.67
C ARG H 401 7.19 9.95 3.30
N ILE H 402 6.14 10.70 3.66
CA ILE H 402 4.79 10.23 3.40
C ILE H 402 4.50 10.30 1.90
N GLU H 403 5.04 11.31 1.22
CA GLU H 403 4.84 11.45 -0.21
C GLU H 403 5.50 10.29 -0.96
N ASN H 404 6.73 9.95 -0.58
CA ASN H 404 7.37 8.77 -1.15
C ASN H 404 6.64 7.50 -0.73
N LEU H 405 6.06 7.49 0.47
CA LEU H 405 5.21 6.37 0.87
C LEU H 405 3.96 6.31 0.00
N ASN H 406 3.34 7.47 -0.27
CA ASN H 406 2.19 7.49 -1.15
C ASN H 406 2.58 7.10 -2.57
N LYS H 407 3.68 7.65 -3.08
CA LYS H 407 4.06 7.42 -4.46
C LYS H 407 4.44 5.96 -4.69
N LYS H 408 5.06 5.33 -3.69
CA LYS H 408 5.35 3.90 -3.78
C LYS H 408 4.10 3.07 -3.58
N MET H 409 3.20 3.51 -2.70
CA MET H 409 1.91 2.84 -2.55
C MET H 409 1.07 2.96 -3.81
N GLU H 410 1.04 4.15 -4.40
CA GLU H 410 0.27 4.35 -5.62
C GLU H 410 0.90 3.57 -6.78
N ASP H 411 2.21 3.74 -6.99
CA ASP H 411 2.89 3.01 -8.04
C ASP H 411 2.92 1.51 -7.75
N GLY H 412 3.01 1.14 -6.48
CA GLY H 412 3.09 -0.27 -6.13
C GLY H 412 1.82 -1.03 -6.49
N PHE H 413 0.66 -0.43 -6.23
CA PHE H 413 -0.59 -1.10 -6.56
C PHE H 413 -0.79 -1.17 -8.06
N LEU H 414 -0.43 -0.10 -8.77
CA LEU H 414 -0.50 -0.12 -10.22
C LEU H 414 0.51 -1.11 -10.81
N ASP H 415 1.64 -1.32 -10.14
CA ASP H 415 2.52 -2.42 -10.51
C ASP H 415 1.87 -3.77 -10.28
N VAL H 416 1.07 -3.90 -9.22
CA VAL H 416 0.34 -5.14 -8.98
C VAL H 416 -0.75 -5.32 -10.02
N TRP H 417 -1.52 -4.27 -10.28
CA TRP H 417 -2.69 -4.40 -11.13
C TRP H 417 -2.35 -4.45 -12.61
N THR H 418 -1.23 -3.86 -13.03
CA THR H 418 -0.78 -4.07 -14.40
C THR H 418 -0.26 -5.49 -14.59
N TYR H 419 0.32 -6.09 -13.54
CA TYR H 419 0.72 -7.49 -13.62
C TYR H 419 -0.50 -8.40 -13.72
N ASN H 420 -1.54 -8.10 -12.93
CA ASN H 420 -2.77 -8.88 -12.99
C ASN H 420 -3.46 -8.71 -14.34
N ALA H 421 -3.39 -7.50 -14.91
CA ALA H 421 -3.99 -7.27 -16.22
C ALA H 421 -3.23 -8.02 -17.30
N GLU H 422 -1.90 -7.94 -17.28
CA GLU H 422 -1.10 -8.68 -18.25
C GLU H 422 -1.26 -10.18 -18.05
N LEU H 423 -1.22 -10.64 -16.80
CA LEU H 423 -1.39 -12.06 -16.52
C LEU H 423 -2.77 -12.54 -16.94
N LEU H 424 -3.81 -11.73 -16.70
CA LEU H 424 -5.16 -12.13 -17.09
C LEU H 424 -5.29 -12.24 -18.60
N VAL H 425 -4.70 -11.29 -19.34
CA VAL H 425 -4.82 -11.31 -20.80
C VAL H 425 -3.87 -12.35 -21.40
N LEU H 426 -2.70 -12.55 -20.79
CA LEU H 426 -1.81 -13.61 -21.27
C LEU H 426 -2.49 -14.97 -21.11
N MET H 427 -3.16 -15.18 -19.97
CA MET H 427 -3.89 -16.42 -19.74
C MET H 427 -5.13 -16.52 -20.61
N GLU H 428 -5.82 -15.39 -20.85
CA GLU H 428 -6.96 -15.41 -21.77
C GLU H 428 -6.53 -15.73 -23.18
N ASN H 429 -5.39 -15.19 -23.62
CA ASN H 429 -4.85 -15.54 -24.92
C ASN H 429 -4.44 -17.02 -24.97
N GLU H 430 -3.97 -17.57 -23.85
CA GLU H 430 -3.62 -18.97 -23.82
C GLU H 430 -4.86 -19.85 -23.98
N ARG H 431 -5.90 -19.59 -23.19
CA ARG H 431 -7.09 -20.43 -23.24
C ARG H 431 -7.85 -20.25 -24.55
N THR H 432 -7.92 -19.03 -25.07
CA THR H 432 -8.75 -18.79 -26.26
C THR H 432 -8.11 -19.37 -27.51
N LEU H 433 -6.78 -19.43 -27.57
CA LEU H 433 -6.12 -20.17 -28.65
C LEU H 433 -6.19 -21.67 -28.40
N ASP H 434 -6.13 -22.11 -27.14
CA ASP H 434 -6.41 -23.49 -26.83
C ASP H 434 -7.87 -23.83 -27.11
N PHE H 435 -8.77 -22.87 -26.90
CA PHE H 435 -10.18 -23.08 -27.26
C PHE H 435 -10.33 -23.24 -28.76
N HIS H 436 -9.58 -22.46 -29.54
CA HIS H 436 -9.60 -22.59 -30.99
C HIS H 436 -8.83 -23.81 -31.47
N ASP H 437 -7.74 -24.17 -30.78
CA ASP H 437 -7.06 -25.42 -31.10
C ASP H 437 -7.91 -26.62 -30.72
N SER H 438 -8.61 -26.54 -29.59
CA SER H 438 -9.39 -27.69 -29.14
C SER H 438 -10.60 -27.94 -30.01
N ASN H 439 -11.38 -26.90 -30.32
CA ASN H 439 -12.61 -27.12 -31.08
C ASN H 439 -12.34 -27.49 -32.52
N VAL H 440 -11.19 -27.05 -33.07
CA VAL H 440 -10.77 -27.54 -34.38
C VAL H 440 -10.51 -29.04 -34.32
N LYS H 441 -9.84 -29.49 -33.25
CA LYS H 441 -9.66 -30.92 -33.05
C LYS H 441 -10.97 -31.62 -32.78
N ASN H 442 -11.91 -30.94 -32.09
CA ASN H 442 -13.22 -31.54 -31.86
C ASN H 442 -13.97 -31.73 -33.17
N LEU H 443 -13.90 -30.74 -34.07
CA LEU H 443 -14.51 -30.90 -35.38
C LEU H 443 -13.81 -32.00 -36.17
N TYR H 444 -12.49 -32.07 -36.06
CA TYR H 444 -11.76 -33.17 -36.68
C TYR H 444 -12.15 -34.51 -36.06
N ASP H 445 -12.32 -34.54 -34.73
CA ASP H 445 -12.79 -35.75 -34.07
C ASP H 445 -14.22 -36.08 -34.49
N LYS H 446 -15.08 -35.06 -34.61
CA LYS H 446 -16.42 -35.29 -35.13
C LYS H 446 -16.39 -35.75 -36.57
N VAL H 447 -15.48 -35.20 -37.37
CA VAL H 447 -15.30 -35.67 -38.75
C VAL H 447 -14.75 -37.09 -38.74
N ARG H 448 -13.73 -37.34 -37.91
CA ARG H 448 -13.06 -38.64 -37.94
C ARG H 448 -13.96 -39.75 -37.42
N LEU H 449 -14.71 -39.51 -36.35
CA LEU H 449 -15.56 -40.54 -35.78
C LEU H 449 -16.70 -40.90 -36.72
N GLN H 450 -17.25 -39.91 -37.43
CA GLN H 450 -18.36 -40.18 -38.34
C GLN H 450 -17.92 -41.03 -39.53
N LEU H 451 -16.74 -40.74 -40.09
CA LEU H 451 -16.29 -41.46 -41.28
C LEU H 451 -15.99 -42.92 -40.97
N ARG H 452 -15.29 -43.18 -39.87
CA ARG H 452 -14.88 -44.54 -39.49
C ARG H 452 -13.97 -45.17 -40.54
N ASP H 453 -13.17 -44.34 -41.22
CA ASP H 453 -12.33 -44.80 -42.33
C ASP H 453 -11.22 -43.80 -42.54
N ASN H 454 -10.04 -44.31 -42.90
CA ASN H 454 -8.89 -43.49 -43.26
C ASN H 454 -8.87 -43.11 -44.74
N ALA H 455 -9.86 -43.54 -45.53
CA ALA H 455 -9.96 -43.08 -46.90
C ALA H 455 -10.23 -41.59 -46.93
N LYS H 456 -9.44 -40.84 -47.70
CA LYS H 456 -9.61 -39.40 -47.76
C LYS H 456 -10.88 -39.01 -48.49
N GLU H 457 -11.30 -39.81 -49.47
CA GLU H 457 -12.55 -39.59 -50.22
C GLU H 457 -12.54 -38.24 -50.94
N HIS H 467 -14.05 -32.38 -55.85
CA HIS H 467 -14.20 -31.85 -57.19
C HIS H 467 -15.46 -32.41 -57.86
N LYS H 468 -15.41 -33.69 -58.21
CA LYS H 468 -16.54 -34.35 -58.85
C LYS H 468 -17.57 -34.87 -57.85
N CYS H 469 -17.17 -35.11 -56.60
CA CYS H 469 -18.06 -35.61 -55.55
C CYS H 469 -18.63 -34.48 -54.70
N ASP H 470 -18.86 -33.31 -55.29
CA ASP H 470 -19.40 -32.18 -54.55
C ASP H 470 -20.83 -32.47 -54.13
N ASN H 471 -21.12 -32.28 -52.85
CA ASN H 471 -22.43 -32.52 -52.24
C ASN H 471 -22.89 -33.98 -52.35
N GLU H 472 -21.96 -34.92 -52.57
CA GLU H 472 -22.20 -36.36 -52.44
C GLU H 472 -21.27 -36.99 -51.42
N CYS H 473 -19.97 -36.74 -51.52
CA CYS H 473 -19.05 -37.05 -50.43
C CYS H 473 -19.12 -36.01 -49.33
N MET H 474 -19.15 -34.73 -49.72
CA MET H 474 -19.07 -33.65 -48.74
C MET H 474 -20.36 -33.43 -47.97
N GLU H 475 -21.52 -33.75 -48.57
CA GLU H 475 -22.79 -33.55 -47.90
C GLU H 475 -22.92 -34.45 -46.66
N SER H 476 -22.49 -35.71 -46.78
CA SER H 476 -22.57 -36.62 -45.65
C SER H 476 -21.63 -36.21 -44.53
N VAL H 477 -20.53 -35.54 -44.85
CA VAL H 477 -19.60 -35.08 -43.82
C VAL H 477 -20.24 -33.99 -42.96
N ARG H 478 -20.84 -33.00 -43.60
CA ARG H 478 -21.19 -31.75 -42.93
C ARG H 478 -22.56 -31.80 -42.25
N ASN H 479 -23.49 -32.58 -42.77
CA ASN H 479 -24.78 -32.74 -42.09
C ASN H 479 -24.67 -33.58 -40.81
N GLY H 480 -23.55 -34.28 -40.60
CA GLY H 480 -23.39 -35.14 -39.45
C GLY H 480 -23.89 -36.55 -39.63
N THR H 481 -24.70 -36.81 -40.65
CA THR H 481 -25.27 -38.13 -40.93
C THR H 481 -24.43 -38.78 -42.01
N TYR H 482 -23.31 -39.39 -41.60
CA TYR H 482 -22.51 -40.26 -42.47
C TYR H 482 -22.96 -41.69 -42.20
N ASP H 483 -23.87 -42.18 -43.02
CA ASP H 483 -24.34 -43.56 -42.94
C ASP H 483 -23.31 -44.43 -43.65
N TYR H 484 -22.37 -44.94 -42.87
CA TYR H 484 -21.31 -45.79 -43.42
C TYR H 484 -21.82 -47.05 -44.14
N PRO H 485 -22.93 -47.72 -43.75
CA PRO H 485 -23.40 -48.86 -44.56
C PRO H 485 -23.74 -48.56 -46.02
N GLN H 486 -24.36 -47.42 -46.34
CA GLN H 486 -24.63 -47.16 -47.76
C GLN H 486 -23.39 -46.78 -48.54
N TYR H 487 -22.33 -46.32 -47.87
CA TYR H 487 -21.01 -46.12 -48.46
C TYR H 487 -20.07 -47.28 -48.14
N SER H 488 -20.62 -48.49 -48.01
CA SER H 488 -19.81 -49.69 -47.87
C SER H 488 -19.25 -50.18 -49.20
N GLU H 489 -19.77 -49.67 -50.32
CA GLU H 489 -19.10 -49.91 -51.61
C GLU H 489 -17.70 -49.30 -51.59
N GLU H 490 -17.57 -48.12 -50.98
CA GLU H 490 -16.24 -47.55 -50.75
C GLU H 490 -15.44 -48.45 -49.80
N ALA H 491 -16.11 -49.03 -48.80
CA ALA H 491 -15.44 -50.00 -47.94
C ALA H 491 -15.07 -51.26 -48.71
N ARG H 492 -15.92 -51.68 -49.64
CA ARG H 492 -15.54 -52.76 -50.55
C ARG H 492 -14.39 -52.33 -51.44
N LEU H 493 -14.38 -51.08 -51.89
CA LEU H 493 -13.21 -50.55 -52.58
C LEU H 493 -12.04 -50.39 -51.62
N LYS H 494 -12.31 -50.12 -50.35
CA LYS H 494 -11.23 -50.07 -49.36
C LYS H 494 -10.59 -51.45 -49.19
N ARG H 495 -11.42 -52.47 -48.93
CA ARG H 495 -10.86 -53.81 -48.77
C ARG H 495 -10.29 -54.35 -50.08
N GLU H 496 -10.80 -53.85 -51.22
CA GLU H 496 -10.17 -54.20 -52.50
C GLU H 496 -8.82 -53.52 -52.65
N GLU H 497 -8.73 -52.22 -52.36
CA GLU H 497 -7.53 -51.47 -52.71
C GLU H 497 -6.37 -51.76 -51.77
N ILE H 498 -6.64 -52.03 -50.50
CA ILE H 498 -5.54 -52.45 -49.61
C ILE H 498 -5.03 -53.81 -50.03
N SER H 499 -5.92 -54.70 -50.46
CA SER H 499 -5.49 -55.97 -51.04
C SER H 499 -4.75 -55.74 -52.35
N GLY H 500 -5.21 -54.79 -53.15
CA GLY H 500 -4.57 -54.46 -54.41
C GLY H 500 -5.03 -53.12 -54.97
N ILE I 5 13.98 -46.51 -27.68
CA ILE I 5 12.84 -45.59 -27.67
C ILE I 5 12.30 -45.46 -26.24
N GLY I 6 12.13 -44.21 -25.80
CA GLY I 6 11.62 -43.93 -24.47
C GLY I 6 12.05 -42.57 -23.97
N TYR I 7 11.22 -41.95 -23.13
CA TYR I 7 11.53 -40.62 -22.62
C TYR I 7 12.57 -40.70 -21.51
N HIS I 8 13.15 -39.56 -21.18
CA HIS I 8 14.32 -39.51 -20.33
C HIS I 8 13.89 -39.54 -18.86
N ALA I 9 14.60 -40.36 -18.08
CA ALA I 9 14.46 -40.44 -16.64
C ALA I 9 15.84 -40.30 -16.01
N ASN I 10 15.87 -39.86 -14.75
CA ASN I 10 17.12 -39.66 -14.05
C ASN I 10 16.84 -39.55 -12.56
N ASN I 11 17.74 -40.11 -11.76
CA ASN I 11 17.61 -40.12 -10.30
C ASN I 11 18.14 -38.83 -9.67
N SER I 12 17.62 -37.68 -10.12
CA SER I 12 18.13 -36.41 -9.64
C SER I 12 17.69 -36.11 -8.22
N THR I 13 16.44 -36.43 -7.89
CA THR I 13 15.83 -36.11 -6.59
C THR I 13 15.89 -34.60 -6.33
N GLU I 14 15.57 -33.81 -7.37
CA GLU I 14 15.43 -32.37 -7.30
C GLU I 14 13.96 -32.05 -7.54
N GLN I 15 13.21 -31.82 -6.47
CA GLN I 15 11.77 -31.75 -6.53
C GLN I 15 11.31 -30.34 -6.89
N VAL I 16 10.07 -30.27 -7.39
CA VAL I 16 9.40 -29.01 -7.69
C VAL I 16 7.99 -29.09 -7.09
N ASP I 17 7.21 -28.04 -7.32
CA ASP I 17 5.86 -27.91 -6.76
C ASP I 17 4.96 -27.23 -7.78
N THR I 18 4.02 -28.00 -8.33
CA THR I 18 2.93 -27.48 -9.14
C THR I 18 1.76 -27.14 -8.23
N ILE I 19 0.61 -26.80 -8.82
CA ILE I 19 -0.57 -26.45 -8.02
C ILE I 19 -1.24 -27.72 -7.50
N MET I 20 -1.44 -28.70 -8.39
CA MET I 20 -2.13 -29.93 -8.03
C MET I 20 -1.24 -30.94 -7.32
N GLU I 21 0.08 -30.72 -7.27
CA GLU I 21 0.97 -31.58 -6.51
C GLU I 21 2.11 -30.72 -5.97
N LYS I 22 2.36 -30.82 -4.67
CA LYS I 22 3.37 -29.93 -4.04
C LYS I 22 4.74 -30.59 -4.00
N ASN I 23 4.83 -31.85 -4.36
CA ASN I 23 6.19 -32.44 -4.43
C ASN I 23 6.31 -33.30 -5.68
N VAL I 24 7.09 -32.86 -6.65
CA VAL I 24 7.21 -33.60 -7.93
C VAL I 24 8.69 -33.72 -8.26
N THR I 25 9.22 -34.94 -8.33
CA THR I 25 10.62 -35.13 -8.71
C THR I 25 10.83 -34.72 -10.16
N VAL I 26 11.96 -34.07 -10.43
CA VAL I 26 12.31 -33.57 -11.75
C VAL I 26 13.77 -33.91 -12.05
N THR I 27 14.02 -34.33 -13.28
CA THR I 27 15.37 -34.74 -13.67
C THR I 27 16.34 -33.57 -13.65
N HIS I 28 15.91 -32.40 -14.13
CA HIS I 28 16.76 -31.21 -14.28
C HIS I 28 15.95 -29.99 -13.86
N ALA I 29 16.16 -29.55 -12.62
CA ALA I 29 15.48 -28.40 -12.04
C ALA I 29 16.50 -27.33 -11.65
N GLN I 30 16.19 -26.08 -11.99
CA GLN I 30 17.05 -24.93 -11.72
C GLN I 30 16.39 -24.04 -10.68
N ASP I 31 17.07 -23.88 -9.55
CA ASP I 31 16.60 -22.97 -8.51
C ASP I 31 16.87 -21.56 -9.03
N ILE I 32 15.92 -20.65 -8.77
CA ILE I 32 15.99 -19.26 -9.21
C ILE I 32 15.83 -18.31 -8.03
N LEU I 33 16.30 -18.72 -6.85
CA LEU I 33 16.16 -17.98 -5.61
C LEU I 33 17.47 -18.01 -4.85
N GLU I 34 17.97 -16.83 -4.48
CA GLU I 34 19.23 -16.70 -3.74
C GLU I 34 18.94 -16.70 -2.25
N LYS I 35 19.33 -17.77 -1.58
CA LYS I 35 19.37 -17.85 -0.13
C LYS I 35 20.70 -17.38 0.45
N LYS I 36 21.77 -17.38 -0.33
CA LYS I 36 23.11 -17.12 0.15
C LYS I 36 23.46 -15.65 0.01
N HIS I 37 24.22 -15.15 0.99
CA HIS I 37 24.76 -13.80 0.95
C HIS I 37 26.19 -13.85 1.47
N ASN I 38 26.97 -12.82 1.14
CA ASN I 38 28.36 -12.77 1.57
C ASN I 38 28.50 -12.67 3.08
N GLY I 39 27.48 -12.17 3.79
CA GLY I 39 27.62 -11.94 5.22
C GLY I 39 28.64 -10.87 5.53
N LYS I 40 28.85 -9.92 4.61
CA LYS I 40 29.89 -8.93 4.70
C LYS I 40 29.37 -7.66 4.06
N LEU I 41 29.60 -6.53 4.72
CA LEU I 41 29.29 -5.25 4.13
C LEU I 41 30.30 -4.96 3.04
N CYS I 42 29.81 -4.58 1.86
CA CYS I 42 30.52 -4.75 0.61
C CYS I 42 30.18 -3.58 -0.31
N ASP I 43 31.09 -3.27 -1.24
CA ASP I 43 30.90 -2.13 -2.12
C ASP I 43 29.74 -2.34 -3.09
N LEU I 44 29.25 -1.23 -3.63
CA LEU I 44 28.16 -1.19 -4.62
C LEU I 44 28.72 -0.61 -5.91
N ASP I 45 29.13 -1.49 -6.81
CA ASP I 45 29.62 -1.10 -8.13
C ASP I 45 30.83 -0.16 -8.03
N GLY I 46 31.71 -0.46 -7.08
CA GLY I 46 33.00 0.19 -6.97
C GLY I 46 33.06 1.38 -6.04
N VAL I 47 31.93 1.99 -5.71
CA VAL I 47 31.90 3.16 -4.85
C VAL I 47 31.81 2.66 -3.41
N LYS I 48 32.78 3.05 -2.59
CA LYS I 48 32.79 2.60 -1.21
C LYS I 48 31.67 3.29 -0.44
N PRO I 49 30.97 2.62 0.48
CA PRO I 49 29.90 3.30 1.24
C PRO I 49 30.46 4.15 2.36
N LEU I 50 29.57 4.95 2.94
CA LEU I 50 29.86 5.74 4.14
C LEU I 50 29.47 4.88 5.34
N ILE I 51 30.45 4.16 5.88
CA ILE I 51 30.22 3.22 6.98
C ILE I 51 30.38 4.04 8.24
N LEU I 52 29.25 4.46 8.82
CA LEU I 52 29.26 5.18 10.09
C LEU I 52 29.54 4.16 11.19
N ARG I 53 30.82 4.02 11.54
CA ARG I 53 31.23 3.06 12.56
C ARG I 53 30.68 3.51 13.90
N ASP I 54 29.64 2.83 14.38
CA ASP I 54 29.02 3.06 15.68
C ASP I 54 28.42 4.47 15.84
N CYS I 55 28.22 5.21 14.74
CA CYS I 55 27.81 6.60 14.74
C CYS I 55 26.48 6.75 14.02
N SER I 56 25.81 7.86 14.30
CA SER I 56 24.49 8.19 13.77
C SER I 56 24.63 9.28 12.71
N VAL I 57 23.54 9.47 11.97
CA VAL I 57 23.50 10.52 10.96
C VAL I 57 23.60 11.89 11.61
N ALA I 58 22.93 12.07 12.76
CA ALA I 58 23.08 13.31 13.50
C ALA I 58 24.49 13.48 14.02
N GLY I 59 25.12 12.37 14.45
CA GLY I 59 26.49 12.45 14.92
C GLY I 59 27.47 12.82 13.83
N TRP I 60 27.31 12.21 12.64
CA TRP I 60 28.17 12.57 11.53
C TRP I 60 27.91 14.00 11.07
N LEU I 61 26.64 14.36 10.89
CA LEU I 61 26.32 15.67 10.33
C LEU I 61 26.68 16.78 11.31
N LEU I 62 26.26 16.66 12.56
CA LEU I 62 26.66 17.65 13.55
C LEU I 62 28.15 17.54 13.89
N GLY I 63 28.76 16.38 13.68
CA GLY I 63 30.19 16.24 13.92
C GLY I 63 30.50 15.86 15.36
N ASN I 64 29.95 14.74 15.79
CA ASN I 64 30.16 14.25 17.16
C ASN I 64 31.64 14.00 17.40
N PRO I 65 32.24 14.49 18.50
CA PRO I 65 33.68 14.25 18.68
C PRO I 65 34.04 12.81 18.93
N MET I 66 33.16 12.04 19.58
CA MET I 66 33.48 10.64 19.84
C MET I 66 33.43 9.80 18.58
N CYS I 67 32.66 10.23 17.57
CA CYS I 67 32.62 9.53 16.29
C CYS I 67 33.93 9.72 15.53
N ASP I 68 34.04 9.06 14.39
CA ASP I 68 35.18 9.25 13.51
C ASP I 68 35.22 10.70 13.01
N GLU I 69 36.43 11.13 12.61
CA GLU I 69 36.63 12.53 12.28
C GLU I 69 35.87 12.92 11.01
N PHE I 70 35.95 12.09 9.98
CA PHE I 70 35.24 12.27 8.70
C PHE I 70 35.62 13.62 8.07
N ILE I 71 36.92 13.78 7.86
CA ILE I 71 37.49 14.97 7.24
C ILE I 71 37.58 14.73 5.74
N ASN I 72 37.00 15.65 4.95
CA ASN I 72 36.95 15.54 3.49
C ASN I 72 36.28 14.22 3.07
N VAL I 73 34.99 14.15 3.39
CA VAL I 73 34.25 12.90 3.26
C VAL I 73 34.11 12.54 1.78
N PRO I 74 34.36 11.28 1.34
CA PRO I 74 34.31 10.99 -0.10
C PRO I 74 32.89 10.71 -0.58
N GLU I 75 32.74 10.38 -1.86
CA GLU I 75 31.46 9.93 -2.38
C GLU I 75 31.07 8.61 -1.73
N TRP I 76 29.77 8.34 -1.68
CA TRP I 76 29.26 7.08 -1.15
C TRP I 76 28.06 6.62 -1.97
N SER I 77 27.97 5.31 -2.14
CA SER I 77 26.80 4.71 -2.76
C SER I 77 25.64 4.57 -1.78
N TYR I 78 25.95 4.36 -0.50
CA TYR I 78 24.92 4.21 0.51
C TYR I 78 25.57 4.40 1.88
N ILE I 79 24.76 4.83 2.84
CA ILE I 79 25.19 5.04 4.22
C ILE I 79 24.78 3.82 5.02
N VAL I 80 25.64 3.41 5.97
CA VAL I 80 25.35 2.32 6.89
C VAL I 80 25.36 2.89 8.30
N GLU I 81 24.19 2.87 8.92
CA GLU I 81 23.98 3.27 10.31
C GLU I 81 23.51 2.04 11.07
N LYS I 82 24.09 1.81 12.25
CA LYS I 82 23.63 0.69 13.06
C LYS I 82 22.22 0.97 13.57
N ALA I 83 21.55 -0.10 13.99
CA ALA I 83 20.16 0.01 14.44
C ALA I 83 20.04 0.89 15.68
N ASN I 84 20.96 0.71 16.63
CA ASN I 84 21.09 1.53 17.83
C ASN I 84 22.52 2.07 17.85
N PRO I 85 22.80 3.18 17.17
CA PRO I 85 24.17 3.73 17.22
C PRO I 85 24.48 4.23 18.62
N VAL I 86 25.54 3.66 19.21
CA VAL I 86 25.89 4.01 20.59
C VAL I 86 26.34 5.46 20.67
N ASN I 87 26.94 5.96 19.60
CA ASN I 87 27.35 7.39 19.55
C ASN I 87 26.30 8.20 18.78
N ASP I 88 25.31 8.75 19.48
CA ASP I 88 24.23 9.55 18.83
C ASP I 88 23.89 10.75 19.71
N LEU I 89 24.05 11.98 19.19
CA LEU I 89 23.75 13.22 19.97
C LEU I 89 24.45 13.15 21.33
N CYS I 90 25.76 13.43 21.36
CA CYS I 90 26.53 13.28 22.59
C CYS I 90 25.90 14.07 23.72
N PHE I 91 25.84 15.38 23.58
CA PHE I 91 25.02 16.18 24.47
C PHE I 91 23.57 15.82 24.18
N PRO I 92 22.76 15.45 25.18
CA PRO I 92 21.44 14.89 24.86
C PRO I 92 20.50 15.93 24.26
N GLY I 93 19.44 15.42 23.66
CA GLY I 93 18.47 16.24 22.98
C GLY I 93 17.89 15.51 21.79
N ASP I 94 16.97 16.19 21.12
CA ASP I 94 16.36 15.71 19.90
C ASP I 94 17.09 16.29 18.69
N PHE I 95 16.70 15.82 17.52
CA PHE I 95 17.11 16.38 16.24
C PHE I 95 15.81 16.61 15.47
N ASN I 96 15.49 17.87 15.20
CA ASN I 96 14.19 18.19 14.65
C ASN I 96 14.11 17.75 13.19
N ASP I 97 13.05 16.99 12.87
CA ASP I 97 12.84 16.40 11.55
C ASP I 97 14.07 15.58 11.14
N TYR I 98 14.50 14.72 12.07
CA TYR I 98 15.66 13.86 11.83
C TYR I 98 15.41 12.92 10.66
N GLU I 99 14.22 12.33 10.63
CA GLU I 99 13.94 11.30 9.66
C GLU I 99 13.67 11.89 8.27
N GLU I 100 13.13 13.09 8.21
CA GLU I 100 13.00 13.79 6.93
C GLU I 100 14.37 14.08 6.34
N LEU I 101 15.32 14.46 7.18
CA LEU I 101 16.69 14.67 6.71
C LEU I 101 17.30 13.35 6.23
N LYS I 102 17.00 12.27 6.95
CA LYS I 102 17.52 10.96 6.54
C LYS I 102 16.90 10.51 5.22
N HIS I 103 15.63 10.84 4.99
CA HIS I 103 15.04 10.56 3.68
C HIS I 103 15.68 11.39 2.58
N LEU I 104 15.90 12.69 2.85
CA LEU I 104 16.59 13.54 1.89
C LEU I 104 18.04 13.09 1.73
N LEU I 105 18.67 12.66 2.82
CA LEU I 105 20.01 12.12 2.76
C LEU I 105 20.08 10.82 1.96
N SER I 106 18.98 10.06 1.90
CA SER I 106 18.94 8.84 1.11
C SER I 106 18.90 9.10 -0.40
N ARG I 107 18.61 10.32 -0.84
CA ARG I 107 18.56 10.67 -2.26
C ARG I 107 19.85 11.29 -2.78
N ILE I 108 20.93 11.28 -1.99
CA ILE I 108 22.20 11.92 -2.34
C ILE I 108 23.35 10.98 -2.02
N ASN I 109 24.48 11.24 -2.69
CA ASN I 109 25.66 10.39 -2.67
C ASN I 109 26.93 11.11 -2.25
N HIS I 110 26.91 12.43 -2.06
CA HIS I 110 28.13 13.16 -1.77
C HIS I 110 27.79 14.50 -1.14
N PHE I 111 28.63 14.93 -0.19
CA PHE I 111 28.60 16.26 0.39
C PHE I 111 29.94 16.94 0.15
N GLU I 112 29.92 18.27 0.26
CA GLU I 112 31.13 19.08 0.38
C GLU I 112 30.94 19.99 1.59
N LYS I 113 31.78 19.82 2.60
CA LYS I 113 31.67 20.59 3.83
C LYS I 113 32.21 22.00 3.59
N ILE I 114 31.33 22.98 3.74
CA ILE I 114 31.62 24.38 3.42
C ILE I 114 31.45 25.18 4.71
N GLN I 115 32.32 26.17 4.90
CA GLN I 115 32.44 26.88 6.16
C GLN I 115 31.52 28.10 6.15
N ILE I 116 30.38 27.99 6.82
CA ILE I 116 29.37 29.06 6.76
C ILE I 116 29.89 30.29 7.51
N ILE I 117 30.09 30.15 8.81
CA ILE I 117 30.50 31.22 9.73
C ILE I 117 31.78 30.73 10.42
N PRO I 118 32.93 31.41 10.33
CA PRO I 118 34.09 30.92 11.08
C PRO I 118 33.95 31.11 12.58
N LYS I 119 34.68 30.27 13.32
CA LYS I 119 34.81 30.45 14.76
C LYS I 119 35.52 31.76 15.09
N SER I 120 36.44 32.19 14.22
CA SER I 120 37.13 33.46 14.44
C SER I 120 36.21 34.66 14.28
N SER I 121 35.09 34.52 13.57
CA SER I 121 34.17 35.64 13.39
C SER I 121 33.43 36.02 14.67
N TRP I 122 33.39 35.15 15.67
CA TRP I 122 32.69 35.44 16.92
C TRP I 122 33.59 36.27 17.84
N SER I 123 33.77 37.53 17.44
CA SER I 123 34.51 38.47 18.27
C SER I 123 33.74 38.83 19.54
N SER I 124 32.41 38.83 19.49
CA SER I 124 31.56 39.29 20.58
C SER I 124 31.05 38.16 21.49
N HIS I 125 31.42 36.90 21.24
CA HIS I 125 30.93 35.76 21.99
C HIS I 125 32.04 34.72 22.16
N GLU I 126 31.92 33.91 23.21
CA GLU I 126 32.87 32.82 23.46
C GLU I 126 32.49 31.64 22.58
N ALA I 127 33.32 31.36 21.56
CA ALA I 127 33.14 30.20 20.71
C ALA I 127 33.85 28.96 21.24
N SER I 128 34.95 29.14 21.97
CA SER I 128 35.75 28.01 22.46
C SER I 128 35.25 27.47 23.79
N LEU I 129 34.70 28.32 24.66
CA LEU I 129 34.27 27.89 25.97
C LEU I 129 33.05 26.98 25.95
N GLY I 130 32.30 26.93 24.85
CA GLY I 130 31.11 26.12 24.79
C GLY I 130 31.39 24.64 24.64
N VAL I 131 31.90 24.03 25.70
CA VAL I 131 32.28 22.63 25.71
C VAL I 131 31.36 21.88 26.68
N SER I 132 31.48 20.56 26.69
CA SER I 132 30.69 19.72 27.56
C SER I 132 31.43 18.42 27.82
N SER I 133 31.35 17.93 29.07
CA SER I 133 31.94 16.65 29.41
C SER I 133 31.19 15.48 28.80
N ALA I 134 29.94 15.67 28.37
CA ALA I 134 29.20 14.64 27.65
C ALA I 134 29.70 14.42 26.22
N CYS I 135 30.59 15.29 25.71
CA CYS I 135 31.16 15.18 24.36
C CYS I 135 32.67 15.34 24.44
N PRO I 136 33.38 14.35 25.01
CA PRO I 136 34.83 14.52 25.21
C PRO I 136 35.59 14.13 23.96
N TYR I 137 36.44 15.05 23.46
CA TYR I 137 37.27 14.84 22.28
C TYR I 137 38.69 14.60 22.75
N GLN I 138 39.16 13.35 22.60
CA GLN I 138 40.51 12.93 22.99
C GLN I 138 40.77 13.23 24.48
N GLY I 139 39.79 12.90 25.31
CA GLY I 139 39.91 13.03 26.74
C GLY I 139 39.54 14.37 27.32
N LYS I 140 39.56 15.43 26.50
CA LYS I 140 39.21 16.78 26.93
C LYS I 140 37.76 17.06 26.56
N SER I 141 37.06 17.80 27.41
CA SER I 141 35.67 18.15 27.14
C SER I 141 35.58 19.01 25.89
N SER I 142 34.69 18.57 25.01
CA SER I 142 34.53 19.28 23.72
C SER I 142 33.05 19.34 23.38
N PHE I 143 32.74 19.26 22.11
CA PHE I 143 31.34 19.40 21.65
C PHE I 143 31.35 19.15 20.14
N PHE I 144 30.19 19.04 19.55
CA PHE I 144 30.03 18.84 18.12
C PHE I 144 30.93 19.77 17.34
N ARG I 145 31.63 19.22 16.35
CA ARG I 145 32.62 20.01 15.61
C ARG I 145 31.95 20.98 14.63
N ASN I 146 30.92 20.54 13.93
CA ASN I 146 30.34 21.34 12.86
C ASN I 146 29.41 22.45 13.36
N VAL I 147 29.14 22.54 14.67
CA VAL I 147 28.29 23.58 15.23
C VAL I 147 28.94 24.09 16.51
N VAL I 148 28.82 25.39 16.74
CA VAL I 148 29.54 26.09 17.81
C VAL I 148 28.54 26.50 18.89
N TRP I 149 28.68 25.90 20.06
CA TRP I 149 27.99 26.39 21.25
C TRP I 149 28.62 27.71 21.65
N LEU I 150 27.86 28.78 21.54
CA LEU I 150 28.31 30.12 21.91
C LEU I 150 27.96 30.39 23.35
N ILE I 151 28.83 31.12 24.05
CA ILE I 151 28.65 31.55 25.42
C ILE I 151 29.02 33.02 25.46
N LYS I 152 28.44 33.72 26.42
CA LYS I 152 28.72 35.17 26.58
C LYS I 152 30.19 35.48 26.81
N LYS I 153 30.64 36.67 26.42
CA LYS I 153 32.01 37.16 26.70
C LYS I 153 31.85 38.36 27.60
N ASN I 154 32.48 38.34 28.77
CA ASN I 154 32.33 39.43 29.73
C ASN I 154 30.85 39.63 30.03
N SER I 155 30.19 38.62 30.58
CA SER I 155 28.79 38.81 31.00
C SER I 155 28.04 39.68 29.99
N THR I 156 28.03 39.32 28.72
CA THR I 156 27.26 40.04 27.67
C THR I 156 27.10 39.16 26.44
N TYR I 157 25.88 38.76 26.10
CA TYR I 157 25.64 38.02 24.85
C TYR I 157 24.97 38.94 23.83
N PRO I 158 25.68 39.80 23.05
CA PRO I 158 24.99 40.62 22.04
C PRO I 158 24.23 39.78 21.03
N THR I 159 23.26 40.43 20.38
CA THR I 159 22.43 39.75 19.39
C THR I 159 23.27 39.34 18.19
N ILE I 160 23.02 38.13 17.70
CA ILE I 160 23.87 37.48 16.71
C ILE I 160 23.19 37.69 15.36
N LYS I 161 23.52 38.81 14.72
CA LYS I 161 22.97 39.17 13.40
C LYS I 161 23.94 38.64 12.35
N ARG I 162 23.67 37.43 11.86
CA ARG I 162 24.52 36.73 10.92
C ARG I 162 23.71 36.30 9.71
N SER I 163 24.34 36.39 8.54
CA SER I 163 23.74 35.99 7.27
C SER I 163 24.75 35.16 6.50
N TYR I 164 24.22 34.31 5.61
CA TYR I 164 25.08 33.59 4.66
C TYR I 164 24.31 33.42 3.36
N ASN I 165 24.70 34.19 2.36
CA ASN I 165 24.08 34.02 1.03
C ASN I 165 24.73 32.82 0.38
N ASN I 166 23.91 31.87 -0.02
CA ASN I 166 24.40 30.65 -0.65
C ASN I 166 24.88 31.00 -2.05
N THR I 167 26.09 31.55 -2.11
CA THR I 167 26.72 31.87 -3.38
C THR I 167 27.11 30.65 -4.20
N ASN I 168 27.14 29.45 -3.59
CA ASN I 168 27.44 28.24 -4.34
C ASN I 168 26.25 27.88 -5.22
N GLN I 169 26.54 27.29 -6.38
CA GLN I 169 25.51 26.94 -7.35
C GLN I 169 24.67 25.74 -6.93
N GLU I 170 25.06 25.01 -5.87
CA GLU I 170 24.37 23.82 -5.42
C GLU I 170 23.61 24.10 -4.13
N ASP I 171 22.67 23.22 -3.79
CA ASP I 171 21.93 23.33 -2.55
C ASP I 171 22.87 23.14 -1.37
N LEU I 172 22.39 23.51 -0.18
CA LEU I 172 23.25 23.61 0.99
C LEU I 172 22.45 23.33 2.25
N LEU I 173 22.92 22.36 3.03
CA LEU I 173 22.33 22.01 4.31
C LEU I 173 22.97 22.88 5.40
N VAL I 174 22.13 23.51 6.21
CA VAL I 174 22.57 24.46 7.24
C VAL I 174 22.03 23.98 8.58
N LEU I 175 22.94 23.60 9.48
CA LEU I 175 22.61 23.00 10.76
C LEU I 175 22.90 23.96 11.90
N TRP I 176 21.92 24.12 12.80
CA TRP I 176 22.07 24.92 14.01
C TRP I 176 21.30 24.23 15.12
N GLY I 177 21.20 24.89 16.27
CA GLY I 177 20.45 24.33 17.37
C GLY I 177 20.04 25.35 18.42
N ILE I 178 19.13 24.90 19.28
CA ILE I 178 18.65 25.61 20.46
C ILE I 178 19.05 24.82 21.69
N HIS I 179 19.67 25.50 22.65
CA HIS I 179 20.00 24.91 23.95
C HIS I 179 18.82 25.10 24.90
N HIS I 180 18.60 24.08 25.75
CA HIS I 180 17.50 24.03 26.70
C HIS I 180 18.08 23.85 28.10
N PRO I 181 18.52 24.91 28.77
CA PRO I 181 19.13 24.75 30.09
C PRO I 181 18.11 24.31 31.14
N ASN I 182 18.63 23.70 32.20
CA ASN I 182 17.77 23.10 33.21
C ASN I 182 17.14 24.14 34.14
N ASP I 183 17.74 25.31 34.28
CA ASP I 183 17.22 26.34 35.17
C ASP I 183 17.68 27.71 34.69
N ALA I 184 17.11 28.74 35.30
CA ALA I 184 17.51 30.11 34.98
C ALA I 184 18.96 30.39 35.39
N ALA I 185 19.47 29.68 36.40
CA ALA I 185 20.86 29.83 36.76
C ALA I 185 21.79 29.37 35.64
N GLU I 186 21.46 28.22 35.02
CA GLU I 186 22.24 27.76 33.88
C GLU I 186 22.05 28.66 32.67
N GLN I 187 20.86 29.26 32.53
CA GLN I 187 20.66 30.27 31.49
C GLN I 187 21.56 31.47 31.75
N THR I 188 21.51 32.02 32.96
CA THR I 188 22.30 33.22 33.28
C THR I 188 23.80 32.92 33.27
N LYS I 189 24.19 31.70 33.68
CA LYS I 189 25.60 31.36 33.71
C LYS I 189 26.21 31.35 32.32
N LEU I 190 25.44 30.95 31.31
CA LEU I 190 25.87 30.87 29.92
C LEU I 190 25.43 32.07 29.09
N TYR I 191 24.26 32.64 29.39
CA TYR I 191 23.64 33.69 28.57
C TYR I 191 23.05 34.74 29.49
N GLN I 192 23.61 35.94 29.48
CA GLN I 192 23.21 36.98 30.44
C GLN I 192 21.76 37.42 30.27
N ASN I 193 21.16 37.19 29.08
CA ASN I 193 19.77 37.58 28.84
C ASN I 193 18.83 36.47 29.35
N PRO I 194 17.84 36.75 30.25
CA PRO I 194 17.00 35.64 30.74
C PRO I 194 16.09 35.06 29.66
N THR I 195 15.32 35.92 28.97
CA THR I 195 14.39 35.50 27.92
C THR I 195 15.06 35.70 26.58
N THR I 196 15.21 34.62 25.82
CA THR I 196 16.04 34.56 24.61
C THR I 196 15.25 33.89 23.49
N TYR I 197 15.83 33.95 22.29
CA TYR I 197 15.18 33.43 21.10
C TYR I 197 16.21 33.14 20.03
N ILE I 198 15.77 32.40 19.00
CA ILE I 198 16.56 32.14 17.80
C ILE I 198 15.60 32.29 16.64
N SER I 199 15.65 33.43 15.96
CA SER I 199 14.77 33.73 14.82
C SER I 199 15.58 33.57 13.54
N VAL I 200 15.48 32.38 12.93
CA VAL I 200 16.12 32.06 11.66
C VAL I 200 15.12 32.35 10.55
N GLY I 201 15.63 32.73 9.38
CA GLY I 201 14.79 33.01 8.24
C GLY I 201 15.47 32.82 6.91
N THR I 202 14.77 32.15 5.99
CA THR I 202 15.20 31.97 4.62
C THR I 202 14.05 32.38 3.70
N SER I 203 14.16 32.07 2.41
CA SER I 203 13.04 32.31 1.50
C SER I 203 11.84 31.46 1.88
N THR I 204 12.08 30.21 2.30
CA THR I 204 11.05 29.24 2.65
C THR I 204 11.14 28.82 4.11
N LEU I 205 11.55 29.71 5.01
CA LEU I 205 11.63 29.43 6.44
C LEU I 205 11.29 30.68 7.24
N ASN I 206 10.58 30.47 8.34
CA ASN I 206 10.27 31.54 9.29
C ASN I 206 10.05 30.83 10.63
N GLN I 207 11.00 30.99 11.54
CA GLN I 207 11.07 30.10 12.70
C GLN I 207 11.78 30.79 13.86
N ARG I 208 11.02 31.11 14.89
CA ARG I 208 11.54 31.60 16.17
C ARG I 208 11.53 30.45 17.15
N LEU I 209 12.65 30.28 17.86
CA LEU I 209 12.83 29.20 18.82
C LEU I 209 13.29 29.80 20.15
N VAL I 210 12.34 30.00 21.06
CA VAL I 210 12.66 30.36 22.43
C VAL I 210 13.18 29.10 23.12
N PRO I 211 13.99 29.19 24.17
CA PRO I 211 14.38 27.97 24.88
C PRO I 211 13.20 27.41 25.68
N ARG I 212 13.44 26.28 26.32
CA ARG I 212 12.42 25.52 27.04
C ARG I 212 13.11 24.99 28.30
N ILE I 213 13.01 25.76 29.37
CA ILE I 213 13.68 25.45 30.63
C ILE I 213 12.78 24.51 31.42
N ALA I 214 13.32 23.34 31.78
CA ALA I 214 12.59 22.38 32.57
C ALA I 214 13.59 21.45 33.24
N THR I 215 13.27 21.04 34.46
CA THR I 215 14.05 19.99 35.11
C THR I 215 13.88 18.71 34.32
N ARG I 216 14.98 18.01 34.07
CA ARG I 216 14.99 16.84 33.20
C ARG I 216 15.97 15.81 33.75
N SER I 217 15.75 14.56 33.36
CA SER I 217 16.62 13.48 33.77
C SER I 217 17.97 13.58 33.07
N LYS I 218 18.99 13.06 33.73
CA LYS I 218 20.35 13.10 33.19
C LYS I 218 20.51 12.03 32.12
N VAL I 219 20.91 12.44 30.92
CA VAL I 219 21.29 11.55 29.83
C VAL I 219 22.71 11.91 29.43
N ASN I 220 23.59 10.91 29.42
CA ASN I 220 25.04 11.11 29.24
C ASN I 220 25.61 12.06 30.30
N GLY I 221 25.06 12.03 31.52
CA GLY I 221 25.52 12.87 32.60
C GLY I 221 25.08 14.32 32.53
N GLN I 222 24.39 14.74 31.48
CA GLN I 222 23.94 16.12 31.30
C GLN I 222 22.42 16.13 31.21
N SER I 223 21.79 17.05 31.95
CA SER I 223 20.35 17.12 32.04
C SER I 223 19.75 18.11 31.06
N GLY I 224 20.48 19.17 30.69
CA GLY I 224 20.00 20.06 29.65
C GLY I 224 20.00 19.38 28.30
N ARG I 225 19.13 19.86 27.41
CA ARG I 225 18.88 19.27 26.11
C ARG I 225 19.30 20.24 25.01
N MET I 226 19.25 19.75 23.77
CA MET I 226 19.80 20.49 22.64
C MET I 226 19.07 19.99 21.39
N GLU I 227 18.08 20.74 20.93
CA GLU I 227 17.32 20.39 19.73
C GLU I 227 17.98 21.03 18.52
N PHE I 228 18.40 20.21 17.57
CA PHE I 228 19.11 20.64 16.37
C PHE I 228 18.13 20.67 15.19
N PHE I 229 18.41 21.57 14.24
CA PHE I 229 17.53 21.87 13.12
C PHE I 229 18.33 21.84 11.83
N TRP I 230 17.60 21.89 10.72
CA TRP I 230 18.22 21.83 9.40
C TRP I 230 17.32 22.48 8.36
N THR I 231 17.95 23.08 7.36
CA THR I 231 17.24 23.61 6.19
C THR I 231 18.10 23.45 4.95
N ILE I 232 17.43 23.26 3.81
CA ILE I 232 18.08 23.20 2.50
C ILE I 232 18.09 24.62 1.96
N LEU I 233 19.22 25.30 2.09
CA LEU I 233 19.37 26.65 1.57
C LEU I 233 19.60 26.57 0.07
N LYS I 234 18.64 27.08 -0.70
CA LYS I 234 18.72 27.01 -2.15
C LYS I 234 19.83 27.93 -2.65
N PRO I 235 20.32 27.74 -3.89
CA PRO I 235 21.29 28.70 -4.43
C PRO I 235 20.69 30.09 -4.56
N ASN I 236 21.54 31.10 -4.34
CA ASN I 236 21.13 32.49 -4.31
C ASN I 236 20.04 32.74 -3.26
N ASP I 237 20.19 32.08 -2.11
CA ASP I 237 19.27 32.19 -0.99
C ASP I 237 20.08 32.39 0.28
N ALA I 238 19.62 33.30 1.14
CA ALA I 238 20.33 33.72 2.35
C ALA I 238 19.56 33.27 3.57
N ILE I 239 20.29 32.75 4.55
CA ILE I 239 19.75 32.31 5.84
C ILE I 239 20.22 33.30 6.90
N ASN I 240 19.26 33.88 7.62
CA ASN I 240 19.48 35.03 8.48
C ASN I 240 19.20 34.63 9.93
N PHE I 241 20.27 34.38 10.67
CA PHE I 241 20.17 34.06 12.10
C PHE I 241 20.14 35.34 12.92
N GLU I 242 19.24 35.39 13.89
CA GLU I 242 19.10 36.53 14.80
C GLU I 242 18.71 35.96 16.15
N SER I 243 19.68 35.93 17.07
CA SER I 243 19.53 35.26 18.35
C SER I 243 20.30 36.04 19.42
N ASN I 244 19.75 36.09 20.63
CA ASN I 244 20.38 36.70 21.79
C ASN I 244 20.60 35.67 22.90
N GLY I 245 20.75 34.40 22.53
CA GLY I 245 20.96 33.35 23.51
C GLY I 245 20.66 31.96 22.98
N ASN I 246 21.30 30.96 23.58
CA ASN I 246 21.06 29.55 23.30
C ASN I 246 21.39 29.15 21.87
N PHE I 247 22.22 29.93 21.16
CA PHE I 247 22.42 29.77 19.72
C PHE I 247 23.63 28.87 19.48
N ILE I 248 23.35 27.67 18.95
CA ILE I 248 24.38 26.69 18.64
C ILE I 248 24.64 26.86 17.14
N ALA I 249 25.53 27.80 16.83
CA ALA I 249 25.57 28.39 15.49
C ALA I 249 26.14 27.39 14.48
N PRO I 250 25.87 27.60 13.18
CA PRO I 250 26.55 26.77 12.17
C PRO I 250 27.98 27.24 11.95
N GLU I 251 28.93 26.34 12.14
CA GLU I 251 30.31 26.52 11.73
C GLU I 251 30.56 25.98 10.33
N TYR I 252 29.90 24.87 9.99
CA TYR I 252 30.10 24.18 8.73
C TYR I 252 28.76 23.89 8.08
N ALA I 253 28.82 23.70 6.77
CA ALA I 253 27.70 23.40 5.90
C ALA I 253 27.88 21.99 5.37
N TYR I 254 26.97 21.59 4.50
CA TYR I 254 27.08 20.30 3.82
C TYR I 254 26.45 20.49 2.43
N LYS I 255 27.29 20.85 1.46
CA LYS I 255 26.84 21.21 0.12
C LYS I 255 26.54 19.94 -0.69
N ILE I 256 25.31 19.82 -1.16
CA ILE I 256 24.89 18.64 -1.91
C ILE I 256 25.54 18.70 -3.28
N VAL I 257 26.49 17.79 -3.53
CA VAL I 257 27.30 17.83 -4.75
C VAL I 257 26.56 17.11 -5.87
N LYS I 258 26.30 15.81 -5.70
CA LYS I 258 25.56 15.01 -6.67
C LYS I 258 24.37 14.36 -5.97
N LYS I 259 23.19 14.54 -6.54
CA LYS I 259 21.97 13.87 -6.10
C LYS I 259 21.84 12.61 -6.94
N GLY I 260 21.82 11.45 -6.27
CA GLY I 260 21.69 10.16 -6.94
C GLY I 260 20.84 9.19 -6.16
N ASP I 261 21.20 7.90 -6.24
CA ASP I 261 20.48 6.83 -5.56
C ASP I 261 21.31 6.35 -4.37
N SER I 262 20.70 6.31 -3.21
CA SER I 262 21.38 5.88 -1.99
C SER I 262 20.34 5.38 -1.01
N THR I 263 20.81 4.93 0.16
CA THR I 263 19.92 4.49 1.22
C THR I 263 20.72 4.41 2.51
N ILE I 264 20.05 4.70 3.63
CA ILE I 264 20.63 4.55 4.96
C ILE I 264 20.24 3.15 5.44
N MET I 265 21.20 2.23 5.41
CA MET I 265 20.96 0.86 5.80
C MET I 265 21.03 0.71 7.31
N LYS I 266 20.11 -0.09 7.86
CA LYS I 266 20.14 -0.48 9.27
C LYS I 266 20.92 -1.79 9.40
N SER I 267 22.19 -1.73 8.99
CA SER I 267 23.08 -2.88 8.91
C SER I 267 24.16 -2.77 9.97
N GLU I 268 24.32 -3.84 10.74
CA GLU I 268 25.32 -3.92 11.80
C GLU I 268 26.65 -4.50 11.35
N LEU I 269 26.77 -4.98 10.12
CA LEU I 269 27.97 -5.67 9.70
C LEU I 269 29.11 -4.68 9.42
N GLU I 270 30.32 -5.22 9.43
CA GLU I 270 31.55 -4.49 9.14
C GLU I 270 31.99 -4.77 7.71
N TYR I 271 32.90 -3.93 7.22
CA TYR I 271 33.30 -3.94 5.82
C TYR I 271 34.05 -5.21 5.46
N GLY I 272 33.88 -5.63 4.21
CA GLY I 272 34.80 -6.56 3.59
C GLY I 272 35.29 -5.98 2.28
N ASN I 273 36.51 -6.33 1.92
CA ASN I 273 37.06 -5.87 0.65
C ASN I 273 36.31 -6.58 -0.48
N CYS I 274 35.35 -5.88 -1.06
CA CYS I 274 34.32 -6.48 -1.91
C CYS I 274 34.04 -5.61 -3.12
N ASN I 275 33.33 -6.19 -4.08
CA ASN I 275 32.62 -5.42 -5.08
C ASN I 275 31.44 -6.26 -5.53
N THR I 276 30.24 -5.69 -5.43
CA THR I 276 29.01 -6.41 -5.75
C THR I 276 28.03 -5.47 -6.42
N LYS I 277 27.25 -6.02 -7.34
CA LYS I 277 26.21 -5.23 -8.00
C LYS I 277 25.13 -4.83 -7.01
N CYS I 278 24.78 -5.73 -6.09
CA CYS I 278 23.73 -5.54 -5.11
C CYS I 278 24.29 -5.59 -3.70
N GLN I 279 23.53 -5.00 -2.79
CA GLN I 279 23.84 -4.97 -1.38
C GLN I 279 22.56 -5.28 -0.61
N THR I 280 22.73 -5.88 0.55
CA THR I 280 21.68 -6.19 1.49
C THR I 280 22.16 -5.84 2.89
N PRO I 281 21.27 -5.52 3.85
CA PRO I 281 21.77 -5.31 5.22
C PRO I 281 22.42 -6.54 5.85
N MET I 282 22.08 -7.74 5.38
CA MET I 282 22.70 -8.98 5.83
C MET I 282 23.86 -9.44 4.95
N GLY I 283 24.10 -8.80 3.81
CA GLY I 283 25.24 -9.17 2.97
C GLY I 283 25.03 -8.65 1.55
N ALA I 284 25.47 -9.46 0.58
CA ALA I 284 25.42 -9.09 -0.83
C ALA I 284 25.22 -10.34 -1.67
N ILE I 285 24.61 -10.14 -2.85
CA ILE I 285 24.29 -11.21 -3.79
C ILE I 285 25.24 -11.11 -4.97
N ASN I 286 25.69 -12.28 -5.45
CA ASN I 286 26.68 -12.40 -6.51
C ASN I 286 26.21 -13.35 -7.61
N SER I 287 24.93 -13.27 -7.98
CA SER I 287 24.43 -14.03 -9.11
C SER I 287 23.22 -13.30 -9.69
N SER I 288 22.90 -13.66 -10.94
CA SER I 288 21.90 -12.96 -11.73
C SER I 288 20.51 -13.59 -11.66
N MET I 289 20.29 -14.59 -10.81
CA MET I 289 18.98 -15.21 -10.74
C MET I 289 17.97 -14.22 -10.15
N PRO I 290 16.71 -14.25 -10.60
CA PRO I 290 15.78 -13.14 -10.33
C PRO I 290 15.43 -12.86 -8.88
N PHE I 291 15.39 -13.87 -8.01
CA PHE I 291 14.82 -13.75 -6.67
C PHE I 291 15.88 -13.93 -5.60
N HIS I 292 15.59 -13.38 -4.42
CA HIS I 292 16.33 -13.63 -3.20
C HIS I 292 15.38 -13.42 -2.04
N ASN I 293 15.71 -14.03 -0.90
CA ASN I 293 14.87 -14.02 0.29
C ASN I 293 15.69 -13.67 1.53
N ILE I 294 16.55 -12.65 1.41
CA ILE I 294 17.49 -12.28 2.45
C ILE I 294 16.90 -11.15 3.29
N HIS I 295 16.66 -9.99 2.66
CA HIS I 295 16.11 -8.85 3.36
C HIS I 295 15.62 -7.89 2.27
N PRO I 296 14.45 -7.24 2.41
CA PRO I 296 13.92 -6.52 1.25
C PRO I 296 14.64 -5.22 0.94
N LEU I 297 15.20 -4.55 1.94
CA LEU I 297 15.74 -3.20 1.75
C LEU I 297 17.15 -3.27 1.15
N THR I 298 17.19 -3.69 -0.11
CA THR I 298 18.41 -3.80 -0.89
C THR I 298 18.61 -2.56 -1.74
N ILE I 299 19.83 -2.40 -2.25
CA ILE I 299 20.18 -1.32 -3.19
C ILE I 299 21.14 -1.88 -4.22
N GLY I 300 20.98 -1.43 -5.46
CA GLY I 300 21.76 -1.87 -6.60
C GLY I 300 20.90 -2.62 -7.61
N GLU I 301 21.56 -3.05 -8.68
CA GLU I 301 20.90 -3.86 -9.71
C GLU I 301 20.76 -5.27 -9.17
N CYS I 302 19.72 -5.48 -8.37
CA CYS I 302 19.61 -6.58 -7.43
C CYS I 302 18.45 -7.50 -7.79
N PRO I 303 18.48 -8.77 -7.38
CA PRO I 303 17.27 -9.59 -7.48
C PRO I 303 16.12 -9.02 -6.67
N LYS I 304 14.91 -9.36 -7.11
CA LYS I 304 13.69 -8.81 -6.56
C LYS I 304 13.27 -9.67 -5.37
N TYR I 305 13.02 -9.04 -4.23
CA TYR I 305 12.82 -9.79 -2.99
C TYR I 305 11.48 -10.52 -3.02
N VAL I 306 11.51 -11.80 -2.66
CA VAL I 306 10.32 -12.59 -2.38
C VAL I 306 10.59 -13.40 -1.13
N LYS I 307 9.65 -13.37 -0.17
CA LYS I 307 9.85 -14.01 1.13
C LYS I 307 9.37 -15.46 1.07
N SER I 308 10.11 -16.25 0.30
CA SER I 308 9.87 -17.68 0.13
C SER I 308 11.17 -18.42 0.41
N ASN I 309 11.05 -19.56 1.10
CA ASN I 309 12.20 -20.39 1.43
C ASN I 309 12.51 -21.45 0.37
N ARG I 310 11.69 -21.60 -0.65
CA ARG I 310 11.85 -22.68 -1.63
C ARG I 310 11.13 -22.25 -2.89
N LEU I 311 11.89 -22.02 -3.97
CA LEU I 311 11.32 -21.47 -5.20
C LEU I 311 12.19 -21.95 -6.36
N VAL I 312 11.73 -23.01 -7.03
CA VAL I 312 12.51 -23.77 -7.99
C VAL I 312 11.63 -24.06 -9.21
N LEU I 313 12.21 -23.92 -10.40
CA LEU I 313 11.52 -24.24 -11.64
C LEU I 313 11.67 -25.72 -11.98
N ALA I 314 10.84 -26.16 -12.92
CA ALA I 314 10.96 -27.46 -13.57
C ALA I 314 11.48 -27.24 -14.97
N THR I 315 12.69 -27.74 -15.24
CA THR I 315 13.30 -27.75 -16.57
C THR I 315 13.48 -29.16 -17.09
N GLY I 316 12.71 -30.12 -16.59
CA GLY I 316 12.90 -31.53 -16.89
C GLY I 316 11.62 -32.30 -16.67
N LEU I 317 11.69 -33.58 -17.01
CA LEU I 317 10.50 -34.43 -17.04
C LEU I 317 10.04 -34.73 -15.62
N ARG I 318 8.94 -35.48 -15.50
CA ARG I 318 8.28 -35.74 -14.22
C ARG I 318 8.97 -36.80 -13.37
N ASN I 319 10.05 -37.42 -13.86
CA ASN I 319 10.72 -38.48 -13.10
C ASN I 319 12.19 -38.56 -13.48
N GLY I 329 0.91 -42.56 -24.15
CA GLY I 329 1.06 -42.81 -22.73
C GLY I 329 2.51 -42.98 -22.33
N ALA I 330 2.83 -42.56 -21.10
CA ALA I 330 4.20 -42.68 -20.60
C ALA I 330 4.59 -44.14 -20.46
N ILE I 331 3.86 -44.88 -19.62
CA ILE I 331 3.99 -46.33 -19.50
C ILE I 331 2.63 -46.91 -19.91
N ALA I 332 2.44 -47.11 -21.21
CA ALA I 332 1.20 -47.72 -21.71
C ALA I 332 1.51 -48.31 -23.09
N GLY I 333 1.68 -49.63 -23.14
CA GLY I 333 1.75 -50.32 -24.41
C GLY I 333 3.09 -50.27 -25.12
N PHE I 334 3.18 -49.44 -26.16
CA PHE I 334 4.32 -49.49 -27.08
C PHE I 334 5.62 -49.06 -26.41
N ILE I 335 5.60 -47.92 -25.72
CA ILE I 335 6.82 -47.41 -25.10
C ILE I 335 7.15 -48.25 -23.88
N GLU I 336 8.43 -48.58 -23.71
CA GLU I 336 8.85 -49.42 -22.60
C GLU I 336 8.64 -48.71 -21.26
N GLY I 337 8.98 -47.43 -21.19
CA GLY I 337 8.82 -46.63 -19.99
C GLY I 337 9.93 -45.60 -19.91
N GLY I 338 10.13 -45.07 -18.71
CA GLY I 338 11.19 -44.10 -18.46
C GLY I 338 12.54 -44.75 -18.37
N TRP I 339 13.06 -45.20 -19.51
CA TRP I 339 14.28 -46.00 -19.56
C TRP I 339 15.47 -45.11 -19.23
N GLN I 340 16.07 -45.31 -18.06
CA GLN I 340 17.16 -44.46 -17.60
C GLN I 340 18.43 -44.60 -18.43
N GLY I 341 18.57 -45.68 -19.21
CA GLY I 341 19.79 -45.89 -19.97
C GLY I 341 20.03 -44.84 -21.03
N MET I 342 18.97 -44.38 -21.69
CA MET I 342 19.13 -43.35 -22.72
C MET I 342 19.54 -42.02 -22.10
N VAL I 343 20.47 -41.33 -22.76
CA VAL I 343 21.07 -40.10 -22.26
C VAL I 343 20.73 -38.96 -23.22
N ASP I 344 21.13 -39.11 -24.48
CA ASP I 344 20.96 -38.03 -25.46
C ASP I 344 19.48 -37.83 -25.76
N GLY I 345 19.04 -36.58 -25.71
CA GLY I 345 17.65 -36.25 -25.98
C GLY I 345 16.74 -36.53 -24.81
N TRP I 346 15.78 -35.63 -24.57
CA TRP I 346 14.91 -35.71 -23.40
C TRP I 346 13.67 -36.58 -23.64
N TYR I 347 13.18 -36.66 -24.88
CA TYR I 347 11.89 -37.28 -25.19
C TYR I 347 12.02 -38.48 -26.11
N GLY I 348 12.77 -38.37 -27.21
CA GLY I 348 12.88 -39.43 -28.20
C GLY I 348 14.24 -39.55 -28.87
N ALA I 361 15.29 -39.01 -28.25
CA ALA I 361 16.66 -39.10 -28.78
C ALA I 361 16.77 -38.48 -30.16
N ASP I 362 15.98 -37.43 -30.40
CA ASP I 362 15.84 -36.79 -31.71
C ASP I 362 16.14 -35.30 -31.57
N LYS I 363 16.98 -34.78 -32.46
CA LYS I 363 17.42 -33.41 -32.35
C LYS I 363 16.36 -32.41 -32.80
N GLU I 364 15.33 -32.84 -33.52
CA GLU I 364 14.26 -31.92 -33.91
C GLU I 364 13.48 -31.43 -32.70
N SER I 365 13.09 -32.34 -31.83
CA SER I 365 12.27 -32.02 -30.66
C SER I 365 13.08 -31.73 -29.40
N THR I 366 14.27 -32.33 -29.27
CA THR I 366 14.98 -32.30 -28.00
C THR I 366 15.91 -31.09 -27.90
N GLN I 367 16.59 -30.74 -28.99
CA GLN I 367 17.52 -29.62 -28.95
C GLN I 367 16.80 -28.30 -28.72
N LYS I 368 15.58 -28.17 -29.24
CA LYS I 368 14.80 -26.96 -29.00
C LYS I 368 14.35 -26.87 -27.55
N ALA I 369 14.20 -28.00 -26.86
CA ALA I 369 13.75 -27.97 -25.47
C ALA I 369 14.84 -27.42 -24.55
N ILE I 370 16.09 -27.86 -24.75
CA ILE I 370 17.17 -27.36 -23.91
C ILE I 370 17.43 -25.88 -24.17
N ASP I 371 17.15 -25.40 -25.40
CA ASP I 371 17.27 -23.98 -25.68
C ASP I 371 16.29 -23.15 -24.86
N GLY I 372 15.13 -23.71 -24.53
CA GLY I 372 14.14 -23.02 -23.72
C GLY I 372 14.44 -22.95 -22.24
N VAL I 373 15.48 -23.65 -21.77
CA VAL I 373 15.83 -23.59 -20.35
C VAL I 373 16.29 -22.19 -19.98
N THR I 374 17.12 -21.57 -20.82
CA THR I 374 17.57 -20.21 -20.56
C THR I 374 16.44 -19.20 -20.73
N ASN I 375 15.41 -19.53 -21.51
CA ASN I 375 14.36 -18.55 -21.79
C ASN I 375 13.43 -18.35 -20.59
N LYS I 376 13.02 -19.44 -19.93
CA LYS I 376 12.01 -19.32 -18.88
C LYS I 376 12.58 -18.66 -17.64
N VAL I 377 13.85 -18.92 -17.31
CA VAL I 377 14.49 -18.15 -16.25
C VAL I 377 14.62 -16.69 -16.66
N ASN I 378 14.85 -16.42 -17.95
CA ASN I 378 14.88 -15.04 -18.43
C ASN I 378 13.48 -14.45 -18.50
N SER I 379 12.47 -15.28 -18.77
CA SER I 379 11.10 -14.77 -18.84
C SER I 379 10.62 -14.28 -17.48
N ILE I 380 11.00 -14.99 -16.41
CA ILE I 380 10.61 -14.55 -15.07
C ILE I 380 11.29 -13.24 -14.72
N ILE I 381 12.53 -13.04 -15.19
CA ILE I 381 13.19 -11.75 -15.02
C ILE I 381 12.41 -10.68 -15.76
N ASP I 382 12.02 -10.96 -17.00
CA ASP I 382 11.31 -9.95 -17.79
C ASP I 382 9.90 -9.72 -17.27
N LYS I 383 9.21 -10.79 -16.88
CA LYS I 383 7.82 -10.66 -16.48
C LYS I 383 7.69 -9.96 -15.13
N MET I 384 8.39 -10.47 -14.12
CA MET I 384 8.35 -9.95 -12.76
C MET I 384 9.52 -8.99 -12.51
N ASN I 385 9.69 -8.03 -13.42
CA ASN I 385 10.54 -6.86 -13.22
C ASN I 385 9.80 -5.66 -12.62
N THR I 386 8.48 -5.75 -12.50
CA THR I 386 7.63 -4.63 -12.11
C THR I 386 7.45 -4.57 -10.59
N GLN I 387 8.12 -5.44 -9.83
CA GLN I 387 7.79 -5.69 -8.44
C GLN I 387 8.04 -4.46 -7.56
N PHE I 388 7.59 -4.56 -6.31
CA PHE I 388 7.67 -3.48 -5.36
C PHE I 388 9.08 -3.41 -4.78
N GLU I 389 9.80 -2.32 -5.08
CA GLU I 389 11.10 -2.05 -4.50
C GLU I 389 10.90 -1.44 -3.12
N ALA I 390 11.21 -2.20 -2.08
CA ALA I 390 11.08 -1.69 -0.72
C ALA I 390 12.15 -0.65 -0.45
N VAL I 391 11.71 0.58 -0.15
CA VAL I 391 12.59 1.72 0.09
C VAL I 391 12.58 1.99 1.58
N GLY I 392 13.76 2.09 2.18
CA GLY I 392 13.88 2.30 3.60
C GLY I 392 13.46 3.68 4.04
N ARG I 393 12.33 3.75 4.72
CA ARG I 393 11.83 4.97 5.37
C ARG I 393 11.80 4.72 6.87
N GLU I 394 12.26 5.70 7.64
CA GLU I 394 12.33 5.64 9.09
C GLU I 394 11.45 6.72 9.69
N PHE I 395 10.87 6.43 10.86
CA PHE I 395 9.95 7.32 11.55
C PHE I 395 10.26 7.28 13.04
N ASN I 396 9.94 8.40 13.72
CA ASN I 396 10.32 8.58 15.12
C ASN I 396 9.23 8.03 16.04
N ASN I 397 9.44 8.20 17.35
CA ASN I 397 8.63 7.51 18.34
C ASN I 397 7.20 8.02 18.43
N LEU I 398 6.92 9.22 17.91
CA LEU I 398 5.57 9.78 17.86
C LEU I 398 4.89 9.57 16.49
N GLU I 399 5.51 8.82 15.58
CA GLU I 399 4.94 8.46 14.28
C GLU I 399 4.89 6.94 14.13
N ARG I 400 4.44 6.25 15.17
CA ARG I 400 4.32 4.80 15.11
C ARG I 400 3.22 4.37 14.15
N ARG I 401 2.17 5.19 14.00
CA ARG I 401 1.08 4.86 13.09
C ARG I 401 1.59 4.77 11.66
N ILE I 402 2.38 5.75 11.24
CA ILE I 402 2.88 5.78 9.87
C ILE I 402 3.92 4.68 9.69
N GLU I 403 4.72 4.41 10.72
CA GLU I 403 5.70 3.33 10.64
C GLU I 403 5.00 1.99 10.52
N ASN I 404 3.96 1.76 11.33
CA ASN I 404 3.18 0.55 11.18
C ASN I 404 2.44 0.55 9.85
N LEU I 405 2.03 1.72 9.36
CA LEU I 405 1.44 1.79 8.04
C LEU I 405 2.47 1.45 6.98
N ASN I 406 3.69 1.99 7.10
CA ASN I 406 4.75 1.66 6.15
C ASN I 406 5.12 0.19 6.22
N LYS I 407 5.22 -0.35 7.43
CA LYS I 407 5.66 -1.73 7.61
C LYS I 407 4.66 -2.70 6.99
N LYS I 408 3.37 -2.47 7.22
CA LYS I 408 2.34 -3.32 6.65
C LYS I 408 2.14 -3.05 5.16
N MET I 409 2.34 -1.81 4.72
CA MET I 409 2.36 -1.52 3.29
C MET I 409 3.53 -2.23 2.62
N GLU I 410 4.72 -2.13 3.22
CA GLU I 410 5.88 -2.83 2.66
C GLU I 410 5.68 -4.33 2.73
N ASP I 411 5.36 -4.86 3.91
CA ASP I 411 5.14 -6.30 4.04
C ASP I 411 3.96 -6.76 3.22
N GLY I 412 2.93 -5.92 3.07
CA GLY I 412 1.78 -6.31 2.28
C GLY I 412 2.10 -6.50 0.81
N PHE I 413 2.91 -5.59 0.24
CA PHE I 413 3.25 -5.73 -1.17
C PHE I 413 4.14 -6.93 -1.41
N LEU I 414 5.13 -7.12 -0.52
CA LEU I 414 6.00 -8.29 -0.61
C LEU I 414 5.23 -9.58 -0.36
N ASP I 415 4.15 -9.53 0.41
CA ASP I 415 3.21 -10.66 0.46
C ASP I 415 2.49 -10.83 -0.87
N VAL I 416 2.15 -9.73 -1.55
CA VAL I 416 1.49 -9.86 -2.85
C VAL I 416 2.47 -10.38 -3.89
N TRP I 417 3.71 -9.90 -3.88
CA TRP I 417 4.65 -10.24 -4.94
C TRP I 417 5.30 -11.60 -4.72
N THR I 418 5.41 -12.06 -3.47
CA THR I 418 5.84 -13.44 -3.25
C THR I 418 4.72 -14.41 -3.61
N TYR I 419 3.46 -14.00 -3.46
CA TYR I 419 2.36 -14.81 -3.93
C TYR I 419 2.38 -14.92 -5.46
N ASN I 420 2.64 -13.80 -6.14
CA ASN I 420 2.74 -13.84 -7.59
C ASN I 420 3.94 -14.65 -8.04
N ALA I 421 5.06 -14.56 -7.34
CA ALA I 421 6.24 -15.34 -7.70
C ALA I 421 6.00 -16.83 -7.52
N GLU I 422 5.45 -17.21 -6.35
CA GLU I 422 5.16 -18.61 -6.11
C GLU I 422 4.07 -19.13 -7.05
N LEU I 423 3.03 -18.32 -7.27
CA LEU I 423 1.96 -18.73 -8.18
C LEU I 423 2.48 -18.85 -9.61
N LEU I 424 3.32 -17.90 -10.03
CA LEU I 424 3.85 -17.94 -11.40
C LEU I 424 4.77 -19.15 -11.60
N VAL I 425 5.59 -19.48 -10.59
CA VAL I 425 6.45 -20.65 -10.70
C VAL I 425 5.61 -21.92 -10.63
N LEU I 426 4.57 -21.93 -9.80
CA LEU I 426 3.70 -23.11 -9.70
C LEU I 426 2.98 -23.37 -11.02
N MET I 427 2.51 -22.31 -11.68
CA MET I 427 1.88 -22.50 -12.99
C MET I 427 2.90 -22.91 -14.04
N GLU I 428 4.07 -22.27 -14.04
CA GLU I 428 5.08 -22.59 -15.04
C GLU I 428 5.61 -24.00 -14.85
N ASN I 429 5.70 -24.47 -13.60
CA ASN I 429 6.01 -25.88 -13.36
C ASN I 429 4.89 -26.77 -13.87
N GLU I 430 3.65 -26.36 -13.72
CA GLU I 430 2.53 -27.16 -14.23
C GLU I 430 2.54 -27.20 -15.74
N ARG I 431 2.77 -26.06 -16.39
CA ARG I 431 2.81 -26.03 -17.85
C ARG I 431 4.01 -26.79 -18.41
N THR I 432 5.18 -26.63 -17.80
CA THR I 432 6.37 -27.22 -18.40
C THR I 432 6.41 -28.73 -18.22
N LEU I 433 5.82 -29.25 -17.14
CA LEU I 433 5.61 -30.69 -17.04
C LEU I 433 4.49 -31.15 -17.96
N ASP I 434 3.47 -30.30 -18.16
CA ASP I 434 2.47 -30.57 -19.18
C ASP I 434 3.04 -30.40 -20.57
N PHE I 435 4.04 -29.54 -20.73
CA PHE I 435 4.75 -29.46 -22.01
C PHE I 435 5.46 -30.77 -22.28
N HIS I 436 6.08 -31.35 -21.27
CA HIS I 436 6.80 -32.60 -21.45
C HIS I 436 5.84 -33.78 -21.56
N ASP I 437 4.74 -33.75 -20.81
CA ASP I 437 3.72 -34.78 -20.98
C ASP I 437 3.09 -34.70 -22.37
N SER I 438 2.86 -33.48 -22.87
CA SER I 438 2.18 -33.33 -24.15
C SER I 438 3.07 -33.76 -25.31
N ASN I 439 4.31 -33.29 -25.36
CA ASN I 439 5.14 -33.54 -26.53
C ASN I 439 5.61 -34.99 -26.59
N VAL I 440 5.75 -35.65 -25.45
CA VAL I 440 5.98 -37.10 -25.46
C VAL I 440 4.77 -37.82 -26.05
N LYS I 441 3.57 -37.39 -25.68
CA LYS I 441 2.37 -37.93 -26.31
C LYS I 441 2.31 -37.54 -27.79
N ASN I 442 2.84 -36.37 -28.15
CA ASN I 442 2.93 -36.00 -29.55
C ASN I 442 3.87 -36.92 -30.31
N LEU I 443 5.00 -37.27 -29.70
CA LEU I 443 5.90 -38.23 -30.33
C LEU I 443 5.27 -39.61 -30.40
N TYR I 444 4.52 -39.99 -29.36
CA TYR I 444 3.79 -41.25 -29.41
C TYR I 444 2.71 -41.21 -30.48
N ASP I 445 2.03 -40.06 -30.62
CA ASP I 445 1.07 -39.91 -31.70
C ASP I 445 1.76 -39.89 -33.06
N LYS I 446 2.92 -39.25 -33.16
CA LYS I 446 3.69 -39.30 -34.40
C LYS I 446 4.20 -40.72 -34.66
N VAL I 447 4.61 -41.42 -33.61
CA VAL I 447 5.01 -42.81 -33.76
C VAL I 447 3.80 -43.68 -34.14
N ARG I 448 2.68 -43.51 -33.43
CA ARG I 448 1.52 -44.38 -33.64
C ARG I 448 0.89 -44.16 -35.00
N LEU I 449 0.83 -42.91 -35.46
CA LEU I 449 0.23 -42.63 -36.76
C LEU I 449 1.09 -43.19 -37.89
N GLN I 450 2.41 -43.17 -37.73
CA GLN I 450 3.29 -43.65 -38.80
C GLN I 450 3.20 -45.16 -38.98
N LEU I 451 3.25 -45.93 -37.88
CA LEU I 451 3.17 -47.39 -37.99
C LEU I 451 1.84 -47.85 -38.55
N ARG I 452 0.73 -47.26 -38.08
CA ARG I 452 -0.61 -47.67 -38.48
C ARG I 452 -0.89 -49.12 -38.12
N ASP I 453 -0.32 -49.59 -37.01
CA ASP I 453 -0.42 -50.99 -36.62
C ASP I 453 -0.19 -51.09 -35.12
N ASN I 454 -0.96 -51.98 -34.48
CA ASN I 454 -0.80 -52.29 -33.06
C ASN I 454 0.28 -53.32 -32.79
N ALA I 455 0.93 -53.87 -33.83
CA ALA I 455 2.05 -54.77 -33.61
C ALA I 455 3.21 -54.02 -32.97
N LYS I 456 3.76 -54.58 -31.90
CA LYS I 456 4.86 -53.91 -31.21
C LYS I 456 6.13 -53.91 -32.05
N GLU I 457 6.34 -54.95 -32.86
CA GLU I 457 7.48 -55.05 -33.76
C GLU I 457 8.81 -55.04 -33.00
N HIS I 467 16.42 -55.90 -30.88
CA HIS I 467 17.63 -56.65 -30.64
C HIS I 467 18.34 -57.00 -31.95
N LYS I 468 17.70 -57.89 -32.73
CA LYS I 468 18.30 -58.39 -33.96
C LYS I 468 18.02 -57.50 -35.16
N CYS I 469 16.85 -56.86 -35.22
CA CYS I 469 16.44 -56.02 -36.35
C CYS I 469 16.77 -54.54 -36.12
N ASP I 470 17.86 -54.26 -35.39
CA ASP I 470 18.27 -52.89 -35.14
C ASP I 470 18.62 -52.18 -36.44
N ASN I 471 18.15 -50.95 -36.58
CA ASN I 471 18.27 -50.11 -37.78
C ASN I 471 17.56 -50.72 -39.00
N GLU I 472 16.62 -51.65 -38.79
CA GLU I 472 15.68 -52.11 -39.80
C GLU I 472 14.24 -51.90 -39.35
N CYS I 473 13.91 -52.34 -38.14
CA CYS I 473 12.65 -51.95 -37.52
C CYS I 473 12.71 -50.51 -37.01
N MET I 474 13.84 -50.14 -36.40
CA MET I 474 13.95 -48.85 -35.72
C MET I 474 14.21 -47.70 -36.70
N GLU I 475 14.89 -47.96 -37.82
CA GLU I 475 15.25 -46.89 -38.74
C GLU I 475 14.01 -46.28 -39.38
N SER I 476 13.03 -47.11 -39.74
CA SER I 476 11.81 -46.60 -40.35
C SER I 476 11.01 -45.74 -39.37
N VAL I 477 11.11 -46.01 -38.07
CA VAL I 477 10.35 -45.25 -37.08
C VAL I 477 10.89 -43.83 -36.99
N ARG I 478 12.21 -43.68 -36.88
CA ARG I 478 12.80 -42.39 -36.50
C ARG I 478 13.01 -41.45 -37.68
N ASN I 479 13.26 -41.98 -38.89
CA ASN I 479 13.38 -41.10 -40.05
C ASN I 479 12.04 -40.51 -40.49
N GLY I 480 10.92 -41.04 -40.00
CA GLY I 480 9.60 -40.56 -40.38
C GLY I 480 9.03 -41.17 -41.65
N THR I 481 9.85 -41.89 -42.42
CA THR I 481 9.43 -42.52 -43.68
C THR I 481 9.19 -44.00 -43.40
N TYR I 482 7.98 -44.31 -42.94
CA TYR I 482 7.54 -45.69 -42.67
C TYR I 482 6.73 -46.15 -43.87
N ASP I 483 7.39 -46.89 -44.77
CA ASP I 483 6.73 -47.43 -45.96
C ASP I 483 5.95 -48.68 -45.55
N TYR I 484 4.77 -48.42 -44.99
CA TYR I 484 3.86 -49.47 -44.54
C TYR I 484 3.41 -50.38 -45.69
N PRO I 485 3.15 -49.88 -46.92
CA PRO I 485 2.98 -50.82 -48.04
C PRO I 485 4.17 -51.72 -48.27
N GLN I 486 5.39 -51.22 -48.08
CA GLN I 486 6.58 -52.05 -48.26
C GLN I 486 6.77 -53.04 -47.12
N TYR I 487 6.28 -52.70 -45.91
CA TYR I 487 6.21 -53.63 -44.78
C TYR I 487 4.82 -54.27 -44.66
N SER I 488 4.13 -54.47 -45.78
CA SER I 488 2.87 -55.19 -45.79
C SER I 488 3.04 -56.68 -45.55
N GLU I 489 4.27 -57.22 -45.67
CA GLU I 489 4.51 -58.59 -45.25
C GLU I 489 4.24 -58.76 -43.76
N GLU I 490 4.63 -57.77 -42.96
CA GLU I 490 4.25 -57.76 -41.56
C GLU I 490 2.74 -57.65 -41.40
N ALA I 491 2.09 -56.87 -42.28
CA ALA I 491 0.63 -56.81 -42.28
C ALA I 491 0.04 -58.15 -42.71
N ARG I 492 0.68 -58.82 -43.66
CA ARG I 492 0.27 -60.18 -43.99
C ARG I 492 0.51 -61.12 -42.81
N LEU I 493 1.63 -60.94 -42.10
CA LEU I 493 1.83 -61.67 -40.86
C LEU I 493 0.84 -61.22 -39.80
N LYS I 494 0.44 -59.94 -39.82
CA LYS I 494 -0.59 -59.46 -38.91
C LYS I 494 -1.92 -60.16 -39.20
N ARG I 495 -2.36 -60.12 -40.47
CA ARG I 495 -3.62 -60.77 -40.81
C ARG I 495 -3.52 -62.28 -40.70
N GLU I 496 -2.32 -62.84 -40.82
CA GLU I 496 -2.13 -64.26 -40.53
C GLU I 496 -2.26 -64.54 -39.04
N GLU I 497 -1.61 -63.73 -38.20
CA GLU I 497 -1.51 -64.11 -36.78
C GLU I 497 -2.80 -63.84 -36.02
N ILE I 498 -3.55 -62.79 -36.36
CA ILE I 498 -4.83 -62.57 -35.69
C ILE I 498 -5.82 -63.67 -36.07
N SER I 499 -5.79 -64.12 -37.33
CA SER I 499 -6.59 -65.28 -37.71
C SER I 499 -6.06 -66.55 -37.06
N GLY I 500 -4.74 -66.65 -36.91
CA GLY I 500 -4.13 -67.81 -36.28
C GLY I 500 -2.69 -67.55 -35.87
#